data_2ID0
#
_entry.id   2ID0
#
_cell.length_a   55.760
_cell.length_b   118.430
_cell.length_c   122.380
_cell.angle_alpha   107.800
_cell.angle_beta   98.360
_cell.angle_gamma   91.400
#
_symmetry.space_group_name_H-M   'P 1'
#
loop_
_entity.id
_entity.type
_entity.pdbx_description
1 polymer 'Exoribonuclease 2'
2 non-polymer 'MANGANESE (II) ION'
3 water water
#
_entity_poly.entity_id   1
_entity_poly.type   'polypeptide(L)'
_entity_poly.pdbx_seq_one_letter_code
;(MSE)FQDNPLLAQLKQQLHSQTPRAEGVVKATEKGFGFLEVDAQKSYFIPPPQ(MSE)KKV(MSE)HGDRIIAVIHSEK
ERESAEPEELVEPFLTRFVGKVQGKNDRLAIVPDHPLLKDAIPCRAARGLNHEFKEGDWAVAE(MSE)RRHPLKGDRSFY
AELTQYITFGDDHFVPWWVTLARHNLEKEAPDGVATE(MSE)LDEGLVREDLTALDFVTIDSASTED(MSE)DDALFAKA
LPDDKLQLIVAIADPTAWIAEGSKLDKAAKIRAFTNYLPGFNIP(MSE)LPRELSDDLCSLRANEVRPVLACR(MSE)TL
SADGTIEDNIEFFAATIESKAKLVYDQVSDWLENTGDWQPESEAIAEQVRLLAQICQRRGEWRHNHALVFKDRPDYRFIL
GEKGEVLDIVAEPRRIANRIVEEA(MSE)IAANICAARVLRDKLGFGIYNVH(MSE)GFDPANADALAALLKTHGLHVDA
EEVLTLDGFCKLRRELDAQPTGFLDSRIRRFQSFAEISTEPGPHFGLGLEAYATWTSPIRKYGD(MSE)INHRLLKAVIK
GETATRPQDEITVQ(MSE)AERRRLNR(MSE)AERDVGDWLYARFLKDKAGTDTRFAAEIVDISRGG(MSE)RVRLVDNG
AIAFIPAPFLHAVRDELVCSQENGTVQIKGETVYKVTDVIDVTIAEVR(MSE)ETRSIIARPVA
;
_entity_poly.pdbx_strand_id   A,B,C,D
#
# COMPACT_ATOMS: atom_id res chain seq x y z
N ASN A 5 25.93 21.20 -56.71
CA ASN A 5 27.33 20.81 -57.04
C ASN A 5 28.17 20.19 -55.90
N PRO A 6 29.47 19.94 -56.18
CA PRO A 6 30.60 19.99 -55.23
C PRO A 6 30.37 21.03 -54.13
N LEU A 7 30.16 22.26 -54.54
CA LEU A 7 30.01 23.39 -53.64
C LEU A 7 28.83 23.17 -52.67
N LEU A 8 27.63 23.15 -53.21
CA LEU A 8 26.41 22.80 -52.46
C LEU A 8 26.54 21.56 -51.59
N ALA A 9 27.19 20.54 -52.13
CA ALA A 9 27.38 19.28 -51.43
C ALA A 9 28.20 19.52 -50.17
N GLN A 10 29.36 20.15 -50.32
CA GLN A 10 30.28 20.40 -49.24
C GLN A 10 29.65 21.20 -48.09
N LEU A 11 28.93 22.27 -48.43
CA LEU A 11 28.15 23.07 -47.47
C LEU A 11 27.18 22.23 -46.68
N LYS A 12 26.42 21.39 -47.37
CA LYS A 12 25.39 20.56 -46.76
C LYS A 12 25.96 19.55 -45.80
N GLN A 13 27.11 18.98 -46.20
CA GLN A 13 27.86 18.10 -45.33
C GLN A 13 28.28 18.81 -44.05
N GLN A 14 28.79 20.04 -44.13
CA GLN A 14 29.23 20.73 -42.91
C GLN A 14 28.04 21.05 -42.02
N LEU A 15 26.98 21.59 -42.62
CA LEU A 15 25.72 21.83 -41.89
C LEU A 15 25.23 20.55 -41.23
N HIS A 16 25.46 19.44 -41.91
CA HIS A 16 25.11 18.16 -41.34
C HIS A 16 25.98 17.70 -40.16
N SER A 17 27.29 17.88 -40.24
CA SER A 17 28.15 17.49 -39.11
C SER A 17 28.00 18.35 -37.86
N GLN A 18 27.68 19.63 -38.01
CA GLN A 18 27.66 20.55 -36.88
C GLN A 18 26.35 20.54 -36.12
N THR A 19 25.37 19.82 -36.63
CA THR A 19 24.06 19.81 -36.00
C THR A 19 24.01 19.06 -34.61
N PRO A 20 23.18 19.57 -33.65
CA PRO A 20 23.15 19.05 -32.29
C PRO A 20 22.82 17.57 -32.15
N ARG A 21 23.79 16.82 -31.62
CA ARG A 21 23.56 15.40 -31.34
C ARG A 21 23.87 15.13 -29.88
N ALA A 22 23.30 14.06 -29.37
CA ALA A 22 23.68 13.53 -28.07
C ALA A 22 23.89 11.99 -28.22
N GLU A 23 24.77 11.41 -27.41
CA GLU A 23 24.92 9.95 -27.33
C GLU A 23 24.33 9.42 -26.03
N GLY A 24 23.56 8.34 -26.11
CA GLY A 24 22.90 7.75 -24.93
C GLY A 24 22.38 6.33 -25.14
N VAL A 25 21.61 5.84 -24.16
CA VAL A 25 20.98 4.51 -24.17
C VAL A 25 19.46 4.64 -24.25
N VAL A 26 18.84 3.83 -25.09
CA VAL A 26 17.42 3.85 -25.23
C VAL A 26 16.77 3.11 -24.08
N LYS A 27 15.85 3.80 -23.43
CA LYS A 27 15.08 3.30 -22.30
C LYS A 27 13.59 3.32 -22.68
N ALA A 28 13.13 2.24 -23.30
CA ALA A 28 11.70 2.06 -23.65
C ALA A 28 10.96 1.48 -22.49
N THR A 29 9.65 1.79 -22.39
CA THR A 29 8.70 0.95 -21.59
C THR A 29 7.43 0.59 -22.39
N GLU A 30 6.43 0.09 -21.65
CA GLU A 30 5.18 -0.40 -22.24
C GLU A 30 4.35 0.71 -22.92
N LYS A 31 4.95 1.90 -23.06
CA LYS A 31 4.40 3.01 -23.83
C LYS A 31 4.94 2.99 -25.26
N GLY A 32 4.62 4.00 -26.06
CA GLY A 32 5.15 4.12 -27.44
C GLY A 32 6.40 4.99 -27.61
N PHE A 33 6.43 6.14 -26.95
CA PHE A 33 7.60 7.02 -26.89
C PHE A 33 8.58 6.53 -25.80
N GLY A 34 9.88 6.72 -26.04
CA GLY A 34 10.90 6.33 -25.07
C GLY A 34 11.75 7.52 -24.72
N PHE A 35 12.98 7.26 -24.24
CA PHE A 35 13.93 8.29 -23.81
C PHE A 35 15.34 7.86 -24.12
N LEU A 36 16.17 8.85 -24.46
CA LEU A 36 17.61 8.66 -24.55
C LEU A 36 18.26 9.09 -23.24
N GLU A 37 18.66 8.11 -22.42
CA GLU A 37 19.35 8.44 -21.17
C GLU A 37 20.77 8.80 -21.50
N VAL A 38 20.98 10.09 -21.48
CA VAL A 38 22.27 10.67 -21.77
C VAL A 38 23.13 10.49 -20.53
N ASP A 39 22.62 10.92 -19.37
CA ASP A 39 23.39 10.87 -18.13
C ASP A 39 22.55 11.17 -16.86
N ALA A 40 23.19 11.90 -15.92
CA ALA A 40 22.67 12.18 -14.57
C ALA A 40 21.20 12.55 -14.59
N GLN A 41 20.87 13.68 -15.24
CA GLN A 41 19.48 14.07 -15.51
C GLN A 41 19.13 14.22 -17.01
N LYS A 42 20.12 14.40 -17.89
CA LYS A 42 19.82 14.48 -19.33
C LYS A 42 19.19 13.20 -19.85
N SER A 43 17.92 13.33 -20.19
CA SER A 43 17.18 12.30 -20.85
C SER A 43 16.39 13.06 -21.90
N TYR A 44 16.43 12.59 -23.14
CA TYR A 44 15.66 13.18 -24.22
C TYR A 44 14.44 12.34 -24.46
N PHE A 45 13.40 12.93 -25.03
CA PHE A 45 12.21 12.12 -25.31
C PHE A 45 12.28 11.60 -26.75
N ILE A 46 12.05 10.30 -26.91
CA ILE A 46 12.08 9.71 -28.23
C ILE A 46 10.66 9.38 -28.60
N PRO A 47 10.19 9.96 -29.71
CA PRO A 47 8.79 9.88 -30.12
C PRO A 47 8.50 8.51 -30.69
N PRO A 48 7.23 8.08 -30.62
CA PRO A 48 6.84 6.75 -31.12
C PRO A 48 7.47 6.38 -32.47
N PRO A 49 7.33 7.25 -33.50
CA PRO A 49 7.75 6.72 -34.80
C PRO A 49 9.25 6.41 -34.79
N GLN A 50 9.99 7.17 -33.96
CA GLN A 50 11.44 7.06 -33.84
C GLN A 50 11.81 5.87 -32.98
N LYS A 52 10.69 2.96 -33.22
CA LYS A 52 10.72 1.84 -34.13
C LYS A 52 12.07 1.68 -34.85
N LYS A 53 12.96 2.63 -34.67
CA LYS A 53 14.28 2.56 -35.30
C LYS A 53 15.29 1.82 -34.41
N VAL A 54 14.92 1.62 -33.14
CA VAL A 54 15.88 1.22 -32.13
C VAL A 54 15.27 0.24 -31.16
N HIS A 56 15.24 -1.05 -26.94
CA HIS A 56 15.55 -0.81 -25.54
C HIS A 56 16.94 -1.39 -25.25
N GLY A 57 17.84 -0.60 -24.69
CA GLY A 57 19.17 -1.08 -24.41
C GLY A 57 20.22 -0.71 -25.43
N ASP A 58 19.79 -0.37 -26.66
CA ASP A 58 20.71 0.18 -27.66
C ASP A 58 21.40 1.46 -27.21
N ARG A 59 22.70 1.53 -27.51
CA ARG A 59 23.45 2.75 -27.35
C ARG A 59 23.60 3.37 -28.72
N ILE A 60 23.15 4.62 -28.82
CA ILE A 60 22.97 5.30 -30.10
C ILE A 60 23.46 6.73 -30.00
N ILE A 61 23.80 7.32 -31.16
CA ILE A 61 23.91 8.77 -31.30
C ILE A 61 22.61 9.27 -31.97
N ALA A 62 22.04 10.36 -31.46
CA ALA A 62 20.82 10.91 -32.03
C ALA A 62 20.96 12.38 -32.41
N VAL A 63 20.39 12.77 -33.55
CA VAL A 63 20.22 14.18 -33.88
C VAL A 63 19.18 14.87 -32.94
N ILE A 64 19.54 16.02 -32.36
CA ILE A 64 18.60 16.73 -31.43
C ILE A 64 17.78 17.79 -32.15
N HIS A 65 16.46 17.58 -32.13
CA HIS A 65 15.56 18.41 -32.93
C HIS A 65 15.01 19.44 -32.03
N SER A 66 15.17 20.68 -32.49
CA SER A 66 14.93 21.86 -31.70
C SER A 66 13.44 22.20 -31.69
N GLU A 67 12.92 22.40 -30.47
CA GLU A 67 11.55 22.88 -30.30
C GLU A 67 11.55 23.92 -29.18
N LYS A 68 10.50 24.76 -29.18
CA LYS A 68 10.32 25.84 -28.18
C LYS A 68 10.71 25.45 -26.74
N GLU A 69 10.17 24.34 -26.26
CA GLU A 69 10.41 23.86 -24.88
C GLU A 69 11.00 22.48 -24.92
N ARG A 70 10.11 21.48 -24.91
CA ARG A 70 10.47 20.05 -24.94
C ARG A 70 11.14 19.65 -26.26
N GLU A 71 12.40 19.26 -26.15
CA GLU A 71 13.21 18.86 -27.30
C GLU A 71 12.90 17.39 -27.66
N SER A 72 13.31 17.01 -28.87
CA SER A 72 13.17 15.64 -29.37
C SER A 72 14.53 15.07 -29.80
N ALA A 73 14.69 13.75 -29.68
CA ALA A 73 15.86 13.00 -30.22
C ALA A 73 15.49 12.08 -31.40
N GLU A 74 16.21 12.20 -32.50
CA GLU A 74 16.04 11.31 -33.64
C GLU A 74 17.24 10.39 -33.81
N PRO A 75 17.08 9.10 -33.48
CA PRO A 75 18.10 8.08 -33.67
C PRO A 75 18.84 8.23 -34.97
N GLU A 76 20.16 8.30 -34.93
CA GLU A 76 20.92 8.39 -36.15
C GLU A 76 22.00 7.31 -36.28
N GLU A 77 22.85 7.14 -35.27
CA GLU A 77 23.92 6.11 -35.32
C GLU A 77 23.84 5.08 -34.17
N LEU A 78 24.00 3.81 -34.54
CA LEU A 78 24.10 2.69 -33.60
C LEU A 78 25.56 2.61 -33.11
N VAL A 79 25.78 2.97 -31.86
CA VAL A 79 27.10 2.87 -31.23
C VAL A 79 27.28 1.40 -30.79
N GLU A 80 26.37 0.96 -29.92
CA GLU A 80 26.46 -0.34 -29.32
C GLU A 80 25.05 -0.96 -29.21
N PRO A 81 24.86 -2.09 -29.92
CA PRO A 81 23.54 -2.72 -29.98
C PRO A 81 23.33 -3.61 -28.76
N PHE A 82 22.10 -3.67 -28.28
CA PHE A 82 21.80 -4.39 -27.06
C PHE A 82 21.86 -5.88 -27.33
N LEU A 83 21.14 -6.33 -28.37
CA LEU A 83 21.14 -7.75 -28.76
C LEU A 83 22.18 -8.02 -29.81
N THR A 84 22.86 -9.15 -29.63
CA THR A 84 23.73 -9.75 -30.63
C THR A 84 23.34 -11.23 -30.61
N ARG A 85 24.01 -12.05 -29.80
CA ARG A 85 23.61 -13.46 -29.55
C ARG A 85 22.66 -13.60 -28.35
N PHE A 86 21.45 -14.13 -28.56
CA PHE A 86 20.42 -14.08 -27.54
C PHE A 86 19.51 -15.28 -27.67
N VAL A 87 18.67 -15.48 -26.67
CA VAL A 87 17.67 -16.53 -26.60
C VAL A 87 16.24 -15.96 -26.59
N GLY A 88 15.29 -16.71 -27.11
CA GLY A 88 13.91 -16.28 -27.10
C GLY A 88 13.01 -17.41 -27.56
N LYS A 89 11.70 -17.18 -27.45
CA LYS A 89 10.69 -18.19 -27.77
C LYS A 89 10.12 -17.88 -29.12
N VAL A 90 10.26 -18.79 -30.07
CA VAL A 90 9.79 -18.65 -31.46
C VAL A 90 8.25 -18.57 -31.60
N GLN A 91 7.78 -17.93 -32.68
CA GLN A 91 6.36 -17.87 -33.04
C GLN A 91 6.17 -17.72 -34.56
N GLY A 92 4.89 -17.69 -35.00
CA GLY A 92 4.56 -17.39 -36.39
C GLY A 92 4.18 -18.64 -37.14
N LYS A 93 3.93 -18.50 -38.44
CA LYS A 93 3.56 -19.64 -39.31
C LYS A 93 4.81 -20.11 -40.07
N ASN A 94 4.88 -21.42 -40.32
CA ASN A 94 5.95 -22.09 -41.09
C ASN A 94 7.05 -21.21 -41.67
N ASP A 95 6.70 -20.44 -42.71
CA ASP A 95 7.65 -19.63 -43.48
C ASP A 95 7.80 -18.18 -43.03
N ARG A 96 7.01 -17.77 -42.03
CA ARG A 96 7.16 -16.42 -41.47
C ARG A 96 7.40 -16.42 -39.97
N LEU A 97 8.57 -16.89 -39.53
CA LEU A 97 8.85 -17.00 -38.08
C LEU A 97 9.27 -15.69 -37.41
N ALA A 98 8.86 -15.53 -36.16
CA ALA A 98 9.42 -14.47 -35.32
C ALA A 98 9.94 -15.02 -33.97
N ILE A 99 10.75 -14.22 -33.28
CA ILE A 99 11.36 -14.60 -32.00
C ILE A 99 11.20 -13.45 -31.06
N VAL A 100 10.53 -13.68 -29.95
CA VAL A 100 10.50 -12.67 -28.90
C VAL A 100 11.70 -12.84 -27.98
N PRO A 101 12.60 -11.85 -27.95
CA PRO A 101 13.80 -12.02 -27.11
C PRO A 101 13.44 -12.10 -25.61
N ASP A 102 14.06 -13.05 -24.92
CA ASP A 102 13.80 -13.26 -23.52
C ASP A 102 14.35 -12.12 -22.64
N HIS A 103 13.66 -10.97 -22.59
CA HIS A 103 14.11 -9.81 -21.79
C HIS A 103 12.89 -9.01 -21.33
N PRO A 104 12.83 -8.62 -20.05
CA PRO A 104 11.63 -7.94 -19.54
C PRO A 104 11.13 -6.84 -20.48
N LEU A 105 12.10 -6.07 -21.03
CA LEU A 105 11.81 -4.81 -21.73
C LEU A 105 11.80 -4.81 -23.26
N LEU A 106 11.71 -6.01 -23.86
CA LEU A 106 11.73 -6.12 -25.32
C LEU A 106 10.56 -6.95 -25.83
N LYS A 107 9.37 -6.38 -25.77
CA LYS A 107 8.15 -7.12 -26.12
C LYS A 107 8.10 -7.52 -27.59
N ASP A 108 8.63 -6.68 -28.47
CA ASP A 108 8.45 -6.85 -29.90
C ASP A 108 9.19 -8.09 -30.45
N ALA A 109 8.52 -8.78 -31.38
CA ALA A 109 8.98 -10.02 -31.95
C ALA A 109 9.77 -9.73 -33.21
N ILE A 110 10.90 -10.39 -33.38
CA ILE A 110 11.82 -10.08 -34.45
C ILE A 110 11.69 -11.13 -35.55
N PRO A 111 11.41 -10.67 -36.80
CA PRO A 111 11.47 -11.61 -37.90
C PRO A 111 12.77 -12.43 -37.83
N CYS A 112 12.69 -13.73 -38.12
CA CYS A 112 13.86 -14.59 -38.15
C CYS A 112 13.75 -15.65 -39.24
N ARG A 113 14.65 -16.64 -39.23
CA ARG A 113 14.75 -17.65 -40.25
C ARG A 113 15.95 -18.49 -39.84
N ALA A 114 15.79 -19.82 -39.87
CA ALA A 114 16.86 -20.77 -39.53
C ALA A 114 18.11 -20.61 -40.40
N ALA A 115 19.29 -20.86 -39.80
CA ALA A 115 20.61 -20.74 -40.42
C ALA A 115 20.79 -21.65 -41.66
N ARG A 116 22.04 -21.86 -42.09
CA ARG A 116 22.37 -22.97 -43.02
C ARG A 116 22.61 -24.25 -42.21
N GLY A 117 21.94 -25.34 -42.59
CA GLY A 117 22.20 -26.61 -41.96
C GLY A 117 21.23 -26.94 -40.84
N LEU A 118 20.75 -25.91 -40.14
CA LEU A 118 19.74 -26.14 -39.10
C LEU A 118 18.45 -26.68 -39.76
N ASN A 119 17.99 -27.83 -39.28
CA ASN A 119 16.95 -28.64 -39.95
C ASN A 119 15.71 -28.83 -39.13
N HIS A 120 15.82 -28.47 -37.87
CA HIS A 120 14.74 -28.57 -36.92
C HIS A 120 13.58 -27.73 -37.45
N GLU A 121 12.37 -28.27 -37.48
CA GLU A 121 11.19 -27.46 -37.79
C GLU A 121 10.76 -26.70 -36.54
N PHE A 122 11.04 -25.40 -36.54
CA PHE A 122 10.75 -24.57 -35.40
C PHE A 122 9.27 -24.42 -35.13
N LYS A 123 8.78 -25.26 -34.20
CA LYS A 123 7.43 -25.13 -33.67
C LYS A 123 7.21 -23.75 -33.04
N GLU A 124 6.06 -23.62 -32.41
CA GLU A 124 5.63 -22.39 -31.81
C GLU A 124 5.96 -22.51 -30.33
N GLY A 125 6.47 -21.46 -29.73
CA GLY A 125 6.91 -21.53 -28.36
C GLY A 125 8.31 -22.07 -28.20
N ASP A 126 8.90 -22.55 -29.30
CA ASP A 126 10.24 -23.11 -29.20
C ASP A 126 11.25 -22.08 -28.68
N TRP A 127 12.03 -22.50 -27.70
CA TRP A 127 13.18 -21.74 -27.34
C TRP A 127 14.31 -21.96 -28.31
N ALA A 128 14.89 -20.84 -28.81
CA ALA A 128 15.99 -20.83 -29.84
C ALA A 128 17.11 -19.89 -29.45
N VAL A 129 18.33 -20.17 -29.89
CA VAL A 129 19.38 -19.17 -29.80
C VAL A 129 19.25 -18.39 -31.11
N ALA A 130 19.54 -17.09 -31.07
CA ALA A 130 19.53 -16.33 -32.29
C ALA A 130 20.66 -15.35 -32.35
N GLU A 131 21.07 -15.01 -33.57
CA GLU A 131 21.96 -13.89 -33.76
C GLU A 131 21.35 -12.76 -34.64
N ARG A 133 20.97 -9.84 -37.17
CA ARG A 133 21.55 -9.79 -38.49
C ARG A 133 21.28 -8.42 -39.15
N ARG A 134 20.12 -7.84 -38.87
CA ARG A 134 19.69 -6.56 -39.46
C ARG A 134 19.18 -5.59 -38.37
N HIS A 135 19.47 -4.30 -38.55
CA HIS A 135 19.02 -3.23 -37.64
C HIS A 135 18.73 -2.01 -38.51
N PRO A 136 17.51 -1.44 -38.42
CA PRO A 136 17.13 -0.18 -39.10
C PRO A 136 18.13 0.96 -39.00
N LEU A 137 18.75 1.13 -37.83
CA LEU A 137 19.87 2.09 -37.65
C LEU A 137 21.17 1.76 -38.41
N LYS A 138 21.34 0.51 -38.84
CA LYS A 138 22.43 0.21 -39.77
C LYS A 138 21.98 0.35 -41.26
N GLY A 139 20.94 1.12 -41.52
CA GLY A 139 20.34 1.23 -42.85
C GLY A 139 19.55 -0.01 -43.29
N ASP A 140 19.30 -0.93 -42.40
CA ASP A 140 18.51 -2.11 -42.75
C ASP A 140 17.02 -1.77 -42.75
N ARG A 141 16.22 -2.61 -43.44
CA ARG A 141 14.80 -2.33 -43.61
C ARG A 141 14.13 -2.39 -42.27
N SER A 142 14.35 -3.50 -41.58
CA SER A 142 13.88 -3.65 -40.21
C SER A 142 14.78 -4.60 -39.43
N PHE A 143 14.37 -4.92 -38.21
CA PHE A 143 15.07 -5.86 -37.34
C PHE A 143 14.95 -7.27 -37.90
N TYR A 144 16.08 -7.97 -37.99
CA TYR A 144 16.08 -9.32 -38.53
C TYR A 144 17.07 -10.15 -37.71
N ALA A 145 16.64 -11.32 -37.26
CA ALA A 145 17.52 -12.21 -36.54
C ALA A 145 17.63 -13.55 -37.25
N GLU A 146 18.72 -14.27 -36.99
CA GLU A 146 18.93 -15.63 -37.52
C GLU A 146 18.86 -16.73 -36.40
N LEU A 147 17.92 -17.66 -36.49
CA LEU A 147 17.83 -18.78 -35.52
C LEU A 147 18.98 -19.70 -35.78
N THR A 148 19.89 -19.82 -34.82
CA THR A 148 21.11 -20.59 -35.00
C THR A 148 21.11 -21.91 -34.20
N GLN A 149 20.15 -22.09 -33.27
CA GLN A 149 20.15 -23.31 -32.44
C GLN A 149 18.79 -23.59 -31.89
N TYR A 150 18.43 -24.86 -31.77
CA TYR A 150 17.18 -25.22 -31.03
C TYR A 150 17.51 -25.57 -29.56
N ILE A 151 16.83 -24.96 -28.59
CA ILE A 151 17.15 -25.24 -27.20
C ILE A 151 16.22 -26.35 -26.74
N THR A 152 14.92 -26.01 -26.69
CA THR A 152 13.89 -26.95 -26.29
C THR A 152 12.50 -26.41 -26.65
N PHE A 153 11.48 -27.17 -26.32
CA PHE A 153 10.12 -26.81 -26.64
C PHE A 153 9.52 -25.97 -25.47
N GLY A 154 8.28 -25.49 -25.66
CA GLY A 154 7.74 -24.41 -24.85
C GLY A 154 7.31 -24.79 -23.45
N ASP A 155 6.56 -25.88 -23.35
CA ASP A 155 6.06 -26.30 -22.03
C ASP A 155 7.14 -27.07 -21.21
N ASP A 156 8.37 -27.18 -21.73
CA ASP A 156 9.39 -27.97 -21.07
C ASP A 156 9.69 -27.42 -19.65
N HIS A 157 9.45 -28.23 -18.64
CA HIS A 157 9.73 -27.89 -17.25
C HIS A 157 11.23 -27.61 -17.02
N PHE A 158 12.09 -28.16 -17.88
CA PHE A 158 13.54 -27.97 -17.75
C PHE A 158 14.11 -26.78 -18.48
N VAL A 159 13.22 -26.02 -19.10
CA VAL A 159 13.50 -24.64 -19.57
C VAL A 159 14.58 -23.81 -18.77
N PRO A 160 14.43 -23.64 -17.45
CA PRO A 160 15.47 -22.97 -16.63
C PRO A 160 16.94 -23.42 -16.75
N TRP A 161 17.22 -24.73 -16.90
CA TRP A 161 18.58 -25.21 -17.03
C TRP A 161 19.03 -25.05 -18.48
N TRP A 162 18.14 -25.35 -19.43
CA TRP A 162 18.60 -25.42 -20.83
C TRP A 162 18.77 -24.01 -21.38
N VAL A 163 17.86 -23.15 -21.03
CA VAL A 163 17.91 -21.82 -21.62
C VAL A 163 19.12 -21.00 -21.12
N THR A 164 19.33 -21.11 -19.82
CA THR A 164 20.47 -20.50 -19.17
C THR A 164 21.82 -20.93 -19.74
N LEU A 165 22.02 -22.24 -19.88
CA LEU A 165 23.17 -22.80 -20.53
C LEU A 165 23.34 -22.36 -21.99
N ALA A 166 22.25 -22.36 -22.74
CA ALA A 166 22.26 -21.88 -24.12
C ALA A 166 22.55 -20.38 -24.21
N ARG A 167 21.85 -19.54 -23.43
CA ARG A 167 22.14 -18.09 -23.49
C ARG A 167 23.58 -17.72 -23.11
N HIS A 168 24.19 -18.44 -22.19
CA HIS A 168 25.60 -18.17 -21.90
C HIS A 168 26.56 -19.05 -22.69
N ASN A 169 26.05 -19.92 -23.58
CA ASN A 169 26.91 -20.73 -24.45
C ASN A 169 27.90 -21.52 -23.56
N LEU A 170 27.30 -22.10 -22.52
CA LEU A 170 27.99 -22.96 -21.58
C LEU A 170 27.73 -24.46 -21.91
N GLU A 171 28.76 -25.31 -21.70
CA GLU A 171 28.65 -26.78 -21.81
C GLU A 171 27.54 -27.33 -20.91
N LYS A 172 26.87 -28.38 -21.38
CA LYS A 172 25.88 -29.08 -20.53
C LYS A 172 26.28 -30.51 -20.14
N GLU A 173 27.46 -30.93 -20.59
CA GLU A 173 28.01 -32.24 -20.29
C GLU A 173 29.42 -32.10 -19.72
N ALA A 174 29.84 -33.13 -18.97
CA ALA A 174 31.26 -33.38 -18.64
C ALA A 174 32.06 -33.68 -19.91
N PRO A 175 33.39 -33.42 -19.88
CA PRO A 175 34.22 -33.74 -21.02
C PRO A 175 34.27 -35.26 -21.27
N ASP A 176 34.35 -35.67 -22.55
CA ASP A 176 34.61 -37.08 -22.89
C ASP A 176 35.97 -37.40 -22.34
N GLY A 177 36.06 -38.49 -21.58
CA GLY A 177 37.29 -38.82 -20.90
C GLY A 177 37.79 -40.22 -21.04
N VAL A 178 38.51 -40.49 -22.13
CA VAL A 178 39.41 -41.64 -22.15
C VAL A 178 40.40 -41.39 -21.03
N ALA A 179 40.28 -42.23 -19.98
CA ALA A 179 41.19 -42.18 -18.85
C ALA A 179 42.39 -43.10 -19.11
N THR A 180 43.49 -42.50 -19.57
CA THR A 180 44.76 -43.19 -19.74
C THR A 180 45.46 -43.39 -18.39
N GLU A 181 46.53 -44.18 -18.38
CA GLU A 181 47.27 -44.55 -17.17
C GLU A 181 47.77 -43.34 -16.34
N LEU A 183 50.80 -41.12 -14.43
CA LEU A 183 52.12 -40.67 -14.92
C LEU A 183 53.27 -40.77 -13.90
N ASP A 184 54.49 -40.51 -14.37
CA ASP A 184 55.67 -40.43 -13.50
C ASP A 184 56.60 -39.29 -13.90
N GLU A 185 57.09 -38.56 -12.90
CA GLU A 185 58.04 -37.47 -13.12
C GLU A 185 59.27 -37.68 -12.24
N GLY A 186 59.07 -37.68 -10.92
CA GLY A 186 60.13 -37.94 -9.94
C GLY A 186 59.47 -38.09 -8.59
N LEU A 187 58.29 -38.72 -8.60
CA LEU A 187 57.40 -38.82 -7.46
C LEU A 187 58.03 -39.51 -6.25
N VAL A 188 58.69 -38.74 -5.39
CA VAL A 188 59.20 -39.32 -4.14
C VAL A 188 58.07 -39.26 -3.08
N ARG A 189 56.89 -39.86 -3.57
CA ARG A 189 55.63 -39.82 -2.81
C ARG A 189 55.76 -40.66 -1.54
N GLU A 190 55.66 -39.97 -0.42
CA GLU A 190 55.96 -40.51 0.91
C GLU A 190 54.87 -41.46 1.45
N ASP A 191 54.72 -41.48 2.79
CA ASP A 191 53.88 -42.48 3.44
C ASP A 191 53.30 -41.96 4.76
N LEU A 192 52.08 -41.42 4.67
CA LEU A 192 51.36 -40.95 5.85
C LEU A 192 50.11 -41.81 6.11
N THR A 193 50.15 -43.03 5.58
CA THR A 193 49.05 -44.00 5.60
C THR A 193 48.51 -44.32 7.00
N ALA A 194 49.25 -45.14 7.74
CA ALA A 194 48.83 -45.67 9.06
C ALA A 194 48.11 -44.67 9.95
N LEU A 195 48.63 -43.44 10.03
CA LEU A 195 47.99 -42.36 10.80
C LEU A 195 46.64 -41.97 10.21
N ASP A 196 45.59 -42.21 11.00
CA ASP A 196 44.20 -42.11 10.55
C ASP A 196 43.77 -40.69 10.16
N PHE A 197 43.57 -40.50 8.84
CA PHE A 197 43.12 -39.23 8.26
C PHE A 197 41.61 -39.24 8.11
N VAL A 198 41.00 -38.05 8.14
CA VAL A 198 39.54 -37.90 8.09
C VAL A 198 39.08 -36.85 7.09
N THR A 199 37.95 -37.12 6.45
CA THR A 199 37.31 -36.17 5.55
C THR A 199 36.17 -35.50 6.30
N ILE A 200 35.99 -34.19 6.07
CA ILE A 200 34.80 -33.50 6.59
C ILE A 200 34.08 -32.79 5.45
N ASP A 201 32.97 -33.39 5.01
CA ASP A 201 32.22 -32.90 3.84
C ASP A 201 30.72 -32.93 4.10
N SER A 202 29.92 -32.68 3.06
CA SER A 202 28.45 -32.77 3.11
C SER A 202 27.96 -34.23 3.10
N ALA A 203 26.64 -34.43 3.11
CA ALA A 203 26.08 -35.80 3.16
C ALA A 203 26.16 -36.61 1.84
N SER A 204 25.95 -35.97 0.69
CA SER A 204 25.76 -36.68 -0.58
C SER A 204 26.94 -36.66 -1.57
N THR A 205 28.06 -36.06 -1.17
CA THR A 205 29.26 -36.00 -2.03
C THR A 205 29.96 -37.35 -2.15
N GLU A 206 30.16 -37.81 -3.40
CA GLU A 206 30.93 -39.03 -3.70
C GLU A 206 32.39 -38.68 -3.99
N ASP A 207 32.66 -37.38 -4.05
CA ASP A 207 34.01 -36.87 -4.13
C ASP A 207 34.31 -36.05 -2.88
N ASP A 209 37.62 -34.14 -1.83
CA ASP A 209 38.89 -33.72 -2.42
C ASP A 209 39.94 -33.33 -1.36
N ASP A 210 39.59 -33.48 -0.09
CA ASP A 210 40.43 -33.01 1.01
C ASP A 210 40.36 -33.91 2.24
N ALA A 211 41.49 -34.02 2.92
CA ALA A 211 41.58 -34.80 4.15
C ALA A 211 42.28 -33.97 5.22
N LEU A 212 42.15 -34.40 6.48
CA LEU A 212 42.68 -33.65 7.62
C LEU A 212 43.22 -34.53 8.76
N PHE A 213 44.20 -34.00 9.49
CA PHE A 213 44.86 -34.68 10.61
C PHE A 213 45.56 -33.66 11.54
N ALA A 214 45.86 -34.10 12.76
CA ALA A 214 46.66 -33.32 13.73
C ALA A 214 47.37 -34.27 14.68
N LYS A 215 48.53 -33.84 15.20
CA LYS A 215 49.39 -34.67 16.06
C LYS A 215 49.54 -34.19 17.51
N ALA A 216 49.59 -35.14 18.44
CA ALA A 216 49.96 -34.88 19.83
C ALA A 216 51.43 -34.45 19.96
N LEU A 217 51.66 -33.14 19.87
CA LEU A 217 53.00 -32.55 20.02
C LEU A 217 53.32 -32.27 21.51
N PRO A 218 54.56 -31.85 21.84
CA PRO A 218 54.90 -31.64 23.25
C PRO A 218 54.31 -30.37 23.90
N ASP A 219 54.94 -29.22 23.70
CA ASP A 219 54.62 -28.00 24.46
C ASP A 219 53.81 -26.97 23.64
N ASP A 220 52.52 -26.84 23.98
CA ASP A 220 51.60 -25.81 23.44
C ASP A 220 51.41 -25.72 21.92
N LYS A 221 52.01 -26.66 21.19
CA LYS A 221 51.97 -26.62 19.72
C LYS A 221 51.04 -27.67 19.09
N LEU A 222 50.52 -27.34 17.91
CA LEU A 222 49.68 -28.25 17.12
C LEU A 222 50.35 -28.60 15.79
N GLN A 223 49.70 -29.48 15.01
CA GLN A 223 50.25 -29.96 13.74
C GLN A 223 49.16 -30.38 12.76
N LEU A 224 48.77 -29.46 11.88
CA LEU A 224 47.71 -29.76 10.91
C LEU A 224 48.31 -30.33 9.63
N ILE A 225 47.74 -31.43 9.14
CA ILE A 225 48.11 -31.91 7.83
C ILE A 225 46.91 -31.82 6.88
N VAL A 226 46.98 -30.89 5.93
CA VAL A 226 45.98 -30.79 4.87
C VAL A 226 46.37 -31.69 3.69
N ALA A 227 45.44 -32.56 3.31
CA ALA A 227 45.70 -33.54 2.27
C ALA A 227 44.68 -33.45 1.14
N ILE A 228 45.15 -32.99 -0.01
CA ILE A 228 44.34 -32.70 -1.19
C ILE A 228 44.66 -33.64 -2.37
N ALA A 229 43.62 -34.22 -2.94
CA ALA A 229 43.66 -35.08 -4.13
C ALA A 229 44.54 -34.59 -5.28
N ASP A 230 45.18 -35.54 -5.99
CA ASP A 230 46.15 -35.31 -7.06
C ASP A 230 45.64 -35.47 -8.52
N PRO A 231 44.79 -34.53 -9.04
CA PRO A 231 44.38 -34.65 -10.46
C PRO A 231 45.51 -34.64 -11.51
N THR A 232 46.56 -33.87 -11.26
CA THR A 232 47.66 -33.69 -12.21
C THR A 232 48.62 -34.89 -12.28
N ALA A 233 48.42 -35.87 -11.40
CA ALA A 233 49.20 -37.11 -11.46
C ALA A 233 48.80 -37.96 -12.67
N TRP A 234 47.56 -37.75 -13.16
CA TRP A 234 47.03 -38.42 -14.33
C TRP A 234 46.94 -37.48 -15.55
N ILE A 235 46.46 -36.26 -15.34
CA ILE A 235 46.36 -35.36 -16.48
C ILE A 235 47.68 -34.63 -16.71
N ALA A 236 47.97 -34.39 -17.98
CA ALA A 236 49.22 -33.78 -18.39
C ALA A 236 48.91 -32.63 -19.34
N GLU A 237 49.74 -31.58 -19.30
CA GLU A 237 49.67 -30.51 -20.27
C GLU A 237 49.59 -31.05 -21.68
N GLY A 238 48.60 -30.55 -22.42
CA GLY A 238 48.39 -30.97 -23.80
C GLY A 238 47.37 -32.07 -23.91
N SER A 239 47.40 -33.02 -22.96
CA SER A 239 46.40 -34.07 -22.87
C SER A 239 45.09 -33.50 -23.32
N LYS A 240 44.28 -34.32 -23.98
CA LYS A 240 42.92 -33.91 -24.34
C LYS A 240 42.22 -33.27 -23.12
N LEU A 241 42.06 -34.05 -22.04
CA LEU A 241 41.48 -33.61 -20.78
C LEU A 241 42.15 -32.36 -20.17
N ASP A 242 43.43 -32.13 -20.48
CA ASP A 242 44.06 -30.88 -20.07
C ASP A 242 43.47 -29.73 -20.87
N LYS A 243 43.30 -29.95 -22.17
CA LYS A 243 42.86 -28.88 -23.06
C LYS A 243 41.36 -28.54 -22.92
N ALA A 244 40.54 -29.54 -22.55
CA ALA A 244 39.11 -29.31 -22.23
C ALA A 244 38.88 -28.55 -20.92
N ALA A 245 39.71 -28.81 -19.91
CA ALA A 245 39.61 -28.17 -18.61
C ALA A 245 39.98 -26.68 -18.68
N LYS A 246 40.94 -26.39 -19.55
CA LYS A 246 41.39 -25.04 -19.88
C LYS A 246 40.22 -24.23 -20.43
N ILE A 247 39.47 -24.81 -21.37
CA ILE A 247 38.27 -24.16 -21.93
C ILE A 247 37.20 -23.90 -20.86
N ARG A 248 36.84 -24.94 -20.11
CA ARG A 248 35.80 -24.87 -19.08
C ARG A 248 36.18 -24.06 -17.85
N ALA A 249 37.43 -24.16 -17.40
CA ALA A 249 38.03 -23.36 -16.29
C ALA A 249 37.53 -23.66 -14.86
N PHE A 250 36.21 -23.68 -14.70
CA PHE A 250 35.58 -24.00 -13.41
C PHE A 250 34.45 -25.03 -13.64
N THR A 251 34.25 -25.96 -12.70
CA THR A 251 32.96 -26.65 -12.62
C THR A 251 31.76 -25.65 -12.45
N ASN A 252 30.86 -25.64 -13.44
CA ASN A 252 29.60 -24.90 -13.35
C ASN A 252 28.56 -25.61 -12.45
N TYR A 253 28.22 -24.97 -11.33
CA TYR A 253 27.32 -25.51 -10.33
C TYR A 253 26.02 -24.78 -10.43
N LEU A 254 24.92 -25.51 -10.60
CA LEU A 254 23.61 -24.85 -10.70
C LEU A 254 22.67 -25.50 -9.69
N PRO A 255 21.46 -24.93 -9.45
CA PRO A 255 20.44 -25.62 -8.67
C PRO A 255 20.16 -27.05 -9.18
N GLY A 256 20.68 -28.01 -8.40
CA GLY A 256 20.57 -29.44 -8.67
C GLY A 256 21.33 -30.06 -9.84
N PHE A 257 22.26 -29.33 -10.45
CA PHE A 257 22.87 -29.80 -11.66
C PHE A 257 24.24 -29.19 -11.90
N ASN A 258 25.27 -29.99 -11.98
CA ASN A 258 26.56 -29.40 -12.25
C ASN A 258 27.19 -29.92 -13.51
N ILE A 259 28.03 -29.07 -14.12
CA ILE A 259 28.81 -29.41 -15.30
C ILE A 259 30.29 -29.45 -14.90
N PRO A 260 30.78 -30.66 -14.60
CA PRO A 260 32.14 -30.97 -14.20
C PRO A 260 33.19 -30.44 -15.18
N LEU A 262 36.04 -31.91 -15.09
CA LEU A 262 36.73 -33.17 -15.39
C LEU A 262 35.78 -34.38 -15.38
N PRO A 263 36.09 -35.44 -16.19
CA PRO A 263 35.34 -36.69 -16.23
C PRO A 263 35.09 -37.25 -14.83
N ARG A 264 33.90 -37.79 -14.60
CA ARG A 264 33.58 -38.39 -13.31
C ARG A 264 34.53 -39.54 -12.87
N GLU A 265 35.05 -40.32 -13.81
CA GLU A 265 35.94 -41.45 -13.45
C GLU A 265 37.22 -41.08 -12.69
N LEU A 266 37.62 -39.81 -12.75
CA LEU A 266 38.61 -39.25 -11.84
C LEU A 266 37.94 -38.82 -10.54
N SER A 267 37.05 -37.84 -10.68
CA SER A 267 36.30 -37.23 -9.59
C SER A 267 35.75 -38.21 -8.53
N ASP A 268 34.95 -39.18 -8.95
CA ASP A 268 34.29 -40.09 -8.04
C ASP A 268 35.25 -41.14 -7.47
N ASP A 269 36.21 -41.59 -8.27
CA ASP A 269 37.16 -42.61 -7.80
C ASP A 269 38.60 -42.13 -7.77
N LEU A 270 39.31 -42.28 -8.90
CA LEU A 270 40.78 -42.14 -8.95
C LEU A 270 41.39 -40.99 -8.16
N CYS A 271 40.71 -39.83 -8.16
CA CYS A 271 41.16 -38.67 -7.39
C CYS A 271 40.43 -38.54 -6.05
N SER A 272 39.16 -38.94 -6.01
CA SER A 272 38.38 -38.90 -4.77
C SER A 272 39.16 -39.62 -3.67
N LEU A 273 39.03 -39.09 -2.45
CA LEU A 273 39.69 -39.66 -1.27
C LEU A 273 38.64 -40.35 -0.41
N ARG A 274 38.26 -41.57 -0.79
CA ARG A 274 37.10 -42.23 -0.17
C ARG A 274 37.28 -42.65 1.31
N ALA A 275 36.86 -43.86 1.63
CA ALA A 275 37.02 -44.43 2.97
C ALA A 275 37.82 -45.70 2.82
N ASN A 276 38.92 -45.77 3.55
CA ASN A 276 39.81 -46.93 3.55
C ASN A 276 40.23 -47.35 2.12
N GLU A 277 40.48 -46.36 1.28
CA GLU A 277 41.08 -46.60 -0.03
C GLU A 277 42.43 -45.88 -0.05
N VAL A 278 43.49 -46.56 -0.49
CA VAL A 278 44.80 -45.94 -0.63
C VAL A 278 44.76 -45.00 -1.83
N ARG A 279 45.12 -43.74 -1.62
CA ARG A 279 44.99 -42.71 -2.66
C ARG A 279 46.16 -41.74 -2.69
N PRO A 280 46.72 -41.50 -3.91
CA PRO A 280 47.83 -40.57 -4.08
C PRO A 280 47.37 -39.17 -3.80
N VAL A 281 47.91 -38.58 -2.73
CA VAL A 281 47.44 -37.27 -2.29
C VAL A 281 48.61 -36.28 -2.22
N LEU A 282 48.30 -34.99 -2.48
CA LEU A 282 49.27 -33.91 -2.22
C LEU A 282 48.95 -33.22 -0.89
N ALA A 283 49.93 -33.24 0.01
CA ALA A 283 49.74 -32.81 1.40
C ALA A 283 50.50 -31.54 1.77
N CYS A 284 50.17 -31.01 2.96
CA CYS A 284 50.84 -29.83 3.47
C CYS A 284 50.96 -29.85 5.00
N ARG A 285 52.20 -29.89 5.47
CA ARG A 285 52.51 -29.89 6.90
C ARG A 285 52.62 -28.47 7.46
N THR A 287 52.62 -26.14 11.60
CA THR A 287 52.51 -26.01 13.07
C THR A 287 51.89 -24.66 13.47
N LEU A 288 51.00 -24.70 14.48
CA LEU A 288 50.44 -23.49 15.08
C LEU A 288 50.53 -23.50 16.61
N SER A 289 50.33 -22.34 17.25
CA SER A 289 50.35 -22.25 18.72
C SER A 289 49.17 -21.48 19.31
N ALA A 290 49.46 -20.62 20.30
CA ALA A 290 48.44 -19.87 21.04
C ALA A 290 47.93 -18.62 20.29
N ASP A 291 48.82 -17.99 19.51
CA ASP A 291 48.41 -16.96 18.56
C ASP A 291 48.07 -17.62 17.22
N GLY A 292 48.97 -18.49 16.76
CA GLY A 292 48.71 -19.32 15.59
C GLY A 292 49.36 -18.85 14.30
N THR A 293 50.66 -19.09 14.20
CA THR A 293 51.41 -18.77 12.98
C THR A 293 52.48 -19.84 12.68
N ILE A 294 52.68 -20.05 11.38
CA ILE A 294 53.65 -21.01 10.88
C ILE A 294 54.73 -20.27 10.10
N GLU A 295 55.99 -20.65 10.33
CA GLU A 295 57.11 -20.09 9.59
C GLU A 295 57.68 -21.11 8.59
N ASP A 296 59.00 -21.25 8.52
CA ASP A 296 59.67 -22.26 7.68
C ASP A 296 59.42 -23.70 8.16
N ASN A 297 58.19 -23.93 8.67
CA ASN A 297 57.77 -25.23 9.16
C ASN A 297 56.86 -25.96 8.16
N ILE A 298 56.76 -25.38 6.96
CA ILE A 298 55.87 -25.90 5.91
C ILE A 298 56.64 -26.48 4.70
N GLU A 299 56.26 -27.86 4.51
CA GLU A 299 56.72 -28.57 3.33
C GLU A 299 55.52 -28.98 2.49
N PHE A 300 55.66 -28.76 1.19
CA PHE A 300 54.71 -29.24 0.20
C PHE A 300 55.36 -30.41 -0.53
N PHE A 301 54.68 -31.55 -0.50
CA PHE A 301 55.29 -32.81 -0.90
C PHE A 301 54.18 -33.81 -1.28
N ALA A 302 54.38 -34.45 -2.51
CA ALA A 302 53.48 -35.53 -2.91
C ALA A 302 53.66 -36.71 -1.82
N ALA A 303 52.51 -37.47 -1.50
CA ALA A 303 52.42 -38.58 -0.47
C ALA A 303 51.33 -39.50 -0.92
N THR A 304 50.78 -40.32 0.01
CA THR A 304 49.68 -41.31 -0.29
C THR A 304 49.04 -41.73 1.03
N ILE A 305 47.71 -41.70 1.09
CA ILE A 305 47.00 -42.05 2.33
C ILE A 305 45.82 -43.02 2.17
N GLU A 306 45.38 -43.55 3.32
CA GLU A 306 44.21 -44.41 3.43
C GLU A 306 43.26 -43.84 4.48
N SER A 307 42.55 -42.78 4.09
CA SER A 307 41.49 -42.15 4.88
C SER A 307 40.69 -43.16 5.68
N LYS A 308 40.40 -42.85 6.95
CA LYS A 308 39.72 -43.81 7.83
C LYS A 308 38.41 -43.32 8.46
N ALA A 309 37.78 -42.33 7.83
CA ALA A 309 36.47 -41.85 8.26
C ALA A 309 35.90 -40.84 7.28
N LYS A 310 34.66 -41.09 6.85
CA LYS A 310 33.88 -40.16 6.01
C LYS A 310 32.91 -39.42 6.91
N LEU A 311 33.12 -38.11 7.05
CA LEU A 311 32.48 -37.35 8.13
C LEU A 311 31.61 -36.20 7.66
N VAL A 312 30.42 -36.11 8.22
CA VAL A 312 29.43 -35.15 7.76
C VAL A 312 29.39 -33.92 8.66
N TYR A 313 29.42 -32.76 8.02
CA TYR A 313 29.40 -31.45 8.69
C TYR A 313 28.49 -31.32 9.91
N ASP A 314 27.31 -31.96 9.89
CA ASP A 314 26.30 -31.74 10.93
C ASP A 314 26.47 -32.72 12.08
N GLN A 315 26.64 -34.01 11.74
CA GLN A 315 27.02 -35.03 12.71
C GLN A 315 28.24 -34.57 13.51
N VAL A 316 29.23 -34.00 12.79
CA VAL A 316 30.48 -33.57 13.41
C VAL A 316 30.24 -32.37 14.34
N SER A 317 29.48 -31.39 13.85
CA SER A 317 29.14 -30.19 14.63
C SER A 317 28.19 -30.49 15.80
N ASP A 318 27.39 -31.55 15.65
CA ASP A 318 26.51 -32.03 16.71
C ASP A 318 27.31 -32.41 17.96
N TRP A 319 28.33 -33.24 17.75
CA TRP A 319 29.18 -33.75 18.83
C TRP A 319 30.04 -32.66 19.45
N LEU A 320 30.49 -31.71 18.63
CA LEU A 320 31.31 -30.58 19.10
C LEU A 320 30.52 -29.55 19.92
N GLU A 321 29.35 -29.96 20.42
CA GLU A 321 28.58 -29.17 21.38
C GLU A 321 27.99 -30.11 22.45
N ASN A 322 27.41 -31.21 21.96
CA ASN A 322 26.57 -32.15 22.69
C ASN A 322 25.19 -32.12 22.02
N THR A 323 24.57 -33.29 21.93
CA THR A 323 23.33 -33.47 21.17
C THR A 323 22.64 -34.78 21.59
N GLY A 324 21.92 -35.38 20.65
CA GLY A 324 21.35 -36.72 20.78
C GLY A 324 21.28 -37.33 19.40
N ASP A 325 22.31 -38.11 19.06
CA ASP A 325 22.38 -38.77 17.74
C ASP A 325 23.71 -39.50 17.61
N TRP A 326 24.74 -38.77 17.23
CA TRP A 326 25.95 -39.34 16.65
C TRP A 326 27.10 -39.44 17.64
N GLN A 327 27.89 -40.50 17.48
CA GLN A 327 29.16 -40.67 18.19
C GLN A 327 30.23 -41.21 17.23
N PRO A 328 31.46 -40.66 17.30
CA PRO A 328 32.55 -41.20 16.51
C PRO A 328 32.95 -42.57 17.04
N GLU A 329 32.93 -43.59 16.17
CA GLU A 329 33.19 -44.99 16.57
C GLU A 329 34.58 -45.20 17.18
N SER A 330 35.59 -44.61 16.55
CA SER A 330 36.97 -44.78 16.98
C SER A 330 37.32 -43.87 18.14
N GLU A 331 38.46 -44.16 18.77
CA GLU A 331 39.13 -43.23 19.64
C GLU A 331 40.14 -42.46 18.80
N ALA A 332 40.38 -42.99 17.60
CA ALA A 332 41.31 -42.40 16.64
C ALA A 332 40.68 -41.17 16.01
N ILE A 333 39.46 -41.37 15.49
CA ILE A 333 38.70 -40.30 14.81
C ILE A 333 38.11 -39.29 15.81
N ALA A 334 37.63 -39.80 16.95
CA ALA A 334 37.12 -38.96 18.05
C ALA A 334 38.16 -37.92 18.53
N GLU A 335 39.33 -38.38 18.97
CA GLU A 335 40.41 -37.48 19.40
C GLU A 335 40.86 -36.58 18.26
N GLN A 336 40.82 -37.12 17.05
CA GLN A 336 41.19 -36.37 15.86
C GLN A 336 40.19 -35.26 15.52
N VAL A 337 38.96 -35.38 16.02
CA VAL A 337 37.95 -34.29 15.88
C VAL A 337 38.21 -33.15 16.88
N ARG A 338 38.51 -33.50 18.14
CA ARG A 338 38.90 -32.51 19.14
C ARG A 338 40.12 -31.74 18.69
N LEU A 339 41.04 -32.45 18.02
CA LEU A 339 42.22 -31.83 17.46
C LEU A 339 41.82 -30.68 16.55
N LEU A 340 41.10 -31.01 15.49
CA LEU A 340 40.70 -30.05 14.45
C LEU A 340 39.80 -28.89 14.93
N ALA A 341 39.07 -29.13 16.02
CA ALA A 341 38.21 -28.11 16.64
C ALA A 341 39.00 -27.01 17.32
N GLN A 342 39.95 -27.40 18.18
CA GLN A 342 40.84 -26.46 18.86
C GLN A 342 41.65 -25.67 17.81
N ILE A 343 42.19 -26.41 16.83
CA ILE A 343 42.81 -25.82 15.64
C ILE A 343 41.96 -24.70 15.02
N CYS A 344 40.69 -24.99 14.77
CA CYS A 344 39.82 -24.06 14.07
C CYS A 344 39.54 -22.80 14.89
N GLN A 345 39.10 -23.02 16.13
CA GLN A 345 38.72 -21.91 17.00
C GLN A 345 39.91 -21.04 17.44
N ARG A 346 41.13 -21.54 17.23
CA ARG A 346 42.33 -20.76 17.45
C ARG A 346 42.79 -20.04 16.18
N ARG A 347 42.59 -20.68 15.03
CA ARG A 347 43.03 -20.13 13.74
C ARG A 347 42.22 -18.89 13.27
N GLY A 348 40.96 -18.80 13.71
CA GLY A 348 40.14 -17.60 13.46
C GLY A 348 40.74 -16.33 14.06
N GLU A 349 41.43 -16.48 15.19
CA GLU A 349 42.04 -15.37 15.93
C GLU A 349 43.22 -14.67 15.20
N TRP A 350 43.93 -15.39 14.33
CA TRP A 350 45.02 -14.79 13.54
C TRP A 350 44.54 -13.88 12.42
N ARG A 351 43.39 -14.23 11.84
CA ARG A 351 42.83 -13.50 10.70
C ARG A 351 41.98 -12.30 11.13
N HIS A 352 41.44 -12.37 12.34
CA HIS A 352 40.85 -11.20 12.97
C HIS A 352 41.92 -10.17 13.41
N ASN A 353 43.13 -10.64 13.71
CA ASN A 353 44.21 -9.76 14.17
C ASN A 353 45.34 -9.49 13.17
N HIS A 354 45.30 -10.17 12.00
CA HIS A 354 46.27 -9.90 10.92
C HIS A 354 45.69 -10.01 9.50
N ALA A 355 44.36 -10.09 9.40
CA ALA A 355 43.68 -10.19 8.11
C ALA A 355 42.29 -9.56 8.16
N LEU A 356 41.31 -10.22 7.57
CA LEU A 356 39.93 -9.73 7.58
C LEU A 356 38.94 -10.88 7.79
N VAL A 357 38.27 -10.86 8.95
CA VAL A 357 37.31 -11.91 9.33
C VAL A 357 36.10 -11.97 8.39
N PHE A 358 35.75 -13.19 8.01
CA PHE A 358 34.71 -13.41 7.01
C PHE A 358 33.31 -13.44 7.60
N LYS A 359 32.37 -12.99 6.78
CA LYS A 359 30.96 -13.10 7.04
C LYS A 359 30.44 -13.32 5.65
N ASP A 360 30.44 -14.59 5.24
CA ASP A 360 30.09 -14.97 3.86
C ASP A 360 28.61 -15.29 3.77
N ARG A 361 27.83 -14.29 3.36
CA ARG A 361 26.37 -14.38 3.12
C ARG A 361 25.84 -15.82 2.91
N PRO A 362 24.76 -16.20 3.64
CA PRO A 362 24.40 -17.62 3.85
C PRO A 362 23.93 -18.32 2.57
N ASP A 363 24.79 -19.14 1.99
CA ASP A 363 24.41 -19.86 0.79
C ASP A 363 23.00 -20.44 0.97
N TYR A 364 22.14 -20.17 -0.01
CA TYR A 364 20.81 -20.75 -0.07
C TYR A 364 20.87 -22.01 -0.92
N ARG A 365 20.13 -23.04 -0.53
CA ARG A 365 20.08 -24.26 -1.34
C ARG A 365 18.63 -24.58 -1.76
N PHE A 366 18.46 -24.88 -3.04
CA PHE A 366 17.19 -25.34 -3.60
C PHE A 366 17.07 -26.85 -3.36
N ILE A 367 15.89 -27.29 -2.91
CA ILE A 367 15.65 -28.70 -2.68
C ILE A 367 14.60 -29.11 -3.68
N LEU A 368 15.01 -29.87 -4.67
CA LEU A 368 14.15 -30.16 -5.83
C LEU A 368 13.77 -31.63 -5.88
N GLY A 369 12.57 -31.89 -6.40
CA GLY A 369 12.12 -33.26 -6.67
C GLY A 369 12.78 -33.78 -7.93
N GLU A 370 12.73 -35.09 -8.13
CA GLU A 370 13.37 -35.75 -9.28
C GLU A 370 12.82 -35.26 -10.66
N LYS A 371 11.77 -34.44 -10.59
CA LYS A 371 11.06 -33.88 -11.74
C LYS A 371 11.36 -32.37 -11.87
N GLY A 372 12.13 -31.85 -10.92
CA GLY A 372 12.57 -30.47 -11.00
C GLY A 372 11.79 -29.47 -10.17
N GLU A 373 10.62 -29.86 -9.61
CA GLU A 373 9.87 -28.97 -8.70
C GLU A 373 10.66 -28.60 -7.46
N VAL A 374 10.52 -27.33 -7.07
CA VAL A 374 11.10 -26.80 -5.89
C VAL A 374 10.20 -27.19 -4.69
N LEU A 375 10.80 -27.91 -3.72
CA LEU A 375 10.06 -28.31 -2.56
C LEU A 375 10.30 -27.28 -1.47
N ASP A 376 11.52 -26.81 -1.42
CA ASP A 376 11.90 -25.89 -0.39
C ASP A 376 13.12 -25.15 -0.87
N ILE A 377 13.46 -24.11 -0.10
CA ILE A 377 14.65 -23.28 -0.26
C ILE A 377 15.21 -22.88 1.10
N VAL A 378 16.00 -23.78 1.67
CA VAL A 378 16.67 -23.59 2.93
C VAL A 378 18.00 -22.83 2.76
N ALA A 379 18.51 -22.29 3.88
CA ALA A 379 19.72 -21.49 3.87
C ALA A 379 20.72 -22.32 4.61
N GLU A 380 21.89 -22.50 3.99
CA GLU A 380 22.92 -23.41 4.49
C GLU A 380 23.58 -22.79 5.71
N PRO A 381 23.54 -23.50 6.86
CA PRO A 381 24.09 -22.99 8.13
C PRO A 381 25.61 -23.02 8.13
N ARG A 382 26.23 -22.17 8.95
CA ARG A 382 27.68 -22.18 9.09
C ARG A 382 27.98 -22.48 10.56
N ARG A 383 28.02 -23.77 10.87
CA ARG A 383 28.21 -24.22 12.22
C ARG A 383 29.72 -24.32 12.43
N ILE A 384 30.14 -25.19 13.35
CA ILE A 384 31.56 -25.29 13.68
C ILE A 384 32.39 -26.11 12.69
N ALA A 385 31.92 -27.30 12.32
CA ALA A 385 32.63 -28.19 11.39
C ALA A 385 32.90 -27.54 10.01
N ASN A 386 31.95 -26.73 9.56
CA ASN A 386 32.15 -25.91 8.38
C ASN A 386 33.31 -24.97 8.59
N ARG A 387 33.31 -24.27 9.73
CA ARG A 387 34.39 -23.34 10.10
C ARG A 387 35.70 -24.08 10.37
N ILE A 388 35.64 -25.40 10.57
CA ILE A 388 36.84 -26.23 10.75
C ILE A 388 37.55 -26.44 9.41
N VAL A 389 36.79 -26.90 8.42
CA VAL A 389 37.29 -27.13 7.07
C VAL A 389 37.58 -25.80 6.39
N GLU A 390 36.77 -24.79 6.69
CA GLU A 390 37.01 -23.45 6.18
C GLU A 390 38.38 -23.02 6.66
N GLU A 391 38.53 -22.92 7.98
CA GLU A 391 39.80 -22.55 8.60
C GLU A 391 40.98 -23.24 7.95
N ALA A 392 41.00 -24.57 8.04
CA ALA A 392 42.07 -25.42 7.49
C ALA A 392 42.36 -25.05 6.05
N ILE A 394 41.57 -22.33 4.38
CA ILE A 394 42.07 -20.96 4.34
C ILE A 394 43.58 -20.92 4.63
N ALA A 395 43.96 -21.51 5.78
CA ALA A 395 45.34 -21.59 6.23
C ALA A 395 46.24 -22.30 5.22
N ALA A 396 45.71 -23.39 4.65
CA ALA A 396 46.45 -24.27 3.74
C ALA A 396 46.61 -23.73 2.33
N ASN A 397 45.68 -22.87 1.92
CA ASN A 397 45.81 -22.14 0.66
C ASN A 397 46.81 -21.00 0.80
N ILE A 398 46.86 -20.42 2.00
CA ILE A 398 47.85 -19.41 2.37
C ILE A 398 49.28 -19.91 2.15
N CYS A 399 49.60 -21.08 2.70
CA CYS A 399 50.98 -21.62 2.67
C CYS A 399 51.58 -21.68 1.27
N ALA A 400 50.76 -22.06 0.29
CA ALA A 400 51.15 -22.11 -1.12
C ALA A 400 51.57 -20.75 -1.67
N ALA A 401 50.76 -19.73 -1.40
CA ALA A 401 51.01 -18.36 -1.87
C ALA A 401 52.42 -17.86 -1.59
N ARG A 402 52.92 -18.13 -0.39
CA ARG A 402 54.26 -17.73 0.01
C ARG A 402 55.26 -18.53 -0.81
N VAL A 403 55.26 -19.85 -0.60
CA VAL A 403 56.14 -20.78 -1.30
C VAL A 403 56.31 -20.40 -2.79
N LEU A 404 55.21 -20.42 -3.54
CA LEU A 404 55.28 -20.14 -4.99
C LEU A 404 55.70 -18.70 -5.31
N ARG A 405 55.59 -17.80 -4.33
CA ARG A 405 56.12 -16.44 -4.43
C ARG A 405 57.67 -16.47 -4.44
N ASP A 406 58.24 -17.30 -3.58
CA ASP A 406 59.70 -17.31 -3.36
C ASP A 406 60.49 -17.99 -4.46
N LYS A 407 59.91 -19.06 -5.00
CA LYS A 407 60.59 -19.90 -5.99
C LYS A 407 60.54 -19.28 -7.39
N LEU A 408 59.35 -18.82 -7.77
CA LEU A 408 59.10 -18.44 -9.16
C LEU A 408 58.71 -16.97 -9.37
N GLY A 409 57.76 -16.50 -8.57
CA GLY A 409 57.07 -15.26 -8.88
C GLY A 409 56.07 -15.56 -9.98
N PHE A 410 55.78 -16.86 -10.14
CA PHE A 410 54.66 -17.35 -10.94
C PHE A 410 53.67 -17.99 -9.98
N GLY A 411 52.39 -17.91 -10.36
CA GLY A 411 51.34 -18.62 -9.67
C GLY A 411 50.02 -18.28 -10.30
N ILE A 412 48.96 -18.94 -9.82
CA ILE A 412 47.58 -18.49 -10.05
C ILE A 412 47.14 -17.87 -8.74
N TYR A 413 47.32 -16.55 -8.63
CA TYR A 413 46.91 -15.81 -7.45
C TYR A 413 45.69 -14.96 -7.71
N ASN A 414 44.88 -14.81 -6.67
CA ASN A 414 43.71 -13.95 -6.70
C ASN A 414 43.97 -12.53 -6.15
N VAL A 415 44.05 -11.56 -7.06
CA VAL A 415 44.44 -10.18 -6.72
C VAL A 415 43.28 -9.19 -6.51
N HIS A 416 43.00 -8.90 -5.25
CA HIS A 416 42.06 -7.86 -4.93
C HIS A 416 42.80 -6.61 -4.52
N GLY A 418 41.30 -3.65 -3.98
CA GLY A 418 40.48 -2.80 -3.15
C GLY A 418 39.92 -1.69 -4.00
N PHE A 419 40.07 -0.45 -3.52
CA PHE A 419 39.44 0.71 -4.15
C PHE A 419 40.12 1.17 -5.45
N ASP A 420 39.28 1.44 -6.46
CA ASP A 420 39.69 2.09 -7.71
C ASP A 420 40.40 3.45 -7.46
N PRO A 421 41.69 3.55 -7.83
CA PRO A 421 42.49 4.78 -7.58
C PRO A 421 41.83 6.05 -8.13
N ALA A 422 40.82 5.88 -8.99
CA ALA A 422 39.99 6.97 -9.49
C ALA A 422 39.06 7.50 -8.40
N ASN A 423 38.24 6.62 -7.84
CA ASN A 423 37.32 6.98 -6.76
C ASN A 423 38.01 7.40 -5.45
N ALA A 424 39.34 7.35 -5.44
CA ALA A 424 40.17 7.52 -4.24
C ALA A 424 39.76 8.69 -3.34
N ASP A 425 39.72 9.89 -3.91
CA ASP A 425 39.32 11.06 -3.13
C ASP A 425 37.80 11.18 -3.06
N ALA A 426 37.10 10.47 -3.93
CA ALA A 426 35.64 10.39 -3.87
C ALA A 426 35.18 9.71 -2.59
N LEU A 427 36.07 8.92 -2.01
CA LEU A 427 35.74 8.13 -0.85
C LEU A 427 36.02 8.86 0.47
N ALA A 428 37.23 9.39 0.61
CA ALA A 428 37.60 10.15 1.80
C ALA A 428 36.66 11.32 2.05
N ALA A 429 36.01 11.79 0.97
CA ALA A 429 34.93 12.79 1.04
C ALA A 429 33.66 12.20 1.66
N LEU A 430 33.25 11.04 1.16
CA LEU A 430 32.02 10.36 1.61
C LEU A 430 31.97 10.17 3.13
N LEU A 431 32.97 9.47 3.65
CA LEU A 431 33.07 9.20 5.08
C LEU A 431 33.12 10.49 5.87
N LYS A 432 33.75 11.50 5.27
CA LYS A 432 33.80 12.83 5.85
C LYS A 432 32.40 13.34 6.19
N THR A 433 31.40 12.95 5.40
CA THR A 433 30.01 13.24 5.74
C THR A 433 29.65 12.48 7.02
N HIS A 434 29.81 11.16 6.95
CA HIS A 434 29.43 10.28 8.06
C HIS A 434 30.25 10.51 9.31
N GLY A 435 31.31 11.30 9.18
CA GLY A 435 32.15 11.67 10.31
C GLY A 435 33.11 10.55 10.64
N LEU A 436 33.90 10.15 9.63
CA LEU A 436 34.83 9.03 9.76
C LEU A 436 36.26 9.31 9.29
N HIS A 437 37.17 9.28 10.27
CA HIS A 437 38.61 9.60 10.14
C HIS A 437 39.32 8.78 9.04
N VAL A 438 39.26 9.27 7.80
CA VAL A 438 39.88 8.58 6.67
C VAL A 438 40.78 9.48 5.81
N ASP A 439 42.07 9.46 6.13
CA ASP A 439 43.11 10.13 5.36
C ASP A 439 43.22 9.50 3.96
N ALA A 440 43.02 10.31 2.92
CA ALA A 440 43.03 9.85 1.51
C ALA A 440 44.36 9.24 1.10
N GLU A 441 45.42 9.73 1.74
CA GLU A 441 46.79 9.25 1.60
C GLU A 441 46.92 7.74 1.91
N GLU A 442 46.97 7.40 3.21
CA GLU A 442 47.10 6.01 3.66
C GLU A 442 46.13 5.07 2.93
N VAL A 443 44.84 5.42 2.97
CA VAL A 443 43.73 4.69 2.32
C VAL A 443 44.15 3.47 1.49
N LEU A 444 44.84 3.74 0.37
CA LEU A 444 45.19 2.73 -0.62
C LEU A 444 46.03 1.62 -0.02
N THR A 445 47.05 1.99 0.74
CA THR A 445 47.91 1.02 1.40
C THR A 445 47.07 0.06 2.25
N LEU A 446 47.35 -1.23 2.10
CA LEU A 446 46.67 -2.30 2.83
C LEU A 446 46.39 -1.99 4.30
N ASP A 447 47.40 -1.42 4.97
CA ASP A 447 47.29 -1.00 6.37
C ASP A 447 46.08 -0.07 6.58
N GLY A 448 45.91 0.87 5.66
CA GLY A 448 44.77 1.77 5.63
C GLY A 448 43.47 1.05 5.31
N PHE A 449 43.49 0.27 4.21
CA PHE A 449 42.31 -0.49 3.80
C PHE A 449 41.74 -1.30 4.96
N CYS A 450 42.56 -2.13 5.58
CA CYS A 450 42.09 -3.04 6.63
C CYS A 450 41.81 -2.31 7.95
N LYS A 451 42.41 -1.15 8.16
CA LYS A 451 42.17 -0.36 9.38
C LYS A 451 40.85 0.39 9.26
N LEU A 452 40.53 0.84 8.04
CA LEU A 452 39.20 1.35 7.72
C LEU A 452 38.13 0.27 7.90
N ARG A 453 38.46 -0.95 7.48
CA ARG A 453 37.53 -2.07 7.47
C ARG A 453 37.10 -2.43 8.90
N ARG A 454 38.03 -2.28 9.83
CA ARG A 454 37.77 -2.49 11.26
C ARG A 454 36.72 -1.51 11.75
N GLU A 455 36.99 -0.22 11.58
CA GLU A 455 36.11 0.87 12.02
C GLU A 455 34.65 0.69 11.56
N LEU A 456 34.46 0.09 10.38
CA LEU A 456 33.14 -0.21 9.83
C LEU A 456 32.39 -1.22 10.70
N ASP A 457 33.07 -2.31 11.04
CA ASP A 457 32.55 -3.31 11.98
C ASP A 457 31.93 -2.64 13.21
N ALA A 458 32.57 -1.58 13.70
CA ALA A 458 32.13 -0.86 14.90
C ALA A 458 30.78 -0.13 14.75
N GLN A 459 30.18 -0.21 13.56
CA GLN A 459 28.99 0.56 13.23
C GLN A 459 27.72 -0.21 13.57
N PRO A 460 26.69 0.49 14.10
CA PRO A 460 25.34 0.03 14.39
C PRO A 460 24.82 -0.92 13.33
N THR A 461 24.90 -0.48 12.08
CA THR A 461 24.47 -1.30 10.95
C THR A 461 25.55 -1.36 9.87
N GLY A 462 25.24 -2.09 8.79
CA GLY A 462 26.19 -2.27 7.70
C GLY A 462 25.92 -1.31 6.58
N PHE A 463 25.37 -0.14 6.93
CA PHE A 463 24.95 0.84 5.96
C PHE A 463 26.14 1.46 5.29
N LEU A 464 27.01 2.05 6.12
CA LEU A 464 28.21 2.71 5.66
C LEU A 464 29.08 1.73 4.88
N ASP A 465 29.27 0.53 5.42
CA ASP A 465 29.92 -0.49 4.62
C ASP A 465 29.27 -0.66 3.22
N SER A 466 27.94 -0.73 3.13
CA SER A 466 27.33 -0.86 1.81
C SER A 466 27.72 0.36 0.97
N ARG A 467 27.69 1.53 1.58
CA ARG A 467 28.04 2.75 0.84
C ARG A 467 29.43 2.68 0.15
N ILE A 468 30.48 2.60 0.97
CA ILE A 468 31.88 2.60 0.51
C ILE A 468 32.18 1.53 -0.54
N ARG A 469 31.42 0.43 -0.48
CA ARG A 469 31.68 -0.75 -1.31
C ARG A 469 31.22 -0.55 -2.76
N ARG A 470 30.54 0.57 -2.99
CA ARG A 470 30.26 1.01 -4.34
C ARG A 470 31.52 1.65 -4.91
N PHE A 471 32.57 1.71 -4.09
CA PHE A 471 33.80 2.39 -4.44
C PHE A 471 34.97 1.49 -4.82
N GLN A 472 34.92 0.23 -4.40
CA GLN A 472 36.01 -0.70 -4.68
C GLN A 472 35.86 -1.44 -6.01
N SER A 473 36.97 -2.01 -6.46
CA SER A 473 37.00 -2.84 -7.66
C SER A 473 36.66 -4.30 -7.32
N PHE A 474 36.77 -5.19 -8.32
CA PHE A 474 36.48 -6.60 -8.13
C PHE A 474 37.76 -7.42 -8.07
N ALA A 475 37.74 -8.43 -7.19
CA ALA A 475 38.79 -9.43 -7.09
C ALA A 475 39.10 -10.00 -8.46
N GLU A 476 40.38 -9.99 -8.82
CA GLU A 476 40.81 -10.50 -10.12
C GLU A 476 41.74 -11.70 -10.01
N ILE A 477 42.17 -12.23 -11.15
CA ILE A 477 43.14 -13.31 -11.19
C ILE A 477 44.36 -12.82 -11.97
N SER A 478 45.55 -13.01 -11.40
CA SER A 478 46.79 -12.65 -12.10
C SER A 478 47.88 -13.72 -12.01
N THR A 479 48.87 -13.58 -12.87
CA THR A 479 50.03 -14.48 -12.90
C THR A 479 51.06 -14.05 -11.85
N GLU A 480 51.22 -12.74 -11.66
CA GLU A 480 52.09 -12.18 -10.62
C GLU A 480 51.46 -12.33 -9.24
N PRO A 481 52.27 -12.27 -8.18
CA PRO A 481 51.65 -12.23 -6.85
C PRO A 481 51.10 -10.84 -6.55
N GLY A 482 50.03 -10.80 -5.75
CA GLY A 482 49.47 -9.56 -5.26
C GLY A 482 48.91 -9.75 -3.85
N PRO A 483 48.25 -8.70 -3.31
CA PRO A 483 47.62 -8.83 -2.01
C PRO A 483 46.12 -9.08 -2.18
N HIS A 484 45.52 -9.84 -1.26
CA HIS A 484 44.07 -10.05 -1.26
C HIS A 484 43.44 -9.01 -0.32
N PHE A 485 43.30 -7.79 -0.82
CA PHE A 485 42.79 -6.67 -0.03
C PHE A 485 41.53 -7.08 0.73
N GLY A 486 40.63 -7.74 0.02
CA GLY A 486 39.37 -8.22 0.61
C GLY A 486 39.50 -9.26 1.70
N LEU A 487 40.51 -10.11 1.61
CA LEU A 487 40.70 -11.20 2.59
C LEU A 487 41.64 -10.84 3.73
N GLY A 488 42.44 -9.80 3.54
CA GLY A 488 43.46 -9.44 4.52
C GLY A 488 44.71 -10.30 4.36
N LEU A 489 44.87 -10.87 3.17
CA LEU A 489 46.00 -11.71 2.87
C LEU A 489 47.08 -10.88 2.19
N GLU A 490 48.33 -11.18 2.54
CA GLU A 490 49.50 -10.63 1.88
C GLU A 490 49.57 -11.16 0.44
N ALA A 491 49.37 -12.47 0.29
CA ALA A 491 49.28 -13.12 -1.01
C ALA A 491 48.31 -14.29 -0.88
N TYR A 492 47.51 -14.55 -1.91
CA TYR A 492 46.57 -15.69 -1.87
C TYR A 492 46.63 -16.67 -3.07
N ALA A 493 46.80 -17.97 -2.77
CA ALA A 493 46.94 -19.03 -3.80
C ALA A 493 46.09 -20.29 -3.58
N THR A 494 45.20 -20.58 -4.53
CA THR A 494 44.27 -21.68 -4.38
C THR A 494 44.79 -22.98 -5.00
N TRP A 495 44.73 -24.05 -4.22
CA TRP A 495 45.05 -25.43 -4.67
C TRP A 495 44.10 -26.38 -3.94
N THR A 496 43.12 -25.78 -3.27
CA THR A 496 42.10 -26.48 -2.50
C THR A 496 41.18 -27.44 -3.30
N SER A 497 41.05 -27.21 -4.59
CA SER A 497 40.09 -27.94 -5.46
C SER A 497 40.54 -27.95 -6.91
N PRO A 498 41.64 -28.68 -7.22
CA PRO A 498 42.16 -28.74 -8.60
C PRO A 498 41.18 -29.39 -9.58
N ILE A 499 40.32 -30.22 -9.03
CA ILE A 499 39.25 -30.89 -9.73
C ILE A 499 38.12 -29.95 -10.26
N ARG A 500 37.90 -28.81 -9.60
CA ARG A 500 36.89 -27.83 -10.02
C ARG A 500 37.50 -26.54 -10.54
N LYS A 501 38.82 -26.39 -10.37
CA LYS A 501 39.48 -25.12 -10.66
C LYS A 501 40.79 -25.34 -11.36
N TYR A 502 40.84 -24.85 -12.59
CA TYR A 502 41.98 -25.03 -13.45
C TYR A 502 43.19 -24.31 -12.86
N GLY A 503 42.94 -23.12 -12.33
CA GLY A 503 43.91 -22.36 -11.55
C GLY A 503 44.59 -23.21 -10.49
N ASP A 504 43.78 -23.92 -9.71
CA ASP A 504 44.24 -24.85 -8.68
C ASP A 504 44.94 -26.04 -9.26
N ILE A 506 46.70 -25.89 -12.34
CA ILE A 506 47.93 -25.20 -12.71
C ILE A 506 48.84 -24.97 -11.50
N ASN A 507 48.24 -24.61 -10.37
CA ASN A 507 49.01 -24.49 -9.13
C ASN A 507 49.67 -25.79 -8.70
N HIS A 508 48.94 -26.88 -8.87
CA HIS A 508 49.44 -28.20 -8.54
C HIS A 508 50.73 -28.52 -9.30
N ARG A 509 50.74 -28.21 -10.59
CA ARG A 509 51.89 -28.46 -11.44
C ARG A 509 53.07 -27.56 -11.05
N LEU A 510 52.75 -26.34 -10.61
CA LEU A 510 53.74 -25.42 -10.12
C LEU A 510 54.24 -25.89 -8.73
N LEU A 511 53.30 -26.42 -7.95
CA LEU A 511 53.59 -26.97 -6.62
C LEU A 511 54.48 -28.21 -6.70
N LYS A 512 54.44 -28.89 -7.85
CA LYS A 512 55.29 -30.06 -8.10
C LYS A 512 56.69 -29.62 -8.47
N ALA A 513 56.80 -28.50 -9.18
CA ALA A 513 58.06 -27.90 -9.57
C ALA A 513 58.83 -27.41 -8.33
N VAL A 514 58.11 -26.94 -7.31
CA VAL A 514 58.74 -26.54 -6.04
C VAL A 514 59.59 -27.66 -5.46
N ILE A 515 58.95 -28.78 -5.16
CA ILE A 515 59.61 -29.97 -4.65
C ILE A 515 60.80 -30.38 -5.56
N LYS A 516 60.81 -29.87 -6.80
CA LYS A 516 61.70 -30.38 -7.85
C LYS A 516 62.89 -29.48 -8.28
N GLY A 517 62.55 -28.53 -9.27
CA GLY A 517 63.60 -27.71 -9.88
C GLY A 517 63.17 -27.31 -11.38
N ARG A 522 55.57 -20.53 -16.23
CA ARG A 522 54.67 -19.40 -16.31
C ARG A 522 53.45 -19.75 -17.14
N PRO A 523 52.25 -19.62 -16.54
CA PRO A 523 50.97 -19.88 -17.22
C PRO A 523 50.67 -18.77 -18.23
N GLN A 524 50.41 -19.17 -19.48
CA GLN A 524 50.40 -18.23 -20.62
C GLN A 524 49.37 -17.09 -20.52
N ASP A 525 49.64 -16.03 -21.28
CA ASP A 525 49.01 -14.70 -21.13
C ASP A 525 47.48 -14.66 -21.04
N GLU A 526 46.82 -15.32 -21.98
CA GLU A 526 45.36 -15.25 -22.09
C GLU A 526 44.61 -16.25 -21.22
N ILE A 527 45.33 -17.06 -20.44
CA ILE A 527 44.71 -18.07 -19.57
C ILE A 527 43.77 -17.41 -18.54
N THR A 528 44.29 -16.41 -17.84
CA THR A 528 43.54 -15.63 -16.84
C THR A 528 42.34 -14.85 -17.46
N VAL A 529 42.54 -14.42 -18.69
CA VAL A 529 41.54 -13.75 -19.51
C VAL A 529 40.24 -14.57 -19.56
N GLN A 530 40.34 -15.84 -19.93
CA GLN A 530 39.16 -16.67 -20.06
C GLN A 530 38.79 -17.41 -18.77
N ALA A 532 38.68 -15.61 -15.80
CA ALA A 532 37.79 -14.57 -15.31
C ALA A 532 36.45 -14.64 -16.02
N GLU A 533 36.48 -14.77 -17.35
CA GLU A 533 35.25 -14.76 -18.13
C GLU A 533 34.31 -15.91 -17.80
N ARG A 534 34.85 -17.14 -17.80
CA ARG A 534 34.09 -18.33 -17.37
C ARG A 534 33.49 -18.25 -15.94
N ARG A 535 34.16 -17.55 -15.03
CA ARG A 535 33.71 -17.45 -13.64
C ARG A 535 32.53 -16.53 -13.62
N ARG A 536 32.54 -15.50 -14.48
CA ARG A 536 31.44 -14.54 -14.63
C ARG A 536 30.16 -15.22 -15.17
N LEU A 537 30.32 -15.92 -16.30
CA LEU A 537 29.28 -16.68 -17.00
C LEU A 537 28.70 -17.76 -16.12
N ASN A 538 29.59 -18.42 -15.40
CA ASN A 538 29.20 -19.41 -14.41
C ASN A 538 28.33 -18.80 -13.33
N ARG A 539 28.62 -17.57 -12.94
CA ARG A 539 27.91 -16.89 -11.86
C ARG A 539 26.53 -16.41 -12.36
N ALA A 541 24.86 -17.73 -14.86
CA ALA A 541 24.11 -18.96 -15.10
C ALA A 541 23.39 -19.41 -13.83
N GLU A 542 24.17 -19.60 -12.77
CA GLU A 542 23.69 -20.02 -11.46
C GLU A 542 22.57 -19.11 -10.97
N ARG A 543 22.81 -17.80 -11.03
CA ARG A 543 21.84 -16.76 -10.70
C ARG A 543 20.59 -16.84 -11.59
N ASP A 544 20.72 -16.96 -12.90
CA ASP A 544 19.54 -17.01 -13.76
C ASP A 544 18.68 -18.23 -13.53
N VAL A 545 19.28 -19.40 -13.30
CA VAL A 545 18.43 -20.57 -13.02
C VAL A 545 17.64 -20.29 -11.73
N GLY A 546 18.33 -19.86 -10.67
CA GLY A 546 17.73 -19.46 -9.40
C GLY A 546 16.56 -18.49 -9.51
N ASP A 547 16.64 -17.54 -10.45
CA ASP A 547 15.56 -16.54 -10.73
C ASP A 547 14.34 -17.25 -11.27
N TRP A 548 14.53 -18.16 -12.17
CA TRP A 548 13.38 -18.97 -12.62
C TRP A 548 12.73 -19.69 -11.48
N LEU A 549 13.55 -20.42 -10.72
CA LEU A 549 13.07 -21.29 -9.63
C LEU A 549 12.43 -20.50 -8.47
N TYR A 550 12.98 -19.34 -8.15
CA TYR A 550 12.33 -18.47 -7.13
C TYR A 550 10.89 -18.08 -7.59
N ALA A 551 10.74 -17.76 -8.88
CA ALA A 551 9.46 -17.33 -9.43
C ALA A 551 8.39 -18.45 -9.33
N ARG A 552 8.77 -19.65 -9.76
CA ARG A 552 8.00 -20.87 -9.50
C ARG A 552 7.67 -21.19 -8.05
N PHE A 553 8.65 -21.15 -7.13
CA PHE A 553 8.44 -21.40 -5.70
C PHE A 553 7.44 -20.41 -5.10
N LEU A 554 7.62 -19.11 -5.38
CA LEU A 554 6.85 -18.06 -4.77
C LEU A 554 5.52 -17.74 -5.40
N LYS A 555 5.31 -18.22 -6.60
CA LYS A 555 4.04 -17.94 -7.31
C LYS A 555 2.74 -18.04 -6.47
N ASP A 556 2.53 -19.16 -5.77
CA ASP A 556 1.33 -19.40 -4.96
C ASP A 556 1.24 -18.45 -3.75
N LYS A 557 2.28 -17.69 -3.50
CA LYS A 557 2.33 -16.79 -2.35
C LYS A 557 1.83 -15.38 -2.70
N ALA A 558 1.71 -15.11 -3.99
CA ALA A 558 1.30 -13.82 -4.53
C ALA A 558 -0.17 -13.44 -4.20
N GLY A 559 -0.34 -12.24 -3.68
CA GLY A 559 -1.60 -11.79 -3.13
C GLY A 559 -1.89 -12.20 -1.71
N THR A 560 -1.22 -13.25 -1.21
CA THR A 560 -1.42 -13.72 0.19
C THR A 560 -0.84 -12.79 1.27
N ASP A 561 -1.09 -13.14 2.54
CA ASP A 561 -0.59 -12.39 3.73
C ASP A 561 0.68 -13.01 4.31
N THR A 562 1.21 -14.06 3.69
CA THR A 562 2.51 -14.59 4.09
C THR A 562 3.47 -13.42 4.16
N ARG A 563 4.10 -13.28 5.32
CA ARG A 563 5.15 -12.28 5.49
C ARG A 563 6.52 -12.91 5.31
N PHE A 564 7.51 -12.10 4.95
CA PHE A 564 8.90 -12.53 4.78
C PHE A 564 9.72 -11.35 5.24
N ALA A 565 10.71 -11.61 6.10
CA ALA A 565 11.71 -10.61 6.39
C ALA A 565 12.50 -10.48 5.10
N ALA A 566 12.85 -9.23 4.78
CA ALA A 566 13.59 -8.90 3.59
C ALA A 566 14.60 -7.83 3.96
N GLU A 567 15.85 -8.00 3.55
CA GLU A 567 16.84 -6.93 3.68
C GLU A 567 16.87 -6.06 2.42
N ILE A 568 16.97 -4.76 2.60
CA ILE A 568 16.98 -3.84 1.46
C ILE A 568 18.36 -3.85 0.91
N VAL A 569 18.50 -4.25 -0.34
CA VAL A 569 19.82 -4.36 -0.97
C VAL A 569 20.23 -3.16 -1.84
N ASP A 570 19.26 -2.58 -2.56
CA ASP A 570 19.51 -1.41 -3.42
C ASP A 570 18.29 -0.49 -3.54
N ILE A 571 18.55 0.81 -3.46
CA ILE A 571 17.54 1.86 -3.68
C ILE A 571 17.70 2.48 -5.08
N SER A 572 16.62 2.46 -5.87
CA SER A 572 16.59 3.13 -7.19
C SER A 572 15.62 4.32 -7.13
N ARG A 573 15.50 5.09 -8.21
CA ARG A 573 14.60 6.23 -8.21
C ARG A 573 13.15 5.76 -8.19
N GLY A 574 12.86 4.66 -8.86
CA GLY A 574 11.52 4.13 -8.83
C GLY A 574 11.16 3.08 -7.81
N GLY A 575 11.93 2.94 -6.73
CA GLY A 575 11.63 1.90 -5.74
C GLY A 575 12.85 1.20 -5.16
N ARG A 577 14.97 -2.66 -3.99
CA ARG A 577 15.14 -4.09 -4.15
C ARG A 577 15.43 -4.73 -2.81
N VAL A 578 14.72 -5.83 -2.53
CA VAL A 578 14.90 -6.56 -1.29
C VAL A 578 15.22 -7.99 -1.66
N ARG A 579 15.92 -8.66 -0.78
CA ARG A 579 16.22 -10.10 -0.84
C ARG A 579 15.52 -10.73 0.36
N LEU A 580 14.73 -11.75 0.11
CA LEU A 580 14.06 -12.40 1.23
C LEU A 580 15.09 -13.19 2.03
N VAL A 581 15.20 -12.85 3.30
CA VAL A 581 16.15 -13.48 4.20
C VAL A 581 16.05 -15.00 4.22
N ASP A 582 14.85 -15.55 4.39
CA ASP A 582 14.67 -17.00 4.47
C ASP A 582 14.99 -17.84 3.25
N ASN A 583 15.05 -17.26 2.04
CA ASN A 583 15.22 -18.07 0.84
C ASN A 583 16.20 -17.47 -0.16
N GLY A 584 16.50 -16.19 0.03
CA GLY A 584 17.35 -15.48 -0.89
C GLY A 584 16.74 -14.82 -2.13
N ALA A 585 15.45 -15.01 -2.38
CA ALA A 585 14.80 -14.37 -3.53
C ALA A 585 14.96 -12.87 -3.52
N ILE A 586 14.98 -12.28 -4.71
CA ILE A 586 15.11 -10.84 -4.90
C ILE A 586 13.72 -10.39 -5.41
N ALA A 587 13.19 -9.31 -4.83
CA ALA A 587 11.89 -8.76 -5.20
C ALA A 587 12.05 -7.28 -5.40
N PHE A 588 11.17 -6.70 -6.19
CA PHE A 588 11.13 -5.24 -6.35
C PHE A 588 9.91 -4.65 -5.61
N ILE A 589 10.09 -3.50 -5.01
CA ILE A 589 9.04 -2.78 -4.38
C ILE A 589 9.00 -1.41 -5.02
N PRO A 590 8.01 -1.20 -5.92
CA PRO A 590 7.81 0.12 -6.60
C PRO A 590 7.51 1.23 -5.58
N ALA A 591 8.01 2.44 -5.84
CA ALA A 591 7.81 3.59 -5.00
C ALA A 591 6.32 3.98 -4.65
N PRO A 592 5.36 3.79 -5.58
CA PRO A 592 4.01 4.20 -5.11
C PRO A 592 3.46 3.23 -4.03
N PHE A 593 4.10 2.07 -3.85
CA PHE A 593 3.80 1.17 -2.72
C PHE A 593 4.56 1.56 -1.42
N LEU A 594 5.53 2.46 -1.49
CA LEU A 594 6.22 2.88 -0.26
C LEU A 594 5.55 4.07 0.39
N HIS A 595 4.87 4.90 -0.40
CA HIS A 595 4.19 6.05 0.22
C HIS A 595 3.13 6.65 -0.73
N ALA A 596 2.00 7.03 -0.15
CA ALA A 596 0.86 7.46 -0.96
C ALA A 596 1.00 8.87 -1.55
N VAL A 597 1.91 9.70 -1.03
CA VAL A 597 2.14 11.06 -1.55
C VAL A 597 3.53 11.21 -2.24
N ARG A 598 3.56 11.14 -3.57
CA ARG A 598 4.80 11.04 -4.33
C ARG A 598 5.81 12.18 -4.10
N ASP A 599 5.27 13.39 -3.95
CA ASP A 599 6.08 14.58 -3.74
C ASP A 599 6.69 14.57 -2.34
N GLU A 600 6.13 13.71 -1.44
CA GLU A 600 6.60 13.54 -0.04
C GLU A 600 7.67 12.44 0.09
N LEU A 601 7.96 11.78 -1.03
CA LEU A 601 8.78 10.59 -1.06
C LEU A 601 9.97 10.84 -1.93
N VAL A 602 11.15 10.55 -1.41
CA VAL A 602 12.39 10.60 -2.19
C VAL A 602 13.12 9.25 -2.08
N CYS A 603 13.41 8.66 -3.23
CA CYS A 603 14.30 7.48 -3.31
C CYS A 603 15.62 7.92 -3.97
N SER A 604 16.74 7.91 -3.22
CA SER A 604 18.05 8.19 -3.86
C SER A 604 18.92 6.96 -4.10
N GLN A 605 19.10 6.60 -5.37
CA GLN A 605 20.07 5.58 -5.74
C GLN A 605 21.45 5.97 -5.21
N GLU A 606 21.68 7.28 -5.10
CA GLU A 606 22.95 7.84 -4.82
C GLU A 606 23.27 7.98 -3.33
N ASN A 607 22.25 7.96 -2.49
CA ASN A 607 22.39 8.04 -1.04
C ASN A 607 22.02 6.76 -0.28
N GLY A 608 21.55 5.75 -1.02
CA GLY A 608 21.00 4.51 -0.47
C GLY A 608 19.92 4.74 0.58
N THR A 609 19.10 5.77 0.38
CA THR A 609 18.01 6.04 1.30
C THR A 609 16.67 6.33 0.61
N VAL A 610 15.61 6.23 1.40
CA VAL A 610 14.28 6.68 1.02
C VAL A 610 13.86 7.62 2.12
N GLN A 611 13.55 8.84 1.73
CA GLN A 611 13.02 9.85 2.64
C GLN A 611 11.53 10.07 2.45
N ILE A 612 10.79 10.06 3.55
CA ILE A 612 9.36 10.40 3.58
C ILE A 612 9.17 11.60 4.49
N LYS A 613 8.73 12.71 3.90
CA LYS A 613 8.55 13.99 4.60
C LYS A 613 9.86 14.38 5.20
N GLY A 614 10.89 14.39 4.35
CA GLY A 614 12.22 14.87 4.71
C GLY A 614 13.09 13.90 5.52
N GLU A 615 12.50 12.83 6.06
CA GLU A 615 13.23 11.95 6.95
C GLU A 615 13.52 10.65 6.29
N THR A 616 14.50 9.94 6.85
CA THR A 616 14.93 8.65 6.34
C THR A 616 14.13 7.55 6.98
N VAL A 617 13.56 6.70 6.14
CA VAL A 617 12.62 5.71 6.62
C VAL A 617 13.12 4.30 6.33
N TYR A 618 13.86 4.19 5.23
CA TYR A 618 14.53 2.96 4.81
C TYR A 618 15.92 3.32 4.33
N LYS A 619 16.86 2.41 4.51
CA LYS A 619 18.22 2.52 3.97
C LYS A 619 18.73 1.13 3.61
N VAL A 620 19.58 1.09 2.60
CA VAL A 620 20.20 -0.15 2.17
C VAL A 620 20.77 -0.84 3.41
N THR A 621 20.46 -2.14 3.53
CA THR A 621 20.82 -2.95 4.70
C THR A 621 19.69 -3.23 5.72
N ASP A 622 18.71 -2.33 5.82
CA ASP A 622 17.55 -2.56 6.70
C ASP A 622 16.81 -3.86 6.41
N VAL A 623 16.27 -4.43 7.49
CA VAL A 623 15.47 -5.68 7.49
C VAL A 623 14.00 -5.39 7.87
N ILE A 624 13.10 -5.43 6.88
CA ILE A 624 11.66 -5.14 7.09
C ILE A 624 10.88 -6.35 6.69
N ASP A 625 9.60 -6.42 7.08
CA ASP A 625 8.70 -7.48 6.63
C ASP A 625 7.97 -7.02 5.34
N VAL A 626 7.74 -7.97 4.43
CA VAL A 626 7.07 -7.72 3.14
C VAL A 626 6.03 -8.81 2.84
N THR A 627 5.06 -8.51 1.99
CA THR A 627 4.17 -9.57 1.46
C THR A 627 4.48 -9.67 -0.04
N ILE A 628 4.05 -10.74 -0.69
CA ILE A 628 4.32 -10.90 -2.13
C ILE A 628 3.09 -10.42 -2.88
N ALA A 629 3.28 -9.36 -3.69
CA ALA A 629 2.18 -8.73 -4.42
C ALA A 629 1.95 -9.40 -5.75
N GLU A 630 3.01 -9.66 -6.49
CA GLU A 630 2.88 -10.19 -7.82
C GLU A 630 4.10 -11.04 -8.15
N VAL A 631 3.89 -12.09 -8.91
CA VAL A 631 4.98 -12.88 -9.44
C VAL A 631 4.66 -13.02 -10.93
N ARG A 632 5.50 -12.48 -11.79
CA ARG A 632 5.26 -12.54 -13.24
C ARG A 632 6.09 -13.65 -13.83
N GLU A 634 6.19 -15.05 -16.81
CA GLU A 634 6.80 -14.82 -18.14
C GLU A 634 8.23 -14.25 -17.93
N THR A 635 8.33 -13.21 -17.11
CA THR A 635 9.60 -12.48 -16.95
C THR A 635 10.39 -12.82 -15.69
N ARG A 636 9.80 -13.65 -14.82
CA ARG A 636 10.41 -14.08 -13.56
C ARG A 636 10.62 -12.91 -12.55
N SER A 637 9.84 -11.87 -12.70
CA SER A 637 9.91 -10.73 -11.79
C SER A 637 8.98 -10.98 -10.59
N ILE A 638 9.40 -10.53 -9.43
CA ILE A 638 8.67 -10.63 -8.19
C ILE A 638 8.51 -9.24 -7.65
N ILE A 639 7.26 -8.88 -7.40
CA ILE A 639 6.91 -7.59 -6.78
C ILE A 639 6.43 -7.88 -5.36
N ALA A 640 6.89 -7.05 -4.45
CA ALA A 640 6.60 -7.18 -3.03
C ALA A 640 6.06 -5.87 -2.48
N ARG A 641 5.39 -5.93 -1.33
CA ARG A 641 5.01 -4.69 -0.62
C ARG A 641 5.38 -4.72 0.86
N PRO A 642 5.73 -3.58 1.45
CA PRO A 642 6.01 -3.63 2.87
C PRO A 642 4.70 -3.98 3.63
N VAL A 643 4.81 -4.78 4.69
CA VAL A 643 3.73 -4.97 5.66
C VAL A 643 3.24 -3.64 6.18
N ALA A 644 1.92 -3.46 6.20
CA ALA A 644 1.29 -2.29 6.80
C ALA A 644 0.28 -2.74 7.87
N ASN B 5 -9.40 -25.34 -56.21
CA ASN B 5 -10.28 -26.50 -56.48
C ASN B 5 -11.50 -26.56 -55.53
N PRO B 6 -12.55 -27.34 -55.88
CA PRO B 6 -13.75 -27.35 -55.01
C PRO B 6 -13.48 -27.90 -53.60
N LEU B 7 -12.59 -28.88 -53.50
CA LEU B 7 -12.23 -29.50 -52.23
C LEU B 7 -11.52 -28.54 -51.31
N LEU B 8 -10.53 -27.86 -51.85
CA LEU B 8 -9.73 -26.95 -51.02
C LEU B 8 -10.51 -25.69 -50.62
N ALA B 9 -11.46 -25.29 -51.45
CA ALA B 9 -12.30 -24.15 -51.07
C ALA B 9 -13.35 -24.53 -50.02
N GLN B 10 -13.93 -25.73 -50.13
CA GLN B 10 -14.82 -26.24 -49.08
C GLN B 10 -14.09 -26.50 -47.80
N LEU B 11 -12.96 -27.21 -47.87
CA LEU B 11 -12.08 -27.28 -46.67
C LEU B 11 -11.88 -25.95 -45.99
N LYS B 12 -11.59 -24.94 -46.80
CA LYS B 12 -11.33 -23.60 -46.27
C LYS B 12 -12.59 -22.97 -45.64
N GLN B 13 -13.78 -23.17 -46.22
CA GLN B 13 -15.01 -22.49 -45.76
C GLN B 13 -15.54 -23.10 -44.46
N GLN B 14 -15.31 -24.41 -44.32
CA GLN B 14 -15.89 -25.21 -43.27
C GLN B 14 -14.97 -25.35 -42.08
N LEU B 15 -13.84 -24.67 -42.12
CA LEU B 15 -12.79 -24.82 -41.11
C LEU B 15 -13.23 -25.15 -39.67
N HIS B 16 -13.69 -24.17 -38.92
CA HIS B 16 -14.06 -24.43 -37.53
C HIS B 16 -15.57 -24.50 -37.40
N SER B 17 -16.23 -25.10 -38.40
CA SER B 17 -17.68 -25.00 -38.51
C SER B 17 -18.36 -25.68 -37.33
N GLN B 18 -17.60 -26.48 -36.62
CA GLN B 18 -18.15 -27.38 -35.61
C GLN B 18 -17.88 -26.81 -34.21
N THR B 19 -16.99 -25.84 -34.17
CA THR B 19 -16.54 -25.26 -32.95
C THR B 19 -17.63 -24.29 -32.46
N PRO B 20 -17.84 -24.22 -31.13
CA PRO B 20 -18.89 -23.33 -30.64
C PRO B 20 -18.63 -21.84 -30.87
N ARG B 21 -19.71 -21.10 -31.06
CA ARG B 21 -19.65 -19.63 -31.13
C ARG B 21 -20.22 -18.96 -29.86
N ALA B 22 -19.66 -17.83 -29.47
CA ALA B 22 -20.16 -17.04 -28.34
C ALA B 22 -20.21 -15.54 -28.65
N GLU B 23 -21.39 -14.91 -28.62
CA GLU B 23 -21.49 -13.45 -28.82
C GLU B 23 -21.14 -12.70 -27.56
N GLY B 24 -20.53 -11.53 -27.70
CA GLY B 24 -20.16 -10.73 -26.53
C GLY B 24 -19.49 -9.48 -26.98
N VAL B 25 -18.99 -8.71 -26.01
CA VAL B 25 -18.30 -7.47 -26.20
C VAL B 25 -16.78 -7.58 -25.93
N VAL B 26 -15.96 -6.90 -26.73
CA VAL B 26 -14.50 -6.98 -26.56
C VAL B 26 -14.03 -5.98 -25.49
N LYS B 27 -13.15 -6.45 -24.61
CA LYS B 27 -12.52 -5.62 -23.58
C LYS B 27 -11.01 -5.65 -23.77
N ALA B 28 -10.48 -4.46 -24.09
CA ALA B 28 -9.05 -4.24 -24.16
C ALA B 28 -8.48 -3.89 -22.77
N THR B 29 -7.21 -4.31 -22.59
CA THR B 29 -6.41 -3.95 -21.41
C THR B 29 -5.27 -3.06 -21.86
N GLU B 30 -4.66 -2.39 -20.88
CA GLU B 30 -3.37 -1.69 -21.07
C GLU B 30 -2.46 -2.57 -21.96
N LYS B 31 -2.70 -3.89 -21.91
CA LYS B 31 -1.77 -4.91 -22.44
C LYS B 31 -1.84 -5.19 -23.94
N GLY B 32 -1.47 -6.41 -24.32
CA GLY B 32 -1.48 -6.86 -25.70
C GLY B 32 -2.76 -7.63 -25.96
N PHE B 33 -3.22 -8.38 -24.94
CA PHE B 33 -4.36 -9.31 -25.05
C PHE B 33 -5.60 -8.77 -24.35
N GLY B 34 -6.76 -9.22 -24.80
CA GLY B 34 -8.03 -8.87 -24.18
C GLY B 34 -8.95 -10.04 -23.96
N PHE B 35 -10.20 -9.72 -23.64
CA PHE B 35 -11.21 -10.69 -23.28
C PHE B 35 -12.46 -10.40 -24.04
N LEU B 36 -13.28 -11.43 -24.19
CA LEU B 36 -14.61 -11.36 -24.77
C LEU B 36 -15.60 -11.64 -23.66
N GLU B 37 -16.23 -10.57 -23.21
CA GLU B 37 -17.18 -10.57 -22.11
C GLU B 37 -18.58 -10.86 -22.61
N VAL B 38 -19.07 -12.03 -22.20
CA VAL B 38 -20.29 -12.57 -22.75
C VAL B 38 -21.46 -12.39 -21.80
N ASP B 39 -21.17 -12.12 -20.53
CA ASP B 39 -22.07 -12.47 -19.42
C ASP B 39 -21.47 -12.05 -18.07
N ALA B 40 -22.24 -12.25 -16.99
CA ALA B 40 -21.88 -11.83 -15.60
C ALA B 40 -20.43 -12.16 -15.19
N GLN B 41 -20.12 -13.47 -15.16
CA GLN B 41 -18.69 -13.89 -15.07
C GLN B 41 -18.13 -14.69 -16.27
N LYS B 42 -18.99 -15.00 -17.24
CA LYS B 42 -18.56 -15.68 -18.48
C LYS B 42 -17.79 -14.72 -19.39
N SER B 43 -16.46 -14.98 -19.49
CA SER B 43 -15.53 -14.09 -20.19
C SER B 43 -14.35 -14.84 -20.87
N TYR B 44 -14.39 -14.95 -22.21
CA TYR B 44 -13.36 -15.70 -22.89
C TYR B 44 -12.16 -14.85 -23.23
N PHE B 45 -10.98 -15.39 -23.00
CA PHE B 45 -9.71 -14.73 -23.28
C PHE B 45 -9.42 -14.63 -24.81
N ILE B 46 -8.99 -13.44 -25.24
CA ILE B 46 -8.56 -13.21 -26.65
C ILE B 46 -7.03 -12.98 -26.87
N PRO B 47 -6.37 -13.92 -27.58
CA PRO B 47 -4.96 -13.84 -27.94
C PRO B 47 -4.65 -12.55 -28.71
N PRO B 48 -3.43 -11.99 -28.55
CA PRO B 48 -3.08 -10.70 -29.17
C PRO B 48 -3.19 -10.67 -30.70
N PRO B 49 -2.68 -11.70 -31.39
CA PRO B 49 -2.89 -11.61 -32.83
C PRO B 49 -4.40 -11.44 -33.17
N GLN B 50 -5.27 -11.99 -32.33
CA GLN B 50 -6.72 -11.83 -32.49
C GLN B 50 -7.25 -10.41 -32.11
N LYS B 52 -5.80 -7.63 -33.00
CA LYS B 52 -5.50 -6.79 -34.19
C LYS B 52 -6.75 -6.59 -35.04
N LYS B 53 -7.68 -7.53 -34.95
CA LYS B 53 -8.88 -7.58 -35.77
C LYS B 53 -10.10 -6.86 -35.17
N VAL B 54 -9.98 -6.41 -33.93
CA VAL B 54 -11.10 -5.82 -33.24
C VAL B 54 -10.67 -4.62 -32.51
N HIS B 56 -11.51 -2.30 -28.76
CA HIS B 56 -12.18 -2.19 -27.47
C HIS B 56 -13.65 -1.74 -27.64
N GLY B 57 -14.59 -2.47 -27.09
CA GLY B 57 -15.96 -2.02 -27.15
C GLY B 57 -16.78 -2.73 -28.19
N ASP B 58 -16.09 -3.32 -29.17
CA ASP B 58 -16.76 -3.94 -30.32
C ASP B 58 -17.54 -5.14 -29.76
N ARG B 59 -18.73 -5.34 -30.31
CA ARG B 59 -19.55 -6.50 -30.05
C ARG B 59 -19.40 -7.45 -31.23
N ILE B 60 -19.06 -8.70 -30.95
CA ILE B 60 -18.62 -9.65 -32.01
C ILE B 60 -19.14 -11.02 -31.69
N ILE B 61 -19.32 -11.84 -32.71
CA ILE B 61 -19.35 -13.29 -32.55
C ILE B 61 -17.91 -13.87 -32.74
N ALA B 62 -17.51 -14.78 -31.84
CA ALA B 62 -16.18 -15.37 -31.87
C ALA B 62 -16.27 -16.89 -31.92
N VAL B 63 -15.23 -17.51 -32.49
CA VAL B 63 -15.08 -18.96 -32.45
C VAL B 63 -14.40 -19.31 -31.14
N ILE B 64 -14.96 -20.31 -30.46
CA ILE B 64 -14.42 -20.72 -29.15
C ILE B 64 -13.61 -22.01 -29.27
N HIS B 65 -12.29 -21.87 -29.20
CA HIS B 65 -11.36 -22.99 -29.28
C HIS B 65 -10.97 -23.50 -27.90
N SER B 66 -11.40 -24.72 -27.56
CA SER B 66 -10.91 -25.36 -26.34
C SER B 66 -10.12 -26.58 -26.76
N GLU B 67 -8.90 -26.35 -27.25
CA GLU B 67 -8.10 -27.45 -27.79
C GLU B 67 -7.36 -28.21 -26.66
N LYS B 68 -6.97 -27.46 -25.62
CA LYS B 68 -6.19 -27.95 -24.48
C LYS B 68 -7.00 -27.92 -23.18
N GLU B 69 -6.68 -26.95 -22.31
CA GLU B 69 -7.46 -26.67 -21.07
C GLU B 69 -7.84 -25.19 -21.04
N ARG B 70 -7.16 -24.39 -21.86
CA ARG B 70 -7.54 -23.00 -22.12
C ARG B 70 -8.39 -22.87 -23.39
N GLU B 71 -9.64 -22.43 -23.20
CA GLU B 71 -10.50 -21.99 -24.28
C GLU B 71 -9.99 -20.62 -24.70
N SER B 72 -9.68 -20.47 -25.98
CA SER B 72 -9.39 -19.16 -26.57
C SER B 72 -10.51 -18.73 -27.54
N ALA B 73 -10.67 -17.40 -27.64
CA ALA B 73 -11.68 -16.74 -28.44
C ALA B 73 -11.04 -16.16 -29.69
N GLU B 74 -11.61 -16.49 -30.83
CA GLU B 74 -11.15 -16.00 -32.14
C GLU B 74 -12.27 -15.20 -32.86
N PRO B 75 -12.15 -13.85 -32.94
CA PRO B 75 -13.14 -12.96 -33.62
C PRO B 75 -13.48 -13.39 -35.02
N GLU B 76 -14.76 -13.34 -35.36
CA GLU B 76 -15.25 -13.92 -36.59
C GLU B 76 -16.21 -12.98 -37.35
N GLU B 77 -17.20 -12.46 -36.62
CA GLU B 77 -18.24 -11.58 -37.17
C GLU B 77 -18.36 -10.34 -36.28
N LEU B 78 -18.38 -9.18 -36.89
CA LEU B 78 -18.64 -7.94 -36.19
C LEU B 78 -20.15 -7.81 -36.00
N VAL B 79 -20.61 -7.67 -34.76
CA VAL B 79 -22.07 -7.47 -34.56
C VAL B 79 -22.38 -5.99 -34.48
N GLU B 80 -21.59 -5.26 -33.69
CA GLU B 80 -21.79 -3.85 -33.47
C GLU B 80 -20.47 -3.18 -33.25
N PRO B 81 -20.04 -2.32 -34.20
CA PRO B 81 -18.83 -1.57 -33.97
C PRO B 81 -19.02 -0.57 -32.84
N PHE B 82 -18.03 -0.47 -31.98
CA PHE B 82 -18.00 0.51 -31.00
C PHE B 82 -17.97 1.91 -31.64
N LEU B 83 -17.07 2.15 -32.61
CA LEU B 83 -16.90 3.50 -33.22
C LEU B 83 -17.67 3.60 -34.49
N THR B 84 -18.35 4.73 -34.64
CA THR B 84 -18.95 5.09 -35.90
C THR B 84 -18.44 6.50 -36.15
N ARG B 85 -19.23 7.50 -35.78
CA ARG B 85 -18.78 8.89 -35.74
C ARG B 85 -17.98 9.19 -34.44
N PHE B 86 -16.77 9.70 -34.57
CA PHE B 86 -15.95 9.94 -33.39
C PHE B 86 -15.02 11.10 -33.64
N VAL B 87 -14.35 11.53 -32.60
CA VAL B 87 -13.35 12.58 -32.62
C VAL B 87 -12.00 12.07 -32.09
N GLY B 88 -10.91 12.73 -32.44
CA GLY B 88 -9.59 12.35 -31.98
C GLY B 88 -8.63 13.34 -32.59
N LYS B 89 -7.35 13.23 -32.23
CA LYS B 89 -6.29 14.07 -32.83
C LYS B 89 -5.53 13.36 -33.92
N VAL B 90 -5.18 14.10 -34.94
CA VAL B 90 -4.53 13.61 -36.13
C VAL B 90 -2.99 13.55 -35.97
N GLN B 91 -2.38 12.52 -36.56
CA GLN B 91 -0.92 12.35 -36.57
C GLN B 91 -0.37 11.86 -37.94
N GLY B 92 0.96 11.78 -38.01
CA GLY B 92 1.67 11.32 -39.19
C GLY B 92 1.89 12.58 -39.99
N LYS B 93 2.22 12.44 -41.28
CA LYS B 93 2.43 13.60 -42.19
C LYS B 93 2.28 13.32 -43.69
N ASN B 94 1.99 14.39 -44.44
CA ASN B 94 1.86 14.32 -45.92
C ASN B 94 1.25 12.99 -46.30
N ASP B 95 2.08 12.13 -46.87
CA ASP B 95 1.66 10.85 -47.39
C ASP B 95 0.41 10.25 -46.73
N ARG B 96 0.50 10.07 -45.42
CA ARG B 96 -0.35 9.14 -44.70
C ARG B 96 -0.77 9.68 -43.31
N LEU B 97 -2.04 10.04 -43.25
CA LEU B 97 -2.64 10.53 -42.04
C LEU B 97 -3.21 9.38 -41.16
N ALA B 98 -3.08 9.54 -39.84
CA ALA B 98 -3.82 8.74 -38.86
C ALA B 98 -4.45 9.60 -37.74
N ILE B 99 -5.38 8.98 -37.00
CA ILE B 99 -6.17 9.62 -35.97
C ILE B 99 -6.28 8.66 -34.79
N VAL B 100 -5.94 9.13 -33.59
CA VAL B 100 -6.16 8.30 -32.40
C VAL B 100 -7.52 8.75 -31.84
N PRO B 101 -8.46 7.82 -31.64
CA PRO B 101 -9.77 8.16 -31.14
C PRO B 101 -9.68 8.67 -29.72
N ASP B 102 -10.52 9.66 -29.41
CA ASP B 102 -10.53 10.27 -28.10
C ASP B 102 -11.35 9.43 -27.09
N HIS B 103 -10.72 8.37 -26.62
CA HIS B 103 -11.34 7.46 -25.67
C HIS B 103 -10.29 6.91 -24.68
N PRO B 104 -10.63 6.88 -23.37
CA PRO B 104 -9.58 6.43 -22.50
C PRO B 104 -9.07 5.06 -22.87
N LEU B 105 -9.85 4.23 -23.54
CA LEU B 105 -9.42 2.85 -23.74
C LEU B 105 -9.01 2.53 -25.17
N LEU B 106 -8.98 3.54 -26.04
CA LEU B 106 -8.55 3.29 -27.41
C LEU B 106 -7.33 4.13 -27.60
N LYS B 107 -6.24 3.47 -27.96
CA LYS B 107 -4.94 4.15 -27.97
C LYS B 107 -4.20 4.02 -29.30
N ASP B 108 -4.68 3.12 -30.17
CA ASP B 108 -4.09 2.85 -31.49
C ASP B 108 -4.57 3.83 -32.51
N ALA B 109 -3.62 4.35 -33.27
CA ALA B 109 -3.88 5.23 -34.39
C ALA B 109 -4.52 4.51 -35.59
N ILE B 110 -5.59 5.12 -36.12
CA ILE B 110 -6.35 4.62 -37.27
C ILE B 110 -6.04 5.44 -38.55
N PRO B 111 -5.57 4.75 -39.60
CA PRO B 111 -5.38 5.29 -40.93
C PRO B 111 -6.63 6.06 -41.35
N CYS B 112 -6.41 7.27 -41.89
CA CYS B 112 -7.52 8.10 -42.33
C CYS B 112 -7.13 9.05 -43.48
N ARG B 113 -8.11 9.55 -44.23
CA ARG B 113 -7.92 10.62 -45.19
C ARG B 113 -9.05 11.62 -45.02
N ALA B 114 -8.87 12.87 -45.50
CA ALA B 114 -9.92 13.88 -45.49
C ALA B 114 -10.98 13.53 -46.52
N ALA B 115 -12.25 13.88 -46.23
CA ALA B 115 -13.37 13.56 -47.10
C ALA B 115 -13.37 14.51 -48.30
N ARG B 116 -14.00 14.05 -49.40
CA ARG B 116 -14.26 14.87 -50.56
C ARG B 116 -15.01 16.13 -50.14
N GLY B 117 -14.49 17.30 -50.53
CA GLY B 117 -15.10 18.56 -50.17
C GLY B 117 -14.42 19.28 -49.03
N LEU B 118 -13.82 18.52 -48.13
CA LEU B 118 -13.17 19.16 -46.98
C LEU B 118 -11.81 19.67 -47.47
N ASN B 119 -11.64 20.98 -47.51
CA ASN B 119 -10.39 21.54 -48.04
C ASN B 119 -9.34 22.02 -47.02
N HIS B 120 -9.57 21.73 -45.76
CA HIS B 120 -8.59 21.95 -44.73
C HIS B 120 -7.37 21.04 -44.84
N GLU B 121 -6.20 21.60 -44.54
CA GLU B 121 -4.95 20.86 -44.62
C GLU B 121 -4.62 20.37 -43.24
N PHE B 122 -4.82 19.07 -43.01
CA PHE B 122 -4.54 18.58 -41.66
C PHE B 122 -3.05 18.57 -41.34
N LYS B 123 -2.68 19.36 -40.33
CA LYS B 123 -1.39 19.27 -39.63
C LYS B 123 -1.47 18.33 -38.40
N GLU B 124 -0.32 18.09 -37.78
CA GLU B 124 -0.16 17.17 -36.65
C GLU B 124 -0.81 17.74 -35.39
N GLY B 125 -1.71 17.00 -34.78
CA GLY B 125 -2.34 17.46 -33.55
C GLY B 125 -3.71 18.08 -33.74
N ASP B 126 -4.08 18.30 -35.00
CA ASP B 126 -5.41 18.75 -35.38
C ASP B 126 -6.49 17.80 -34.87
N TRP B 127 -7.47 18.38 -34.18
CA TRP B 127 -8.70 17.66 -33.88
C TRP B 127 -9.65 17.65 -35.08
N ALA B 128 -10.20 16.47 -35.30
CA ALA B 128 -11.15 16.18 -36.34
C ALA B 128 -12.32 15.37 -35.83
N VAL B 129 -13.46 15.50 -36.51
CA VAL B 129 -14.54 14.53 -36.50
C VAL B 129 -14.19 13.47 -37.57
N ALA B 130 -14.41 12.19 -37.25
CA ALA B 130 -14.13 11.12 -38.18
C ALA B 130 -15.27 10.15 -38.24
N GLU B 131 -15.30 9.38 -39.32
CA GLU B 131 -16.21 8.27 -39.49
C GLU B 131 -15.44 7.03 -39.91
N ARG B 133 -14.72 3.69 -41.67
CA ARG B 133 -15.06 3.13 -42.97
C ARG B 133 -14.71 1.65 -43.11
N ARG B 134 -13.64 1.21 -42.43
CA ARG B 134 -13.08 -0.11 -42.67
C ARG B 134 -12.79 -0.83 -41.36
N HIS B 135 -13.04 -2.13 -41.37
CA HIS B 135 -12.83 -2.95 -40.18
C HIS B 135 -12.32 -4.33 -40.67
N PRO B 136 -11.25 -4.87 -40.05
CA PRO B 136 -10.81 -6.23 -40.42
C PRO B 136 -11.87 -7.30 -40.37
N LEU B 137 -12.90 -7.11 -39.55
CA LEU B 137 -14.00 -8.09 -39.49
C LEU B 137 -14.99 -7.90 -40.61
N LYS B 138 -14.90 -6.80 -41.35
CA LYS B 138 -15.74 -6.72 -42.57
C LYS B 138 -15.04 -7.20 -43.87
N GLY B 139 -13.91 -7.91 -43.70
CA GLY B 139 -13.09 -8.40 -44.83
C GLY B 139 -11.93 -7.49 -45.23
N ASP B 140 -11.80 -6.35 -44.55
CA ASP B 140 -10.83 -5.30 -44.90
C ASP B 140 -9.42 -5.54 -44.35
N ARG B 141 -8.39 -5.18 -45.10
CA ARG B 141 -7.04 -5.32 -44.56
C ARG B 141 -6.78 -4.56 -43.28
N SER B 142 -7.39 -3.40 -43.09
CA SER B 142 -7.23 -2.73 -41.81
C SER B 142 -8.36 -1.75 -41.49
N PHE B 143 -8.28 -1.16 -40.29
CA PHE B 143 -9.15 -0.10 -39.84
C PHE B 143 -8.91 1.14 -40.69
N TYR B 144 -9.98 1.80 -41.09
CA TYR B 144 -9.81 3.01 -41.83
C TYR B 144 -10.91 3.97 -41.52
N ALA B 145 -10.60 5.25 -41.48
CA ALA B 145 -11.57 6.32 -41.20
C ALA B 145 -11.47 7.44 -42.21
N GLU B 146 -12.54 8.19 -42.33
CA GLU B 146 -12.53 9.41 -43.15
C GLU B 146 -12.67 10.60 -42.26
N LEU B 147 -11.79 11.58 -42.38
CA LEU B 147 -12.00 12.86 -41.70
C LEU B 147 -13.11 13.65 -42.37
N THR B 148 -14.15 13.97 -41.61
CA THR B 148 -15.34 14.71 -42.12
C THR B 148 -15.40 16.18 -41.72
N GLN B 149 -14.63 16.56 -40.71
CA GLN B 149 -14.67 17.94 -40.24
C GLN B 149 -13.41 18.26 -39.46
N TYR B 150 -12.88 19.46 -39.64
CA TYR B 150 -11.79 19.93 -38.81
C TYR B 150 -12.41 20.69 -37.66
N ILE B 151 -11.84 20.52 -36.47
CA ILE B 151 -12.43 21.13 -35.29
C ILE B 151 -11.60 22.29 -34.83
N THR B 152 -10.31 22.04 -34.59
CA THR B 152 -9.38 23.04 -34.10
C THR B 152 -7.96 22.46 -34.06
N PHE B 153 -6.97 23.33 -33.93
CA PHE B 153 -5.57 22.93 -33.76
C PHE B 153 -5.29 22.39 -32.38
N GLY B 154 -4.16 21.71 -32.24
CA GLY B 154 -3.83 21.01 -31.02
C GLY B 154 -3.60 21.90 -29.81
N ASP B 155 -2.92 23.02 -30.01
CA ASP B 155 -2.57 23.91 -28.90
C ASP B 155 -3.73 24.72 -28.36
N ASP B 156 -4.85 24.74 -29.08
CA ASP B 156 -5.97 25.66 -28.85
C ASP B 156 -6.47 25.51 -27.43
N HIS B 157 -6.42 26.63 -26.71
CA HIS B 157 -6.85 26.65 -25.31
C HIS B 157 -8.32 26.32 -25.24
N PHE B 158 -9.05 26.57 -26.33
CA PHE B 158 -10.49 26.32 -26.30
C PHE B 158 -10.97 24.89 -26.73
N VAL B 159 -10.01 23.98 -26.85
CA VAL B 159 -10.28 22.59 -27.20
C VAL B 159 -11.49 21.93 -26.46
N PRO B 160 -11.60 22.07 -25.10
CA PRO B 160 -12.75 21.53 -24.35
C PRO B 160 -14.11 21.99 -24.84
N TRP B 161 -14.23 23.22 -25.30
CA TRP B 161 -15.53 23.66 -25.81
C TRP B 161 -15.77 23.14 -27.24
N TRP B 162 -14.76 23.25 -28.12
CA TRP B 162 -14.89 22.88 -29.53
C TRP B 162 -15.03 21.39 -29.75
N VAL B 163 -14.10 20.61 -29.19
CA VAL B 163 -14.15 19.17 -29.31
C VAL B 163 -15.44 18.58 -28.79
N THR B 164 -15.91 19.08 -27.66
CA THR B 164 -17.13 18.60 -27.05
C THR B 164 -18.34 18.85 -27.91
N LEU B 165 -18.42 20.04 -28.48
CA LEU B 165 -19.54 20.39 -29.34
C LEU B 165 -19.52 19.55 -30.61
N ALA B 166 -18.34 19.36 -31.20
CA ALA B 166 -18.28 18.57 -32.44
C ALA B 166 -18.66 17.12 -32.18
N ARG B 167 -18.15 16.53 -31.10
CA ARG B 167 -18.46 15.12 -30.77
C ARG B 167 -19.90 14.83 -30.53
N HIS B 168 -20.67 15.81 -30.07
CA HIS B 168 -22.11 15.53 -29.91
C HIS B 168 -22.84 16.11 -31.09
N ASN B 169 -22.09 16.79 -31.95
CA ASN B 169 -22.64 17.39 -33.14
C ASN B 169 -23.72 18.43 -32.75
N LEU B 170 -23.31 19.44 -31.96
CA LEU B 170 -24.24 20.45 -31.49
C LEU B 170 -23.87 21.83 -32.00
N GLU B 171 -24.87 22.71 -32.12
CA GLU B 171 -24.64 24.07 -32.63
C GLU B 171 -23.59 24.78 -31.78
N LYS B 172 -22.81 25.66 -32.40
CA LYS B 172 -21.70 26.39 -31.75
C LYS B 172 -22.02 27.89 -31.58
N GLU B 173 -23.14 28.33 -32.16
CA GLU B 173 -23.59 29.72 -31.99
C GLU B 173 -25.10 29.84 -31.90
N ALA B 174 -25.54 31.04 -31.55
CA ALA B 174 -26.96 31.38 -31.53
C ALA B 174 -27.50 31.27 -32.93
N PRO B 175 -28.81 30.99 -33.07
CA PRO B 175 -29.41 31.23 -34.38
C PRO B 175 -29.44 32.72 -34.73
N ASP B 176 -29.23 33.04 -36.01
CA ASP B 176 -29.49 34.41 -36.43
C ASP B 176 -30.82 34.44 -37.18
N GLY B 177 -31.62 35.48 -36.94
CA GLY B 177 -32.91 35.61 -37.61
C GLY B 177 -33.51 36.98 -37.38
N VAL B 178 -33.81 37.70 -38.47
CA VAL B 178 -34.24 39.09 -38.36
C VAL B 178 -35.23 39.22 -37.20
N ALA B 179 -34.92 40.16 -36.29
CA ALA B 179 -35.78 40.47 -35.15
C ALA B 179 -36.98 41.33 -35.60
N THR B 180 -37.95 40.67 -36.24
CA THR B 180 -39.08 41.35 -36.86
C THR B 180 -40.13 41.76 -35.83
N GLU B 181 -41.33 42.11 -36.32
CA GLU B 181 -42.41 42.65 -35.51
C GLU B 181 -43.09 41.60 -34.64
N LEU B 183 -46.75 39.54 -33.12
CA LEU B 183 -47.88 38.77 -33.65
C LEU B 183 -49.17 39.06 -32.89
N ASP B 184 -50.18 39.52 -33.63
CA ASP B 184 -51.48 39.83 -33.02
C ASP B 184 -52.42 38.62 -33.09
N GLU B 185 -53.06 38.34 -31.95
CA GLU B 185 -54.12 37.33 -31.86
C GLU B 185 -55.31 37.89 -31.06
N GLY B 186 -55.99 37.01 -30.31
CA GLY B 186 -57.02 37.46 -29.37
C GLY B 186 -56.31 37.90 -28.11
N LEU B 187 -55.47 38.91 -28.24
CA LEU B 187 -54.60 39.36 -27.15
C LEU B 187 -55.31 40.37 -26.28
N VAL B 188 -56.16 39.86 -25.39
CA VAL B 188 -56.89 40.71 -24.45
C VAL B 188 -56.03 40.85 -23.18
N ARG B 189 -54.99 41.67 -23.33
CA ARG B 189 -53.93 41.88 -22.34
C ARG B 189 -54.31 42.93 -21.33
N GLU B 190 -54.43 42.54 -20.05
CA GLU B 190 -54.66 43.52 -19.00
C GLU B 190 -53.40 44.33 -18.71
N ASP B 191 -53.54 45.65 -18.61
CA ASP B 191 -52.39 46.52 -18.38
C ASP B 191 -51.97 46.45 -16.91
N LEU B 192 -51.57 45.25 -16.49
CA LEU B 192 -51.22 44.97 -15.08
C LEU B 192 -50.01 45.76 -14.61
N THR B 193 -49.94 47.03 -14.98
CA THR B 193 -48.71 47.76 -14.79
C THR B 193 -48.62 48.44 -13.41
N ALA B 194 -49.74 49.00 -12.94
CA ALA B 194 -49.74 49.61 -11.60
C ALA B 194 -49.38 48.60 -10.48
N LEU B 195 -49.41 47.32 -10.80
CA LEU B 195 -48.98 46.27 -9.87
C LEU B 195 -47.46 46.19 -9.68
N ASP B 196 -47.05 45.82 -8.47
CA ASP B 196 -45.65 45.83 -8.10
C ASP B 196 -44.98 44.46 -8.35
N PHE B 197 -44.77 44.15 -9.62
CA PHE B 197 -44.08 42.94 -10.02
C PHE B 197 -42.58 43.03 -9.75
N VAL B 198 -42.03 41.90 -9.34
CA VAL B 198 -40.60 41.76 -9.07
C VAL B 198 -40.00 40.65 -9.91
N THR B 199 -38.68 40.73 -10.09
CA THR B 199 -37.87 39.72 -10.76
C THR B 199 -36.74 39.40 -9.81
N ILE B 200 -36.67 38.15 -9.37
CA ILE B 200 -35.58 37.76 -8.47
C ILE B 200 -34.70 36.74 -9.16
N ASP B 201 -33.45 37.13 -9.39
CA ASP B 201 -32.51 36.34 -10.18
C ASP B 201 -31.10 36.60 -9.65
N SER B 202 -30.12 35.80 -10.13
CA SER B 202 -28.69 36.11 -10.03
C SER B 202 -28.28 37.33 -10.89
N ALA B 203 -27.89 38.43 -10.24
CA ALA B 203 -27.54 39.70 -10.92
C ALA B 203 -26.48 39.57 -12.02
N SER B 204 -25.65 38.54 -11.91
CA SER B 204 -24.56 38.28 -12.85
C SER B 204 -24.99 38.33 -14.32
N THR B 205 -26.19 37.81 -14.60
CA THR B 205 -26.72 37.76 -15.98
C THR B 205 -28.09 38.45 -16.09
N GLU B 206 -28.15 39.50 -16.90
CA GLU B 206 -29.38 40.24 -17.13
C GLU B 206 -30.30 39.48 -18.11
N ASP B 207 -30.75 38.28 -17.73
CA ASP B 207 -31.68 37.50 -18.56
C ASP B 207 -33.16 37.78 -18.26
N ASP B 209 -36.63 36.09 -17.24
CA ASP B 209 -37.77 35.61 -18.04
C ASP B 209 -39.01 35.45 -17.16
N ASP B 210 -38.80 35.52 -15.85
CA ASP B 210 -39.85 35.29 -14.86
C ASP B 210 -40.06 36.52 -13.96
N ALA B 211 -41.32 36.92 -13.81
CA ALA B 211 -41.70 37.97 -12.84
C ALA B 211 -42.86 37.55 -11.94
N LEU B 212 -42.90 38.12 -10.73
CA LEU B 212 -43.85 37.71 -9.70
C LEU B 212 -44.55 38.88 -9.00
N PHE B 213 -45.84 38.73 -8.70
CA PHE B 213 -46.53 39.66 -7.80
C PHE B 213 -47.24 38.94 -6.68
N ALA B 214 -47.23 39.51 -5.48
CA ALA B 214 -47.96 38.93 -4.35
C ALA B 214 -48.91 39.89 -3.60
N LYS B 215 -50.11 39.41 -3.25
CA LYS B 215 -51.04 40.16 -2.41
C LYS B 215 -51.79 39.29 -1.39
N ALA B 216 -52.05 39.88 -0.23
CA ALA B 216 -52.78 39.25 0.86
C ALA B 216 -54.26 39.12 0.50
N LEU B 217 -54.86 38.03 0.95
CA LEU B 217 -56.29 37.81 0.76
C LEU B 217 -56.97 37.52 2.12
N PRO B 218 -58.31 37.27 2.13
CA PRO B 218 -59.01 37.21 3.41
C PRO B 218 -58.81 35.87 4.11
N ASP B 219 -58.87 35.87 5.44
CA ASP B 219 -58.63 34.66 6.24
C ASP B 219 -57.30 33.99 5.85
N ASP B 220 -56.21 34.67 6.22
CA ASP B 220 -54.82 34.22 5.99
C ASP B 220 -54.56 33.48 4.68
N LYS B 221 -55.04 34.07 3.57
CA LYS B 221 -54.89 33.53 2.21
C LYS B 221 -54.02 34.43 1.35
N LEU B 222 -53.30 33.83 0.41
CA LEU B 222 -52.41 34.56 -0.47
C LEU B 222 -52.76 34.44 -1.97
N GLN B 223 -52.48 35.52 -2.69
CA GLN B 223 -52.58 35.55 -4.15
C GLN B 223 -51.21 35.56 -4.80
N LEU B 224 -51.05 34.73 -5.82
CA LEU B 224 -49.84 34.77 -6.60
C LEU B 224 -50.13 34.91 -8.08
N ILE B 225 -49.63 35.98 -8.68
CA ILE B 225 -49.47 36.03 -10.11
C ILE B 225 -47.99 35.77 -10.44
N VAL B 226 -47.77 34.87 -11.40
CA VAL B 226 -46.47 34.64 -12.01
C VAL B 226 -46.54 35.01 -13.50
N ALA B 227 -45.60 35.84 -13.93
CA ALA B 227 -45.68 36.36 -15.28
C ALA B 227 -44.44 35.93 -16.01
N ILE B 228 -44.66 35.26 -17.13
CA ILE B 228 -43.53 34.73 -17.89
C ILE B 228 -43.41 35.52 -19.19
N ALA B 229 -42.17 35.78 -19.61
CA ALA B 229 -41.91 36.35 -20.94
C ALA B 229 -42.75 35.69 -22.03
N ASP B 230 -42.90 36.37 -23.15
CA ASP B 230 -43.84 35.97 -24.16
C ASP B 230 -43.14 36.03 -25.53
N PRO B 231 -42.21 35.09 -25.80
CA PRO B 231 -41.49 35.04 -27.07
C PRO B 231 -42.35 34.53 -28.22
N THR B 232 -43.50 33.94 -27.88
CA THR B 232 -44.45 33.40 -28.85
C THR B 232 -45.34 34.49 -29.45
N ALA B 233 -44.87 35.71 -29.30
CA ALA B 233 -45.50 36.89 -29.84
C ALA B 233 -44.53 37.53 -30.84
N TRP B 234 -43.43 36.84 -31.12
CA TRP B 234 -42.51 37.26 -32.15
C TRP B 234 -42.17 36.07 -33.04
N ILE B 235 -42.28 34.86 -32.49
CA ILE B 235 -41.94 33.64 -33.22
C ILE B 235 -43.21 32.85 -33.42
N ALA B 236 -43.64 32.79 -34.69
CA ALA B 236 -44.77 31.98 -35.08
C ALA B 236 -44.30 30.57 -35.44
N GLU B 237 -45.23 29.62 -35.37
CA GLU B 237 -44.98 28.27 -35.85
C GLU B 237 -44.76 28.26 -37.37
N GLY B 238 -43.73 27.57 -37.79
CA GLY B 238 -43.36 27.52 -39.19
C GLY B 238 -42.32 28.56 -39.54
N SER B 239 -42.17 29.56 -38.70
CA SER B 239 -41.11 30.55 -38.89
C SER B 239 -39.77 29.81 -38.98
N LYS B 240 -38.81 30.34 -39.74
CA LYS B 240 -37.49 29.71 -39.83
C LYS B 240 -36.90 29.64 -38.43
N LEU B 241 -37.23 30.63 -37.60
CA LEU B 241 -36.85 30.66 -36.20
C LEU B 241 -37.41 29.46 -35.45
N ASP B 242 -38.67 29.12 -35.71
CA ASP B 242 -39.33 27.99 -35.02
C ASP B 242 -38.69 26.65 -35.40
N LYS B 243 -38.17 26.59 -36.61
CA LYS B 243 -37.47 25.42 -37.12
C LYS B 243 -36.17 25.24 -36.34
N ALA B 244 -35.43 26.34 -36.16
CA ALA B 244 -34.16 26.31 -35.44
C ALA B 244 -34.38 25.92 -33.99
N ALA B 245 -35.29 26.64 -33.33
CA ALA B 245 -35.63 26.41 -31.94
C ALA B 245 -35.94 24.94 -31.66
N LYS B 246 -36.73 24.33 -32.54
CA LYS B 246 -37.21 22.95 -32.43
C LYS B 246 -36.10 21.96 -32.60
N ILE B 247 -35.11 22.33 -33.42
CA ILE B 247 -33.95 21.47 -33.65
C ILE B 247 -33.09 21.45 -32.41
N ARG B 248 -32.83 22.64 -31.88
CA ARG B 248 -32.03 22.86 -30.66
C ARG B 248 -32.71 22.42 -29.36
N ALA B 249 -34.03 22.64 -29.24
CA ALA B 249 -34.88 22.08 -28.15
C ALA B 249 -34.71 22.66 -26.74
N PHE B 250 -33.46 23.01 -26.43
CA PHE B 250 -32.99 23.55 -25.14
C PHE B 250 -31.77 24.41 -25.44
N THR B 251 -31.65 25.54 -24.75
CA THR B 251 -30.36 26.22 -24.59
C THR B 251 -29.30 25.29 -23.94
N ASN B 252 -28.18 25.10 -24.63
CA ASN B 252 -27.04 24.34 -24.12
C ASN B 252 -26.12 25.15 -23.22
N TYR B 253 -26.20 24.89 -21.94
CA TYR B 253 -25.31 25.50 -20.96
C TYR B 253 -24.07 24.72 -20.76
N LEU B 254 -22.95 25.33 -21.14
CA LEU B 254 -21.63 24.79 -20.83
C LEU B 254 -20.88 25.73 -19.87
N PRO B 255 -19.91 25.18 -19.08
CA PRO B 255 -18.98 25.96 -18.27
C PRO B 255 -18.46 27.18 -19.02
N GLY B 256 -18.96 28.34 -18.64
CA GLY B 256 -18.56 29.62 -19.18
C GLY B 256 -19.14 30.04 -20.52
N PHE B 257 -20.06 29.27 -21.08
CA PHE B 257 -20.40 29.49 -22.45
C PHE B 257 -21.71 28.84 -22.74
N ASN B 258 -22.72 29.63 -23.08
CA ASN B 258 -23.98 29.05 -23.56
C ASN B 258 -24.24 29.23 -25.07
N ILE B 259 -24.99 28.30 -25.63
CA ILE B 259 -25.43 28.37 -27.01
C ILE B 259 -26.93 28.56 -26.96
N PRO B 260 -27.38 29.78 -27.23
CA PRO B 260 -28.80 30.13 -27.14
C PRO B 260 -29.67 29.40 -28.16
N LEU B 262 -32.61 30.68 -29.05
CA LEU B 262 -33.12 31.80 -29.85
C LEU B 262 -32.06 32.91 -29.96
N PRO B 263 -32.21 33.85 -30.93
CA PRO B 263 -31.26 34.95 -31.03
C PRO B 263 -31.28 35.82 -29.78
N ARG B 264 -30.11 36.36 -29.41
CA ARG B 264 -29.97 37.20 -28.24
C ARG B 264 -30.82 38.45 -28.34
N GLU B 265 -31.10 38.88 -29.58
CA GLU B 265 -31.91 40.05 -29.87
C GLU B 265 -33.32 39.89 -29.33
N LEU B 266 -33.69 38.65 -29.06
CA LEU B 266 -35.02 38.34 -28.53
C LEU B 266 -34.95 38.20 -27.01
N SER B 267 -33.98 37.44 -26.55
CA SER B 267 -33.81 37.15 -25.13
C SER B 267 -33.49 38.40 -24.30
N ASP B 268 -32.76 39.34 -24.89
CA ASP B 268 -32.22 40.46 -24.13
C ASP B 268 -33.15 41.65 -24.19
N ASP B 269 -33.48 42.13 -25.38
CA ASP B 269 -34.42 43.24 -25.43
C ASP B 269 -35.89 42.80 -25.40
N LEU B 270 -36.50 42.68 -26.57
CA LEU B 270 -37.93 42.42 -26.74
C LEU B 270 -38.61 41.66 -25.58
N CYS B 271 -38.12 40.47 -25.28
CA CYS B 271 -38.76 39.64 -24.26
C CYS B 271 -38.45 40.05 -22.81
N SER B 272 -37.17 39.99 -22.42
CA SER B 272 -36.66 40.37 -21.09
C SER B 272 -37.47 41.38 -20.27
N LEU B 273 -37.67 41.06 -18.98
CA LEU B 273 -38.56 41.85 -18.10
C LEU B 273 -37.80 42.86 -17.24
N ARG B 274 -37.30 43.89 -17.90
CA ARG B 274 -36.44 44.89 -17.29
C ARG B 274 -37.19 45.76 -16.27
N ALA B 275 -36.46 46.29 -15.29
CA ALA B 275 -37.02 47.26 -14.34
C ALA B 275 -37.59 48.50 -15.03
N ASN B 276 -38.71 48.98 -14.51
CA ASN B 276 -39.38 50.19 -14.97
C ASN B 276 -39.55 50.33 -16.49
N GLU B 277 -39.81 49.22 -17.17
CA GLU B 277 -40.21 49.22 -18.58
C GLU B 277 -41.34 48.23 -18.80
N VAL B 278 -42.13 48.43 -19.87
CA VAL B 278 -43.31 47.61 -20.15
C VAL B 278 -43.04 46.44 -21.09
N ARG B 279 -43.38 45.24 -20.63
CA ARG B 279 -43.22 44.02 -21.42
C ARG B 279 -44.51 43.20 -21.54
N PRO B 280 -44.76 42.60 -22.71
CA PRO B 280 -45.88 41.67 -22.82
C PRO B 280 -45.54 40.30 -22.22
N VAL B 281 -46.36 39.83 -21.28
CA VAL B 281 -46.13 38.56 -20.60
C VAL B 281 -47.25 37.58 -20.89
N LEU B 282 -47.00 36.32 -20.53
CA LEU B 282 -48.07 35.37 -20.32
C LEU B 282 -48.07 35.10 -18.82
N ALA B 283 -49.24 35.19 -18.20
CA ALA B 283 -49.35 35.21 -16.73
C ALA B 283 -50.41 34.27 -16.18
N CYS B 284 -50.31 34.04 -14.87
CA CYS B 284 -51.07 33.00 -14.21
C CYS B 284 -51.49 33.44 -12.82
N ARG B 285 -52.81 33.53 -12.65
CA ARG B 285 -53.44 33.90 -11.40
C ARG B 285 -53.69 32.61 -10.66
N THR B 287 -54.63 31.20 -6.36
CA THR B 287 -54.89 31.48 -4.97
C THR B 287 -54.22 30.36 -4.16
N LEU B 288 -53.85 30.65 -2.92
CA LEU B 288 -53.22 29.63 -2.09
C LEU B 288 -53.81 29.67 -0.69
N SER B 289 -54.39 28.55 -0.26
CA SER B 289 -54.91 28.37 1.11
C SER B 289 -53.84 28.51 2.19
N ALA B 290 -54.28 28.61 3.45
CA ALA B 290 -53.37 28.83 4.59
C ALA B 290 -52.29 27.77 4.73
N ASP B 291 -52.46 26.69 3.98
CA ASP B 291 -51.56 25.54 4.03
C ASP B 291 -50.67 25.46 2.79
N GLY B 292 -50.94 26.30 1.80
CA GLY B 292 -50.18 26.28 0.56
C GLY B 292 -50.87 25.54 -0.57
N THR B 293 -52.01 24.97 -0.28
CA THR B 293 -52.89 24.37 -1.29
C THR B 293 -53.26 25.37 -2.40
N ILE B 294 -52.96 25.02 -3.66
CA ILE B 294 -53.43 25.79 -4.81
C ILE B 294 -54.89 25.44 -5.13
N GLU B 295 -55.80 26.34 -4.75
CA GLU B 295 -57.24 26.15 -4.98
C GLU B 295 -57.58 26.17 -6.47
N ASP B 296 -58.77 25.71 -6.83
CA ASP B 296 -59.13 25.49 -8.24
C ASP B 296 -59.26 26.75 -9.13
N ASN B 297 -59.55 27.91 -8.52
CA ASN B 297 -59.74 29.18 -9.23
C ASN B 297 -58.48 29.79 -9.89
N ILE B 298 -57.86 29.00 -10.76
CA ILE B 298 -56.70 29.45 -11.54
C ILE B 298 -57.11 29.75 -13.00
N GLU B 299 -56.44 30.76 -13.59
CA GLU B 299 -56.69 31.16 -14.96
C GLU B 299 -55.48 31.81 -15.60
N PHE B 300 -55.09 31.29 -16.76
CA PHE B 300 -54.05 31.86 -17.60
C PHE B 300 -54.61 32.87 -18.60
N PHE B 301 -53.84 33.94 -18.81
CA PHE B 301 -54.27 35.10 -19.60
C PHE B 301 -53.05 35.87 -20.11
N ALA B 302 -53.19 36.50 -21.29
CA ALA B 302 -52.17 37.40 -21.81
C ALA B 302 -52.24 38.72 -21.05
N ALA B 303 -51.10 39.41 -20.97
CA ALA B 303 -51.02 40.67 -20.24
C ALA B 303 -49.81 41.52 -20.63
N THR B 304 -49.65 42.63 -19.92
CA THR B 304 -48.58 43.57 -20.13
C THR B 304 -48.24 44.11 -18.76
N ILE B 305 -46.95 44.21 -18.46
CA ILE B 305 -46.49 44.58 -17.12
C ILE B 305 -45.28 45.50 -17.17
N GLU B 306 -44.84 45.97 -16.00
CA GLU B 306 -43.67 46.83 -15.86
C GLU B 306 -43.00 46.57 -14.50
N SER B 307 -41.90 45.82 -14.50
CA SER B 307 -41.21 45.46 -13.25
C SER B 307 -40.70 46.68 -12.49
N LYS B 308 -40.84 46.67 -11.17
CA LYS B 308 -40.53 47.84 -10.33
C LYS B 308 -39.23 47.64 -9.54
N ALA B 309 -38.53 46.56 -9.87
CA ALA B 309 -37.26 46.20 -9.26
C ALA B 309 -36.73 44.90 -9.82
N LYS B 310 -35.44 44.96 -10.19
CA LYS B 310 -34.55 43.83 -10.41
C LYS B 310 -33.94 43.48 -9.07
N LEU B 311 -34.24 42.31 -8.54
CA LEU B 311 -33.66 41.88 -7.26
C LEU B 311 -32.67 40.71 -7.40
N VAL B 312 -31.66 40.70 -6.52
CA VAL B 312 -30.55 39.75 -6.56
C VAL B 312 -30.67 38.69 -5.45
N TYR B 313 -30.49 37.41 -5.77
CA TYR B 313 -30.78 36.34 -4.79
C TYR B 313 -30.08 36.55 -3.43
N ASP B 314 -28.83 37.01 -3.46
CA ASP B 314 -28.03 37.13 -2.21
C ASP B 314 -28.44 38.35 -1.41
N GLN B 315 -28.70 39.46 -2.11
CA GLN B 315 -29.24 40.67 -1.51
C GLN B 315 -30.55 40.37 -0.81
N VAL B 316 -31.42 39.60 -1.45
CA VAL B 316 -32.77 39.38 -0.92
C VAL B 316 -32.70 38.45 0.29
N SER B 317 -31.90 37.40 0.18
CA SER B 317 -31.68 36.46 1.27
C SER B 317 -31.02 37.11 2.49
N ASP B 318 -30.04 37.98 2.25
CA ASP B 318 -29.29 38.64 3.32
C ASP B 318 -30.24 39.49 4.14
N TRP B 319 -31.14 40.18 3.44
CA TRP B 319 -32.12 41.07 4.07
C TRP B 319 -33.11 40.32 4.96
N LEU B 320 -33.78 39.33 4.38
CA LEU B 320 -34.66 38.45 5.13
C LEU B 320 -33.96 37.89 6.38
N GLU B 321 -32.72 37.46 6.23
CA GLU B 321 -31.90 37.06 7.38
C GLU B 321 -31.54 38.25 8.31
N ASN B 322 -31.03 39.33 7.72
CA ASN B 322 -30.55 40.56 8.41
C ASN B 322 -29.09 40.80 8.05
N THR B 323 -28.85 41.68 7.08
CA THR B 323 -27.49 42.06 6.69
C THR B 323 -27.12 43.50 7.08
N GLY B 324 -25.96 43.94 6.61
CA GLY B 324 -25.53 45.33 6.75
C GLY B 324 -25.45 46.03 5.41
N ASP B 325 -25.70 45.29 4.33
CA ASP B 325 -25.56 45.82 2.99
C ASP B 325 -26.88 46.45 2.48
N TRP B 326 -27.67 45.65 1.78
CA TRP B 326 -28.82 46.10 0.97
C TRP B 326 -30.13 46.25 1.74
N GLN B 327 -31.07 46.97 1.14
CA GLN B 327 -32.44 47.16 1.64
C GLN B 327 -33.29 47.54 0.42
N PRO B 328 -34.52 47.00 0.32
CA PRO B 328 -35.39 47.35 -0.80
C PRO B 328 -35.54 48.87 -0.98
N GLU B 329 -35.46 49.35 -2.22
CA GLU B 329 -35.37 50.78 -2.50
C GLU B 329 -36.69 51.53 -2.24
N SER B 330 -37.79 50.79 -2.11
CA SER B 330 -39.11 51.38 -1.81
C SER B 330 -39.90 50.51 -0.84
N GLU B 331 -40.88 51.10 -0.18
CA GLU B 331 -41.64 50.37 0.84
C GLU B 331 -42.48 49.23 0.28
N ALA B 332 -43.04 49.44 -0.92
CA ALA B 332 -43.92 48.48 -1.56
C ALA B 332 -43.16 47.30 -2.15
N ILE B 333 -41.88 47.50 -2.48
CA ILE B 333 -40.95 46.39 -2.77
C ILE B 333 -40.75 45.53 -1.53
N ALA B 334 -40.32 46.14 -0.42
CA ALA B 334 -40.14 45.44 0.85
C ALA B 334 -41.34 44.59 1.23
N GLU B 335 -42.54 45.08 0.88
CA GLU B 335 -43.81 44.37 1.08
C GLU B 335 -43.82 43.09 0.25
N GLN B 336 -43.63 43.25 -1.06
CA GLN B 336 -43.56 42.10 -1.99
C GLN B 336 -42.74 40.97 -1.47
N VAL B 337 -41.49 41.28 -1.15
CA VAL B 337 -40.49 40.32 -0.69
C VAL B 337 -41.02 39.45 0.45
N ARG B 338 -41.53 40.09 1.50
CA ARG B 338 -42.12 39.45 2.68
C ARG B 338 -43.34 38.59 2.38
N LEU B 339 -44.07 38.94 1.33
CA LEU B 339 -45.26 38.19 0.98
C LEU B 339 -44.82 36.91 0.32
N LEU B 340 -44.00 37.08 -0.71
CA LEU B 340 -43.38 35.97 -1.43
C LEU B 340 -42.69 34.98 -0.53
N ALA B 341 -42.15 35.44 0.61
CA ALA B 341 -41.49 34.51 1.55
C ALA B 341 -42.54 33.67 2.29
N GLN B 342 -43.62 34.32 2.74
CA GLN B 342 -44.83 33.64 3.27
C GLN B 342 -45.48 32.70 2.25
N ILE B 343 -45.51 33.08 0.98
CA ILE B 343 -45.83 32.13 -0.09
C ILE B 343 -44.81 30.99 -0.09
N CYS B 344 -43.53 31.29 -0.31
CA CYS B 344 -42.51 30.28 -0.21
C CYS B 344 -42.72 29.40 1.03
N GLN B 345 -42.95 30.01 2.19
CA GLN B 345 -42.99 29.25 3.45
C GLN B 345 -44.07 28.22 3.51
N ARG B 346 -45.32 28.65 3.27
CA ARG B 346 -46.49 27.75 3.23
C ARG B 346 -46.34 26.67 2.17
N ARG B 347 -45.81 27.08 1.03
CA ARG B 347 -45.86 26.32 -0.19
C ARG B 347 -44.75 25.27 -0.19
N GLY B 348 -43.67 25.58 0.53
CA GLY B 348 -42.64 24.59 0.89
C GLY B 348 -43.14 23.57 1.90
N GLU B 349 -43.95 24.01 2.86
CA GLU B 349 -44.63 23.11 3.82
C GLU B 349 -45.63 22.11 3.19
N TRP B 350 -46.31 22.54 2.14
CA TRP B 350 -47.30 21.68 1.49
C TRP B 350 -46.58 20.51 0.83
N ARG B 351 -45.47 20.82 0.16
CA ARG B 351 -44.68 19.81 -0.56
C ARG B 351 -43.92 18.88 0.38
N HIS B 352 -43.76 19.31 1.62
CA HIS B 352 -43.21 18.47 2.65
C HIS B 352 -44.23 17.44 3.10
N ASN B 353 -45.46 17.89 3.19
CA ASN B 353 -46.58 17.11 3.70
C ASN B 353 -47.26 16.23 2.69
N HIS B 354 -47.27 16.65 1.43
CA HIS B 354 -48.11 16.01 0.42
C HIS B 354 -47.35 15.56 -0.82
N ALA B 355 -46.09 15.99 -0.92
CA ALA B 355 -45.20 15.54 -1.99
C ALA B 355 -43.78 15.25 -1.46
N LEU B 356 -42.78 15.44 -2.31
CA LEU B 356 -41.37 15.20 -1.99
C LEU B 356 -40.58 16.50 -2.17
N VAL B 357 -39.72 16.83 -1.21
CA VAL B 357 -38.81 17.95 -1.46
C VAL B 357 -37.45 17.43 -1.86
N PHE B 358 -37.02 17.81 -3.05
CA PHE B 358 -35.72 17.36 -3.55
C PHE B 358 -34.61 17.91 -2.67
N LYS B 359 -33.85 16.95 -2.13
CA LYS B 359 -32.62 17.20 -1.40
C LYS B 359 -31.55 17.61 -2.40
N ASP B 360 -31.40 18.91 -2.58
CA ASP B 360 -30.54 19.47 -3.62
C ASP B 360 -29.06 19.19 -3.35
N ARG B 361 -28.40 18.70 -4.39
CA ARG B 361 -26.98 18.39 -4.39
C ARG B 361 -26.20 19.70 -4.67
N PRO B 362 -24.90 19.76 -4.27
CA PRO B 362 -24.17 21.04 -4.45
C PRO B 362 -24.11 21.40 -5.93
N ASP B 363 -24.45 22.63 -6.25
CA ASP B 363 -24.41 23.10 -7.63
C ASP B 363 -23.09 23.81 -7.89
N TYR B 364 -22.21 23.15 -8.63
CA TYR B 364 -20.83 23.56 -8.83
C TYR B 364 -20.77 24.51 -9.99
N ARG B 365 -20.02 25.59 -9.89
CA ARG B 365 -19.87 26.51 -10.99
C ARG B 365 -18.38 26.67 -11.21
N PHE B 366 -17.98 26.63 -12.48
CA PHE B 366 -16.60 26.83 -12.87
C PHE B 366 -16.44 28.33 -13.00
N ILE B 367 -15.44 28.88 -12.31
CA ILE B 367 -15.09 30.27 -12.34
C ILE B 367 -13.88 30.34 -13.25
N LEU B 368 -14.08 30.84 -14.47
CA LEU B 368 -12.99 30.81 -15.48
C LEU B 368 -12.24 32.16 -15.66
N GLY B 369 -11.00 32.09 -16.15
CA GLY B 369 -10.23 33.29 -16.53
C GLY B 369 -10.30 33.57 -18.02
N GLU B 370 -9.30 34.29 -18.54
CA GLU B 370 -9.31 34.85 -19.92
C GLU B 370 -9.25 33.80 -21.01
N LYS B 371 -8.14 33.07 -21.10
CA LYS B 371 -8.07 31.90 -21.96
C LYS B 371 -8.76 30.67 -21.31
N GLY B 372 -9.90 30.95 -20.65
CA GLY B 372 -10.75 29.89 -20.08
C GLY B 372 -10.09 29.13 -18.95
N GLU B 373 -9.09 29.77 -18.33
CA GLU B 373 -8.35 29.18 -17.23
C GLU B 373 -9.32 28.96 -16.10
N VAL B 374 -9.13 27.88 -15.35
CA VAL B 374 -10.01 27.61 -14.25
C VAL B 374 -9.42 28.26 -13.03
N LEU B 375 -10.09 29.28 -12.48
CA LEU B 375 -9.64 29.91 -11.24
C LEU B 375 -10.19 29.23 -9.99
N ASP B 376 -11.43 28.78 -10.01
CA ASP B 376 -11.94 28.00 -8.89
C ASP B 376 -13.20 27.29 -9.34
N ILE B 377 -13.68 26.36 -8.53
CA ILE B 377 -14.89 25.62 -8.78
C ILE B 377 -15.60 25.48 -7.46
N VAL B 378 -16.68 26.25 -7.30
CA VAL B 378 -17.35 26.32 -6.04
C VAL B 378 -18.84 26.05 -6.22
N ALA B 379 -19.48 25.67 -5.11
CA ALA B 379 -20.90 25.39 -5.12
C ALA B 379 -21.49 26.56 -4.43
N GLU B 380 -22.59 27.04 -4.97
CA GLU B 380 -23.32 28.09 -4.30
C GLU B 380 -24.41 27.39 -3.53
N PRO B 381 -24.51 27.69 -2.22
CA PRO B 381 -25.57 27.07 -1.39
C PRO B 381 -26.87 27.79 -1.71
N ARG B 382 -27.96 27.04 -1.88
CA ARG B 382 -29.23 27.66 -2.17
C ARG B 382 -29.79 28.37 -0.92
N ARG B 383 -30.03 29.67 -1.05
CA ARG B 383 -30.55 30.45 0.06
C ARG B 383 -32.06 30.61 0.01
N ILE B 384 -32.59 31.39 0.94
CA ILE B 384 -34.03 31.56 1.03
C ILE B 384 -34.64 32.19 -0.25
N ALA B 385 -33.93 33.12 -0.88
CA ALA B 385 -34.45 33.80 -2.06
C ALA B 385 -34.53 32.85 -3.25
N ASN B 386 -33.55 31.95 -3.33
CA ASN B 386 -33.54 30.84 -4.26
C ASN B 386 -34.74 29.90 -4.15
N ARG B 387 -35.09 29.56 -2.93
CA ARG B 387 -36.30 28.83 -2.63
C ARG B 387 -37.58 29.60 -3.04
N ILE B 388 -37.62 30.91 -2.82
CA ILE B 388 -38.78 31.73 -3.16
C ILE B 388 -39.09 31.61 -4.66
N VAL B 389 -38.07 31.80 -5.49
CA VAL B 389 -38.26 31.73 -6.95
C VAL B 389 -38.53 30.30 -7.35
N GLU B 390 -38.12 29.37 -6.51
CA GLU B 390 -38.28 27.93 -6.76
C GLU B 390 -39.74 27.47 -6.62
N GLU B 391 -40.31 27.68 -5.44
CA GLU B 391 -41.66 27.22 -5.14
C GLU B 391 -42.73 27.86 -6.03
N ALA B 392 -42.49 29.13 -6.40
CA ALA B 392 -43.32 29.87 -7.38
C ALA B 392 -43.34 29.27 -8.78
N ILE B 394 -42.76 26.22 -9.43
CA ILE B 394 -43.31 24.89 -9.33
C ILE B 394 -44.81 24.99 -9.28
N ALA B 395 -45.32 25.79 -8.34
CA ALA B 395 -46.75 26.08 -8.24
C ALA B 395 -47.33 26.59 -9.55
N ALA B 396 -46.56 27.41 -10.26
CA ALA B 396 -46.95 27.91 -11.58
C ALA B 396 -46.99 26.77 -12.57
N ASN B 397 -46.06 25.83 -12.46
CA ASN B 397 -45.95 24.79 -13.45
C ASN B 397 -46.98 23.67 -13.28
N ILE B 398 -47.43 23.50 -12.05
CA ILE B 398 -48.51 22.58 -11.75
C ILE B 398 -49.82 23.13 -12.34
N CYS B 399 -49.99 24.44 -12.35
CA CYS B 399 -51.16 25.08 -12.97
C CYS B 399 -51.23 24.67 -14.43
N ALA B 400 -50.20 25.00 -15.20
CA ALA B 400 -50.18 24.69 -16.61
C ALA B 400 -50.53 23.23 -16.80
N ALA B 401 -50.23 22.43 -15.80
CA ALA B 401 -50.39 21.00 -15.93
C ALA B 401 -51.83 20.69 -15.58
N ARG B 402 -52.36 21.44 -14.63
CA ARG B 402 -53.70 21.24 -14.15
C ARG B 402 -54.65 21.80 -15.18
N VAL B 403 -54.18 22.79 -15.95
CA VAL B 403 -55.03 23.49 -16.91
C VAL B 403 -55.03 22.74 -18.25
N LEU B 404 -53.87 22.45 -18.81
CA LEU B 404 -53.85 21.74 -20.08
C LEU B 404 -54.45 20.32 -19.98
N ARG B 405 -54.86 19.91 -18.77
CA ARG B 405 -55.50 18.58 -18.57
C ARG B 405 -57.03 18.67 -18.45
N ASP B 406 -57.51 19.84 -18.02
CA ASP B 406 -58.93 20.12 -17.79
C ASP B 406 -59.56 20.87 -18.97
N LYS B 407 -58.71 21.25 -19.92
CA LYS B 407 -59.15 21.94 -21.12
C LYS B 407 -58.67 21.21 -22.36
N LEU B 408 -57.38 21.31 -22.68
CA LEU B 408 -56.85 20.67 -23.89
C LEU B 408 -56.68 19.16 -23.70
N GLY B 409 -56.55 18.75 -22.43
CA GLY B 409 -56.30 17.36 -22.08
C GLY B 409 -55.07 16.78 -22.74
N PHE B 410 -54.25 17.65 -23.33
CA PHE B 410 -52.92 17.27 -23.81
C PHE B 410 -51.87 18.36 -23.63
N GLY B 411 -50.64 18.10 -24.07
CA GLY B 411 -49.54 19.06 -23.94
C GLY B 411 -48.25 18.39 -23.50
N ILE B 412 -47.12 19.06 -23.70
CA ILE B 412 -45.79 18.53 -23.34
C ILE B 412 -45.56 18.50 -21.82
N TYR B 413 -45.63 17.29 -21.26
CA TYR B 413 -45.59 17.02 -19.81
C TYR B 413 -44.25 16.39 -19.39
N ASN B 414 -43.86 16.60 -18.13
CA ASN B 414 -42.69 15.93 -17.53
C ASN B 414 -43.11 14.79 -16.60
N VAL B 415 -42.71 13.56 -16.96
CA VAL B 415 -43.37 12.39 -16.40
C VAL B 415 -42.40 11.37 -15.82
N HIS B 416 -42.83 10.75 -14.73
CA HIS B 416 -42.01 9.79 -14.00
C HIS B 416 -42.81 8.57 -13.64
N GLY B 418 -41.92 5.89 -11.90
CA GLY B 418 -41.68 5.42 -10.55
C GLY B 418 -41.02 4.07 -10.66
N PHE B 419 -41.25 3.21 -9.67
CA PHE B 419 -40.67 1.87 -9.67
C PHE B 419 -41.44 0.97 -10.60
N ASP B 420 -40.71 0.37 -11.54
CA ASP B 420 -41.23 -0.65 -12.44
C ASP B 420 -42.00 -1.74 -11.69
N PRO B 421 -43.25 -2.01 -12.10
CA PRO B 421 -43.99 -3.15 -11.55
C PRO B 421 -43.21 -4.47 -11.58
N ALA B 422 -42.41 -4.69 -12.64
CA ALA B 422 -41.55 -5.89 -12.71
C ALA B 422 -40.50 -5.92 -11.58
N ASN B 423 -39.85 -4.80 -11.32
CA ASN B 423 -38.91 -4.72 -10.21
C ASN B 423 -39.55 -4.57 -8.81
N ALA B 424 -40.88 -4.71 -8.69
CA ALA B 424 -41.53 -4.41 -7.39
C ALA B 424 -41.06 -5.24 -6.17
N ASP B 425 -41.20 -6.57 -6.27
CA ASP B 425 -40.81 -7.49 -5.21
C ASP B 425 -39.32 -7.41 -4.85
N ALA B 426 -38.47 -7.47 -5.89
CA ALA B 426 -37.04 -7.36 -5.71
C ALA B 426 -36.68 -6.14 -4.85
N LEU B 427 -37.34 -4.99 -5.07
CA LEU B 427 -37.10 -3.79 -4.26
C LEU B 427 -37.33 -4.01 -2.76
N ALA B 428 -38.57 -4.37 -2.42
CA ALA B 428 -38.97 -4.71 -1.06
C ALA B 428 -38.04 -5.72 -0.39
N ALA B 429 -37.57 -6.70 -1.16
CA ALA B 429 -36.71 -7.78 -0.66
C ALA B 429 -35.39 -7.16 -0.17
N LEU B 430 -34.63 -6.66 -1.14
CA LEU B 430 -33.38 -5.96 -0.89
C LEU B 430 -33.45 -4.98 0.27
N LEU B 431 -34.54 -4.22 0.33
CA LEU B 431 -34.75 -3.26 1.41
C LEU B 431 -35.02 -3.89 2.78
N LYS B 432 -35.75 -5.02 2.78
CA LYS B 432 -36.03 -5.74 4.03
C LYS B 432 -34.72 -6.29 4.61
N THR B 433 -33.87 -6.83 3.73
CA THR B 433 -32.54 -7.36 4.10
C THR B 433 -31.67 -6.31 4.76
N HIS B 434 -32.00 -5.05 4.53
CA HIS B 434 -31.29 -3.92 5.14
C HIS B 434 -32.06 -3.23 6.27
N GLY B 435 -33.21 -3.76 6.66
CA GLY B 435 -33.90 -3.27 7.85
C GLY B 435 -35.09 -2.34 7.63
N LEU B 436 -35.52 -2.17 6.37
CA LEU B 436 -36.70 -1.32 6.04
C LEU B 436 -37.81 -2.14 5.40
N HIS B 437 -38.97 -2.09 6.03
CA HIS B 437 -40.20 -2.62 5.47
C HIS B 437 -40.69 -1.74 4.31
N VAL B 438 -40.86 -2.34 3.13
CA VAL B 438 -41.68 -1.71 2.10
C VAL B 438 -42.60 -2.74 1.44
N ASP B 439 -43.92 -2.45 1.48
CA ASP B 439 -44.92 -3.30 0.84
C ASP B 439 -44.77 -3.28 -0.68
N ALA B 440 -44.66 -4.47 -1.26
CA ALA B 440 -44.38 -4.63 -2.70
C ALA B 440 -45.39 -3.99 -3.67
N GLU B 441 -46.66 -3.88 -3.26
CA GLU B 441 -47.73 -3.25 -4.05
C GLU B 441 -47.78 -1.70 -3.90
N GLU B 442 -47.63 -1.23 -2.66
CA GLU B 442 -47.64 0.20 -2.32
C GLU B 442 -46.50 1.07 -2.90
N VAL B 443 -45.36 0.48 -3.21
CA VAL B 443 -44.30 1.25 -3.87
C VAL B 443 -44.71 1.81 -5.24
N LEU B 444 -45.58 1.07 -5.93
CA LEU B 444 -46.06 1.45 -7.27
C LEU B 444 -47.17 2.53 -7.30
N THR B 445 -47.54 3.05 -6.14
CA THR B 445 -48.43 4.19 -6.03
C THR B 445 -47.62 5.48 -5.80
N LEU B 446 -48.20 6.62 -6.12
CA LEU B 446 -47.54 7.89 -5.87
C LEU B 446 -47.27 8.12 -4.37
N ASP B 447 -48.26 7.84 -3.55
CA ASP B 447 -48.13 8.07 -2.14
C ASP B 447 -47.16 7.10 -1.50
N GLY B 448 -47.08 5.89 -2.05
CA GLY B 448 -46.22 4.86 -1.49
C GLY B 448 -44.80 5.30 -1.72
N PHE B 449 -44.53 5.54 -3.01
CA PHE B 449 -43.28 6.12 -3.48
C PHE B 449 -42.79 7.23 -2.54
N CYS B 450 -43.73 8.04 -2.06
CA CYS B 450 -43.45 9.19 -1.22
C CYS B 450 -43.15 8.84 0.24
N LYS B 451 -43.78 7.80 0.76
CA LYS B 451 -43.49 7.31 2.12
C LYS B 451 -42.04 6.84 2.17
N LEU B 452 -41.64 6.18 1.09
CA LEU B 452 -40.39 5.49 1.06
C LEU B 452 -39.34 6.53 0.94
N ARG B 453 -39.44 7.38 -0.08
CA ARG B 453 -38.39 8.34 -0.36
C ARG B 453 -38.18 9.22 0.88
N ARG B 454 -39.28 9.54 1.58
CA ARG B 454 -39.23 10.22 2.86
C ARG B 454 -38.39 9.48 3.89
N GLU B 455 -38.52 8.15 3.90
CA GLU B 455 -37.74 7.29 4.79
C GLU B 455 -36.30 7.30 4.36
N LEU B 456 -36.06 6.94 3.11
CA LEU B 456 -34.72 6.92 2.54
C LEU B 456 -33.94 8.19 2.86
N ASP B 457 -34.63 9.33 2.92
CA ASP B 457 -34.01 10.62 3.24
C ASP B 457 -33.86 10.82 4.75
N ALA B 458 -34.66 10.12 5.54
CA ALA B 458 -34.59 10.31 6.98
C ALA B 458 -33.44 9.51 7.57
N GLN B 459 -32.70 8.83 6.69
CA GLN B 459 -31.56 8.02 7.06
C GLN B 459 -30.39 8.92 7.40
N PRO B 460 -29.58 8.53 8.40
CA PRO B 460 -28.35 9.26 8.70
C PRO B 460 -27.33 9.23 7.55
N THR B 461 -27.36 8.22 6.68
CA THR B 461 -26.53 8.24 5.47
C THR B 461 -27.39 7.90 4.26
N GLY B 462 -26.86 8.16 3.07
CA GLY B 462 -27.49 7.75 1.82
C GLY B 462 -27.19 6.35 1.25
N PHE B 463 -26.72 5.45 2.10
CA PHE B 463 -26.38 4.07 1.71
C PHE B 463 -27.53 3.23 1.12
N LEU B 464 -28.63 3.17 1.83
CA LEU B 464 -29.80 2.46 1.36
C LEU B 464 -30.35 3.01 0.04
N ASP B 465 -30.41 4.32 -0.09
CA ASP B 465 -30.77 4.92 -1.36
C ASP B 465 -29.90 4.37 -2.46
N SER B 466 -28.58 4.51 -2.33
CA SER B 466 -27.64 3.93 -3.28
C SER B 466 -27.90 2.47 -3.70
N ARG B 467 -28.37 1.65 -2.77
CA ARG B 467 -28.58 0.23 -3.06
C ARG B 467 -29.71 0.09 -4.06
N ILE B 468 -30.71 0.97 -3.99
CA ILE B 468 -31.88 0.89 -4.91
C ILE B 468 -31.66 1.55 -6.26
N ARG B 469 -30.47 2.10 -6.49
CA ARG B 469 -30.19 2.80 -7.76
C ARG B 469 -30.59 2.05 -9.04
N ARG B 470 -30.61 0.73 -8.95
CA ARG B 470 -30.84 -0.09 -10.11
C ARG B 470 -32.34 -0.39 -10.33
N PHE B 471 -33.19 -0.04 -9.37
CA PHE B 471 -34.62 -0.23 -9.55
C PHE B 471 -35.39 1.04 -9.88
N GLN B 472 -34.70 2.11 -10.31
CA GLN B 472 -35.36 3.41 -10.55
C GLN B 472 -35.42 3.85 -12.01
N SER B 473 -36.59 4.37 -12.39
CA SER B 473 -36.77 5.01 -13.70
C SER B 473 -36.16 6.44 -13.82
N PHE B 474 -36.12 6.93 -15.05
CA PHE B 474 -35.70 8.29 -15.36
C PHE B 474 -36.90 9.05 -15.94
N ALA B 475 -37.21 10.21 -15.36
CA ALA B 475 -38.29 11.05 -15.86
C ALA B 475 -38.13 11.21 -17.35
N GLU B 476 -39.25 11.23 -18.05
CA GLU B 476 -39.23 11.42 -19.49
C GLU B 476 -40.31 12.44 -19.91
N ILE B 477 -40.31 12.79 -21.19
CA ILE B 477 -41.26 13.74 -21.74
C ILE B 477 -42.32 13.02 -22.55
N SER B 478 -43.60 13.24 -22.24
CA SER B 478 -44.67 12.69 -23.08
C SER B 478 -45.74 13.74 -23.31
N THR B 479 -46.48 13.58 -24.42
CA THR B 479 -47.60 14.47 -24.70
C THR B 479 -48.81 14.06 -23.88
N GLU B 480 -48.81 12.82 -23.43
CA GLU B 480 -49.91 12.29 -22.59
C GLU B 480 -49.73 12.68 -21.12
N PRO B 481 -50.83 13.11 -20.48
CA PRO B 481 -50.84 13.50 -19.08
C PRO B 481 -50.51 12.35 -18.16
N GLY B 482 -49.65 12.61 -17.17
CA GLY B 482 -49.27 11.60 -16.18
C GLY B 482 -48.39 12.20 -15.11
N PRO B 483 -48.51 11.70 -13.87
CA PRO B 483 -47.78 12.16 -12.68
C PRO B 483 -46.27 12.19 -12.81
N HIS B 484 -45.65 12.97 -11.92
CA HIS B 484 -44.21 12.88 -11.71
C HIS B 484 -43.94 12.25 -10.38
N PHE B 485 -43.48 11.02 -10.43
CA PHE B 485 -43.14 10.28 -9.21
C PHE B 485 -41.98 10.90 -8.40
N GLY B 486 -40.93 11.29 -9.11
CA GLY B 486 -39.80 11.99 -8.51
C GLY B 486 -40.17 13.33 -7.88
N LEU B 487 -41.27 13.96 -8.28
CA LEU B 487 -41.64 15.22 -7.62
C LEU B 487 -42.73 15.06 -6.62
N GLY B 488 -43.33 13.88 -6.59
CA GLY B 488 -44.47 13.63 -5.71
C GLY B 488 -45.66 14.39 -6.26
N LEU B 489 -45.68 14.53 -7.58
CA LEU B 489 -46.69 15.35 -8.24
C LEU B 489 -47.65 14.54 -9.08
N GLU B 490 -48.94 14.86 -8.92
CA GLU B 490 -50.04 14.27 -9.67
C GLU B 490 -49.96 14.59 -11.14
N ALA B 491 -49.26 15.69 -11.47
CA ALA B 491 -49.01 16.15 -12.84
C ALA B 491 -48.03 17.33 -12.89
N TYR B 492 -47.27 17.41 -13.98
CA TYR B 492 -46.29 18.48 -14.10
C TYR B 492 -45.97 18.90 -15.56
N ALA B 493 -46.24 20.16 -15.90
CA ALA B 493 -45.83 20.71 -17.19
C ALA B 493 -45.21 22.09 -17.03
N THR B 494 -44.13 22.36 -17.77
CA THR B 494 -43.41 23.65 -17.64
C THR B 494 -43.71 24.66 -18.78
N TRP B 495 -43.90 25.92 -18.43
CA TRP B 495 -44.02 27.03 -19.39
C TRP B 495 -43.14 28.18 -18.92
N THR B 496 -42.51 27.94 -17.77
CA THR B 496 -41.69 28.89 -17.06
C THR B 496 -40.44 29.46 -17.80
N SER B 497 -39.85 28.69 -18.73
CA SER B 497 -38.61 29.09 -19.44
C SER B 497 -38.66 28.94 -20.97
N PRO B 498 -39.59 29.63 -21.64
CA PRO B 498 -39.77 29.33 -23.05
C PRO B 498 -38.68 29.94 -23.94
N ILE B 499 -37.78 30.73 -23.34
CA ILE B 499 -36.61 31.28 -24.04
C ILE B 499 -35.47 30.26 -24.12
N ARG B 500 -35.39 29.36 -23.16
CA ARG B 500 -34.30 28.38 -23.17
C ARG B 500 -34.81 26.96 -23.43
N LYS B 501 -36.14 26.79 -23.44
CA LYS B 501 -36.79 25.48 -23.63
C LYS B 501 -37.89 25.56 -24.67
N TYR B 502 -37.69 24.88 -25.79
CA TYR B 502 -38.67 24.82 -26.88
C TYR B 502 -39.99 24.21 -26.44
N GLY B 503 -39.93 23.33 -25.45
CA GLY B 503 -41.11 22.63 -24.95
C GLY B 503 -41.99 23.53 -24.12
N ASP B 504 -41.36 24.58 -23.59
CA ASP B 504 -42.05 25.65 -22.87
C ASP B 504 -42.68 26.59 -23.86
N ILE B 506 -43.99 25.38 -26.91
CA ILE B 506 -45.14 24.58 -27.29
C ILE B 506 -46.27 24.66 -26.27
N ASN B 507 -45.93 24.84 -24.99
CA ASN B 507 -46.96 25.01 -23.96
C ASN B 507 -47.46 26.44 -23.84
N HIS B 508 -46.72 27.37 -24.42
CA HIS B 508 -47.14 28.76 -24.41
C HIS B 508 -48.24 28.88 -25.43
N ARG B 509 -47.98 28.34 -26.62
CA ARG B 509 -48.98 28.27 -27.69
C ARG B 509 -50.23 27.53 -27.21
N LEU B 510 -50.02 26.33 -26.65
CA LEU B 510 -51.12 25.54 -26.14
C LEU B 510 -51.96 26.28 -25.09
N LEU B 511 -51.28 26.94 -24.14
CA LEU B 511 -51.96 27.74 -23.11
C LEU B 511 -52.65 28.99 -23.64
N LYS B 512 -52.17 29.47 -24.77
CA LYS B 512 -52.77 30.66 -25.36
C LYS B 512 -54.14 30.32 -25.99
N ALA B 513 -54.22 29.15 -26.61
CA ALA B 513 -55.48 28.60 -27.08
C ALA B 513 -56.51 28.42 -25.95
N VAL B 514 -56.06 28.12 -24.73
CA VAL B 514 -57.02 27.96 -23.61
C VAL B 514 -57.65 29.29 -23.20
N ILE B 515 -56.87 30.36 -23.32
CA ILE B 515 -57.42 31.70 -23.24
C ILE B 515 -58.47 31.87 -24.34
N LYS B 516 -58.07 31.56 -25.57
CA LYS B 516 -58.88 31.81 -26.77
C LYS B 516 -59.77 30.62 -27.17
N GLY B 517 -59.25 29.74 -28.02
CA GLY B 517 -59.98 28.60 -28.58
C GLY B 517 -59.19 27.93 -29.70
N ARG B 522 -52.42 18.44 -30.97
CA ARG B 522 -51.42 17.69 -30.21
C ARG B 522 -50.05 17.71 -30.89
N PRO B 523 -48.97 17.79 -30.09
CA PRO B 523 -47.57 17.68 -30.57
C PRO B 523 -47.24 16.29 -31.09
N GLN B 524 -46.52 16.22 -32.21
CA GLN B 524 -46.11 14.94 -32.77
C GLN B 524 -44.99 14.34 -31.93
N ASP B 525 -45.16 13.06 -31.57
CA ASP B 525 -44.21 12.18 -30.86
C ASP B 525 -42.74 12.47 -31.17
N GLU B 526 -42.42 12.60 -32.46
CA GLU B 526 -41.05 12.78 -32.95
C GLU B 526 -40.33 13.98 -32.32
N ILE B 527 -41.09 15.03 -32.05
CA ILE B 527 -40.61 16.26 -31.47
C ILE B 527 -40.13 15.92 -30.08
N THR B 528 -41.03 15.34 -29.28
CA THR B 528 -40.69 14.83 -27.97
C THR B 528 -39.42 13.95 -27.94
N VAL B 529 -39.30 13.01 -28.89
CA VAL B 529 -38.10 12.17 -29.03
C VAL B 529 -36.87 13.07 -29.28
N GLN B 530 -37.09 14.17 -29.98
CA GLN B 530 -36.00 15.06 -30.36
C GLN B 530 -35.57 15.83 -29.12
N ALA B 532 -35.80 14.87 -25.98
CA ALA B 532 -35.05 13.94 -25.12
C ALA B 532 -33.65 13.65 -25.63
N GLU B 533 -33.48 13.53 -26.94
CA GLU B 533 -32.15 13.27 -27.46
C GLU B 533 -31.26 14.49 -27.23
N ARG B 534 -31.84 15.67 -27.45
CA ARG B 534 -31.16 16.93 -27.18
C ARG B 534 -30.87 17.14 -25.72
N ARG B 535 -31.85 16.90 -24.85
CA ARG B 535 -31.58 16.98 -23.41
C ARG B 535 -30.44 16.06 -23.01
N ARG B 536 -30.47 14.81 -23.49
CA ARG B 536 -29.36 13.89 -23.21
C ARG B 536 -28.01 14.40 -23.66
N LEU B 537 -27.92 14.80 -24.92
CA LEU B 537 -26.67 15.24 -25.50
C LEU B 537 -26.19 16.52 -24.87
N ASN B 538 -27.14 17.38 -24.45
CA ASN B 538 -26.78 18.56 -23.64
C ASN B 538 -26.09 18.24 -22.32
N ARG B 539 -26.62 17.27 -21.60
CA ARG B 539 -26.04 16.86 -20.32
C ARG B 539 -24.65 16.26 -20.50
N ALA B 541 -22.54 16.83 -23.06
CA ALA B 541 -21.63 17.92 -23.47
C ALA B 541 -21.17 18.73 -22.27
N GLU B 542 -22.09 19.04 -21.37
CA GLU B 542 -21.75 19.81 -20.19
C GLU B 542 -20.87 19.00 -19.26
N ARG B 543 -21.17 17.72 -19.13
CA ARG B 543 -20.35 16.83 -18.31
C ARG B 543 -18.96 16.67 -18.88
N ASP B 544 -18.87 16.42 -20.20
CA ASP B 544 -17.61 16.41 -20.94
C ASP B 544 -16.71 17.63 -20.85
N VAL B 545 -17.28 18.83 -20.97
CA VAL B 545 -16.48 20.05 -20.87
C VAL B 545 -15.98 20.14 -19.44
N GLY B 546 -16.86 19.81 -18.50
CA GLY B 546 -16.51 19.67 -17.08
C GLY B 546 -15.30 18.81 -16.78
N ASP B 547 -15.27 17.59 -17.36
CA ASP B 547 -14.18 16.62 -17.24
C ASP B 547 -12.87 17.27 -17.64
N TRP B 548 -12.85 17.96 -18.78
CA TRP B 548 -11.65 18.68 -19.22
C TRP B 548 -11.20 19.71 -18.22
N LEU B 549 -12.12 20.50 -17.73
CA LEU B 549 -11.75 21.61 -16.81
C LEU B 549 -11.29 21.12 -15.45
N TYR B 550 -11.94 20.08 -14.95
CA TYR B 550 -11.52 19.34 -13.74
C TYR B 550 -10.08 18.79 -13.82
N ALA B 551 -9.67 18.27 -14.98
CA ALA B 551 -8.26 17.85 -15.12
C ALA B 551 -7.34 19.03 -15.07
N ARG B 552 -7.70 20.12 -15.77
CA ARG B 552 -6.86 21.32 -15.73
C ARG B 552 -6.73 21.95 -14.39
N PHE B 553 -7.78 21.92 -13.59
CA PHE B 553 -7.80 22.52 -12.26
C PHE B 553 -7.00 21.69 -11.29
N LEU B 554 -6.97 20.38 -11.50
CA LEU B 554 -6.39 19.48 -10.53
C LEU B 554 -4.97 19.06 -10.86
N LYS B 555 -4.57 19.32 -12.08
CA LYS B 555 -3.22 18.93 -12.55
C LYS B 555 -2.09 19.37 -11.61
N ASP B 556 -2.13 20.59 -11.14
CA ASP B 556 -1.03 21.10 -10.30
C ASP B 556 -1.03 20.50 -8.88
N LYS B 557 -2.01 19.65 -8.56
CA LYS B 557 -2.18 19.04 -7.21
C LYS B 557 -1.71 17.60 -7.19
N ALA B 558 -1.61 17.00 -8.36
CA ALA B 558 -1.21 15.60 -8.49
C ALA B 558 0.19 15.41 -7.87
N GLY B 559 0.28 14.48 -6.93
CA GLY B 559 1.56 14.17 -6.34
C GLY B 559 1.80 14.90 -5.05
N THR B 560 0.98 15.93 -4.76
CA THR B 560 1.12 16.79 -3.58
C THR B 560 0.28 16.29 -2.43
N ASP B 561 0.50 16.86 -1.25
CA ASP B 561 -0.23 16.48 -0.04
C ASP B 561 -1.56 17.21 0.12
N THR B 562 -2.06 17.89 -0.92
CA THR B 562 -3.42 18.46 -0.84
C THR B 562 -4.46 17.35 -0.65
N ARG B 563 -5.28 17.48 0.37
CA ARG B 563 -6.32 16.52 0.69
C ARG B 563 -7.69 17.11 0.29
N PHE B 564 -8.62 16.23 -0.02
CA PHE B 564 -9.94 16.61 -0.46
C PHE B 564 -10.86 15.59 0.12
N ALA B 565 -11.92 16.02 0.78
CA ALA B 565 -13.00 15.13 1.15
C ALA B 565 -13.66 14.66 -0.13
N ALA B 566 -14.04 13.39 -0.20
CA ALA B 566 -14.47 12.76 -1.46
C ALA B 566 -15.51 11.78 -1.10
N GLU B 567 -16.64 11.82 -1.77
CA GLU B 567 -17.71 10.88 -1.51
C GLU B 567 -17.51 9.66 -2.39
N ILE B 568 -17.83 8.49 -1.88
CA ILE B 568 -17.77 7.29 -2.72
C ILE B 568 -19.02 7.09 -3.58
N VAL B 569 -18.80 7.09 -4.88
CA VAL B 569 -19.87 7.11 -5.87
C VAL B 569 -20.25 5.68 -6.29
N ASP B 570 -19.24 4.87 -6.59
CA ASP B 570 -19.45 3.47 -6.82
C ASP B 570 -18.18 2.66 -6.62
N ILE B 571 -18.40 1.36 -6.59
CA ILE B 571 -17.42 0.39 -6.24
C ILE B 571 -17.45 -0.67 -7.31
N SER B 572 -16.28 -1.13 -7.71
CA SER B 572 -16.22 -2.15 -8.74
C SER B 572 -15.07 -3.01 -8.33
N ARG B 573 -14.93 -4.15 -9.01
CA ARG B 573 -13.90 -5.13 -8.68
C ARG B 573 -12.53 -4.49 -8.65
N GLY B 574 -12.28 -3.62 -9.60
CA GLY B 574 -10.98 -2.93 -9.72
C GLY B 574 -10.73 -1.63 -8.96
N GLY B 575 -11.72 -1.12 -8.26
CA GLY B 575 -11.48 0.00 -7.38
C GLY B 575 -12.75 0.76 -7.07
N ARG B 577 -14.88 4.75 -7.44
CA ARG B 577 -14.99 6.08 -7.93
C ARG B 577 -15.45 7.00 -6.84
N VAL B 578 -14.84 8.16 -6.83
CA VAL B 578 -15.14 9.14 -5.82
C VAL B 578 -15.43 10.47 -6.50
N ARG B 579 -16.17 11.31 -5.80
CA ARG B 579 -16.45 12.67 -6.23
C ARG B 579 -15.96 13.59 -5.14
N LEU B 580 -15.08 14.53 -5.51
CA LEU B 580 -14.51 15.50 -4.57
C LEU B 580 -15.60 16.46 -4.13
N VAL B 581 -15.75 16.61 -2.81
CA VAL B 581 -16.94 17.22 -2.27
C VAL B 581 -16.87 18.74 -2.53
N ASP B 582 -15.69 19.32 -2.46
CA ASP B 582 -15.58 20.74 -2.62
C ASP B 582 -15.76 21.20 -4.09
N ASN B 583 -15.62 20.30 -5.06
CA ASN B 583 -15.54 20.79 -6.42
C ASN B 583 -16.30 20.03 -7.44
N GLY B 584 -16.75 18.82 -7.07
CA GLY B 584 -17.49 17.89 -7.93
C GLY B 584 -16.67 16.99 -8.83
N ALA B 585 -15.36 17.03 -8.75
CA ALA B 585 -14.52 16.26 -9.69
C ALA B 585 -14.69 14.78 -9.50
N ILE B 586 -14.59 13.99 -10.54
CA ILE B 586 -14.68 12.53 -10.36
C ILE B 586 -13.26 11.94 -10.48
N ALA B 587 -12.89 11.13 -9.49
CA ALA B 587 -11.62 10.41 -9.53
C ALA B 587 -11.80 8.90 -9.31
N PHE B 588 -10.77 8.17 -9.61
CA PHE B 588 -10.79 6.73 -9.50
C PHE B 588 -9.69 6.26 -8.56
N ILE B 589 -10.06 5.37 -7.64
CA ILE B 589 -9.08 4.80 -6.73
C ILE B 589 -8.89 3.31 -7.04
N PRO B 590 -7.78 2.95 -7.71
CA PRO B 590 -7.50 1.52 -8.03
C PRO B 590 -7.47 0.65 -6.78
N ALA B 591 -8.01 -0.56 -6.90
CA ALA B 591 -7.99 -1.43 -5.74
C ALA B 591 -6.60 -1.63 -5.05
N PRO B 592 -5.50 -1.81 -5.81
CA PRO B 592 -4.21 -1.96 -5.02
C PRO B 592 -3.85 -0.76 -4.12
N PHE B 593 -4.64 0.31 -4.11
CA PHE B 593 -4.30 1.44 -3.25
C PHE B 593 -5.15 1.49 -2.00
N LEU B 594 -6.11 0.57 -1.89
CA LEU B 594 -7.02 0.49 -0.76
C LEU B 594 -6.45 -0.43 0.33
N HIS B 595 -5.63 -1.37 -0.09
CA HIS B 595 -5.06 -2.32 0.83
C HIS B 595 -3.93 -3.08 0.11
N ALA B 596 -2.89 -3.34 0.86
CA ALA B 596 -1.66 -3.93 0.37
C ALA B 596 -1.70 -5.46 0.11
N VAL B 597 -2.64 -6.20 0.70
CA VAL B 597 -2.78 -7.64 0.57
C VAL B 597 -4.01 -7.98 -0.29
N ARG B 598 -3.76 -8.38 -1.53
CA ARG B 598 -4.83 -8.49 -2.49
C ARG B 598 -5.99 -9.41 -2.08
N ASP B 599 -5.64 -10.59 -1.55
CA ASP B 599 -6.56 -11.62 -1.07
C ASP B 599 -7.38 -11.19 0.15
N GLU B 600 -6.92 -10.21 0.93
CA GLU B 600 -7.74 -9.70 2.02
C GLU B 600 -8.77 -8.65 1.60
N LEU B 601 -8.74 -8.21 0.35
CA LEU B 601 -9.57 -7.11 -0.09
C LEU B 601 -10.64 -7.57 -1.09
N VAL B 602 -11.88 -7.19 -0.83
CA VAL B 602 -13.01 -7.52 -1.65
C VAL B 602 -13.82 -6.22 -1.89
N CYS B 603 -13.88 -5.78 -3.16
CA CYS B 603 -14.57 -4.59 -3.57
C CYS B 603 -15.71 -5.08 -4.35
N SER B 604 -16.92 -4.95 -3.80
CA SER B 604 -18.06 -5.63 -4.34
C SER B 604 -19.03 -4.65 -4.95
N GLN B 605 -19.18 -4.72 -6.29
CA GLN B 605 -20.17 -3.88 -7.01
C GLN B 605 -21.59 -4.17 -6.52
N GLU B 606 -21.86 -5.45 -6.30
CA GLU B 606 -23.16 -5.90 -5.96
C GLU B 606 -23.58 -5.34 -4.59
N ASN B 607 -22.74 -5.50 -3.57
CA ASN B 607 -23.11 -5.05 -2.22
C ASN B 607 -22.82 -3.58 -1.95
N GLY B 608 -22.04 -2.92 -2.80
CA GLY B 608 -21.70 -1.52 -2.62
C GLY B 608 -20.81 -1.33 -1.42
N THR B 609 -19.89 -2.28 -1.21
CA THR B 609 -18.96 -2.25 -0.07
C THR B 609 -17.56 -2.73 -0.41
N VAL B 610 -16.64 -2.26 0.42
CA VAL B 610 -15.21 -2.65 0.37
C VAL B 610 -14.91 -3.30 1.71
N GLN B 611 -14.42 -4.53 1.62
CA GLN B 611 -14.09 -5.32 2.81
C GLN B 611 -12.63 -5.74 2.86
N ILE B 612 -12.08 -5.53 4.05
CA ILE B 612 -10.72 -5.95 4.37
C ILE B 612 -10.85 -6.99 5.45
N LYS B 613 -10.38 -8.20 5.10
CA LYS B 613 -10.54 -9.39 5.94
C LYS B 613 -11.96 -9.62 6.40
N GLY B 614 -12.93 -9.46 5.49
CA GLY B 614 -14.33 -9.78 5.80
C GLY B 614 -15.02 -8.75 6.70
N GLU B 615 -14.44 -7.57 6.87
CA GLU B 615 -15.03 -6.44 7.59
C GLU B 615 -15.14 -5.24 6.73
N THR B 616 -16.30 -4.58 6.81
CA THR B 616 -16.61 -3.38 5.99
C THR B 616 -15.72 -2.20 6.37
N VAL B 617 -15.17 -1.59 5.35
CA VAL B 617 -14.29 -0.45 5.53
C VAL B 617 -14.84 0.75 4.76
N TYR B 618 -15.35 0.55 3.54
CA TYR B 618 -15.98 1.61 2.80
C TYR B 618 -17.36 1.21 2.27
N LYS B 619 -18.27 2.16 2.23
CA LYS B 619 -19.59 1.93 1.68
C LYS B 619 -19.91 3.05 0.66
N VAL B 620 -20.68 2.74 -0.37
CA VAL B 620 -21.08 3.78 -1.31
C VAL B 620 -21.74 4.95 -0.55
N THR B 621 -21.39 6.18 -0.94
CA THR B 621 -21.76 7.46 -0.30
C THR B 621 -20.99 7.87 0.99
N ASP B 622 -20.08 7.01 1.45
CA ASP B 622 -19.20 7.38 2.55
C ASP B 622 -18.36 8.48 2.02
N VAL B 623 -18.03 9.43 2.87
CA VAL B 623 -17.00 10.41 2.56
C VAL B 623 -15.66 10.00 3.17
N ILE B 624 -14.55 10.23 2.45
CA ILE B 624 -13.23 9.91 2.96
C ILE B 624 -12.30 10.98 2.45
N ASP B 625 -11.18 11.23 3.13
CA ASP B 625 -10.15 12.08 2.59
C ASP B 625 -9.19 11.37 1.60
N VAL B 626 -8.83 12.07 0.52
CA VAL B 626 -8.00 11.46 -0.53
C VAL B 626 -7.03 12.53 -0.94
N THR B 627 -5.93 12.14 -1.57
CA THR B 627 -5.05 13.04 -2.19
C THR B 627 -5.12 12.62 -3.63
N ILE B 628 -4.71 13.52 -4.52
CA ILE B 628 -4.63 13.27 -5.95
C ILE B 628 -3.28 12.73 -6.36
N ALA B 629 -3.28 11.54 -6.96
CA ALA B 629 -2.05 10.86 -7.24
C ALA B 629 -1.61 11.29 -8.60
N GLU B 630 -2.54 11.31 -9.52
CA GLU B 630 -2.18 11.68 -10.85
C GLU B 630 -3.35 12.14 -11.70
N VAL B 631 -3.03 13.01 -12.65
CA VAL B 631 -4.00 13.59 -13.53
C VAL B 631 -3.45 13.41 -14.93
N ARG B 632 -4.02 12.47 -15.67
CA ARG B 632 -3.52 12.25 -17.03
C ARG B 632 -4.28 13.18 -17.98
N GLU B 634 -3.99 13.64 -21.18
CA GLU B 634 -4.31 12.99 -22.45
C GLU B 634 -5.75 12.50 -22.38
N THR B 635 -6.06 11.67 -21.39
CA THR B 635 -7.41 11.12 -21.19
C THR B 635 -8.34 11.92 -20.27
N ARG B 636 -7.77 12.90 -19.55
CA ARG B 636 -8.45 13.70 -18.51
C ARG B 636 -8.84 12.89 -17.29
N SER B 637 -8.15 11.77 -17.10
CA SER B 637 -8.48 10.88 -15.97
C SER B 637 -7.68 11.28 -14.74
N ILE B 638 -8.36 11.24 -13.62
CA ILE B 638 -7.79 11.59 -12.30
C ILE B 638 -7.81 10.33 -11.45
N ILE B 639 -6.68 10.04 -10.81
CA ILE B 639 -6.52 8.95 -9.87
C ILE B 639 -6.28 9.52 -8.46
N ALA B 640 -6.95 8.97 -7.45
CA ALA B 640 -6.87 9.48 -6.10
C ALA B 640 -6.38 8.33 -5.22
N ARG B 641 -5.88 8.65 -4.03
CA ARG B 641 -5.56 7.65 -3.05
C ARG B 641 -6.09 8.12 -1.70
N PRO B 642 -6.58 7.21 -0.86
CA PRO B 642 -6.97 7.60 0.49
C PRO B 642 -5.81 8.19 1.28
N VAL B 643 -6.13 9.15 2.09
CA VAL B 643 -5.22 9.66 3.08
C VAL B 643 -5.00 8.52 4.06
N ALA B 644 -3.71 8.27 4.34
CA ALA B 644 -3.29 7.10 5.12
C ALA B 644 -3.24 7.42 6.61
N ASN C 5 21.94 80.80 -26.06
CA ASN C 5 23.26 80.55 -26.72
C ASN C 5 24.36 80.21 -25.67
N PRO C 6 25.67 80.32 -26.03
CA PRO C 6 26.65 80.08 -24.95
C PRO C 6 26.78 81.28 -24.00
N LEU C 7 26.53 82.48 -24.53
CA LEU C 7 26.53 83.71 -23.73
C LEU C 7 25.33 83.69 -22.80
N LEU C 8 24.13 83.82 -23.35
CA LEU C 8 22.90 83.74 -22.53
C LEU C 8 23.02 82.63 -21.50
N ALA C 9 23.47 81.47 -21.96
CA ALA C 9 23.60 80.29 -21.11
C ALA C 9 24.51 80.58 -19.92
N GLN C 10 25.63 81.26 -20.18
CA GLN C 10 26.60 81.64 -19.13
C GLN C 10 26.02 82.57 -18.07
N LEU C 11 25.62 83.77 -18.50
CA LEU C 11 24.92 84.72 -17.63
C LEU C 11 24.00 83.95 -16.66
N LYS C 12 23.12 83.12 -17.24
CA LYS C 12 22.15 82.32 -16.49
C LYS C 12 22.85 81.34 -15.57
N GLN C 13 23.93 80.75 -16.04
CA GLN C 13 24.70 79.86 -15.17
C GLN C 13 25.20 80.61 -13.94
N GLN C 14 25.77 81.80 -14.17
CA GLN C 14 26.29 82.65 -13.11
C GLN C 14 25.24 83.12 -12.10
N LEU C 15 24.08 83.55 -12.58
CA LEU C 15 22.96 83.91 -11.73
C LEU C 15 22.48 82.73 -10.89
N HIS C 16 22.53 81.53 -11.48
CA HIS C 16 22.17 80.31 -10.76
C HIS C 16 23.15 79.95 -9.61
N SER C 17 24.43 80.26 -9.79
CA SER C 17 25.48 79.97 -8.78
C SER C 17 25.63 81.07 -7.70
N GLN C 18 25.15 82.27 -8.04
CA GLN C 18 25.16 83.42 -7.14
C GLN C 18 24.46 83.16 -5.78
N THR C 19 23.49 82.26 -5.77
CA THR C 19 22.66 81.98 -4.57
C THR C 19 23.38 81.18 -3.46
N PRO C 20 23.20 81.58 -2.17
CA PRO C 20 23.79 80.79 -1.08
C PRO C 20 23.54 79.29 -1.19
N ARG C 21 24.55 78.52 -0.80
CA ARG C 21 24.55 77.09 -0.81
C ARG C 21 24.86 76.57 0.59
N ALA C 22 24.41 75.35 0.87
CA ALA C 22 24.76 74.67 2.12
C ALA C 22 24.94 73.18 1.89
N GLU C 23 25.90 72.57 2.57
CA GLU C 23 26.11 71.14 2.47
C GLU C 23 25.55 70.47 3.70
N GLY C 24 24.91 69.32 3.53
CA GLY C 24 24.29 68.64 4.65
C GLY C 24 23.87 67.21 4.31
N VAL C 25 23.21 66.56 5.27
CA VAL C 25 22.67 65.24 5.07
C VAL C 25 21.12 65.31 5.03
N VAL C 26 20.49 64.59 4.10
CA VAL C 26 19.03 64.61 3.96
C VAL C 26 18.41 63.72 5.02
N LYS C 27 17.49 64.28 5.78
CA LYS C 27 16.84 63.50 6.81
C LYS C 27 15.40 63.37 6.43
N ALA C 28 14.90 62.14 6.39
CA ALA C 28 13.47 61.94 6.09
C ALA C 28 12.69 61.37 7.31
N THR C 29 11.38 61.30 7.17
CA THR C 29 10.48 60.66 8.16
C THR C 29 9.30 60.13 7.37
N GLU C 30 8.16 60.03 8.04
CA GLU C 30 6.92 59.56 7.43
C GLU C 30 6.35 60.62 6.52
N LYS C 31 6.73 61.85 6.81
CA LYS C 31 6.17 63.02 6.13
C LYS C 31 6.72 63.21 4.71
N GLY C 32 5.99 63.98 3.90
CA GLY C 32 6.43 64.27 2.53
C GLY C 32 7.64 65.18 2.47
N PHE C 33 7.94 65.82 3.58
CA PHE C 33 9.04 66.77 3.65
C PHE C 33 10.18 66.23 4.49
N GLY C 34 11.38 66.78 4.25
CA GLY C 34 12.55 66.40 5.01
C GLY C 34 13.35 67.59 5.46
N PHE C 35 14.57 67.31 5.92
CA PHE C 35 15.45 68.34 6.42
C PHE C 35 16.86 68.14 5.92
N LEU C 36 17.50 69.26 5.60
CA LEU C 36 18.93 69.26 5.37
C LEU C 36 19.62 69.63 6.69
N GLU C 37 20.13 68.62 7.41
CA GLU C 37 20.98 68.85 8.59
C GLU C 37 22.36 69.29 8.17
N VAL C 38 22.62 70.59 8.25
CA VAL C 38 23.94 71.18 8.00
C VAL C 38 24.86 71.07 9.25
N ASP C 39 24.35 71.48 10.41
CA ASP C 39 25.05 71.35 11.70
C ASP C 39 24.13 70.85 12.82
N ALA C 40 24.57 70.99 14.08
CA ALA C 40 23.77 70.57 15.25
C ALA C 40 22.72 71.62 15.58
N GLN C 41 23.06 72.89 15.32
CA GLN C 41 22.06 73.95 15.21
C GLN C 41 22.12 74.67 13.84
N LYS C 42 21.52 74.00 12.82
CA LYS C 42 21.37 74.49 11.43
C LYS C 42 20.75 73.38 10.54
N SER C 43 19.43 73.50 10.33
CA SER C 43 18.62 72.48 9.65
C SER C 43 17.66 73.19 8.67
N TYR C 44 17.60 72.73 7.42
CA TYR C 44 16.75 73.37 6.40
C TYR C 44 15.60 72.52 5.93
N PHE C 45 14.42 73.07 5.99
CA PHE C 45 13.22 72.44 5.45
C PHE C 45 13.44 72.16 3.96
N ILE C 46 12.98 71.00 3.51
CA ILE C 46 12.95 70.66 2.10
C ILE C 46 11.51 70.35 1.64
N PRO C 47 10.92 71.24 0.79
CA PRO C 47 9.61 70.99 0.17
C PRO C 47 9.52 69.59 -0.46
N PRO C 48 8.43 68.85 -0.14
CA PRO C 48 8.15 67.54 -0.70
C PRO C 48 8.62 67.32 -2.14
N PRO C 49 8.38 68.31 -3.05
CA PRO C 49 8.71 68.00 -4.45
C PRO C 49 10.22 67.92 -4.63
N GLN C 50 10.95 68.64 -3.76
CA GLN C 50 12.40 68.64 -3.73
C GLN C 50 12.87 67.28 -3.25
N LYS C 52 11.88 64.43 -3.95
CA LYS C 52 11.83 63.41 -5.00
C LYS C 52 13.20 63.25 -5.66
N LYS C 53 14.08 64.24 -5.51
CA LYS C 53 15.37 64.18 -6.18
C LYS C 53 16.54 63.65 -5.32
N VAL C 54 16.19 63.15 -4.15
CA VAL C 54 17.16 62.77 -3.14
C VAL C 54 16.59 61.65 -2.32
N HIS C 56 16.85 59.82 1.62
CA HIS C 56 17.21 59.96 2.99
C HIS C 56 18.67 59.54 3.20
N GLY C 57 19.38 60.34 4.02
CA GLY C 57 20.78 60.09 4.29
C GLY C 57 21.81 60.46 3.24
N ASP C 58 21.35 60.94 2.09
CA ASP C 58 22.23 61.41 1.02
C ASP C 58 22.88 62.65 1.54
N ARG C 59 24.18 62.80 1.24
CA ARG C 59 24.92 64.02 1.54
C ARG C 59 25.00 64.91 0.29
N ILE C 60 24.36 66.08 0.37
CA ILE C 60 24.20 66.92 -0.81
C ILE C 60 24.60 68.35 -0.54
N ILE C 61 24.69 69.11 -1.62
CA ILE C 61 24.71 70.56 -1.62
C ILE C 61 23.35 71.08 -2.14
N ALA C 62 22.78 72.06 -1.44
CA ALA C 62 21.51 72.62 -1.80
C ALA C 62 21.61 74.14 -1.88
N VAL C 63 20.81 74.73 -2.76
CA VAL C 63 20.64 76.18 -2.80
C VAL C 63 19.75 76.51 -1.63
N ILE C 64 20.12 77.55 -0.89
CA ILE C 64 19.32 78.01 0.25
C ILE C 64 18.52 79.24 -0.18
N HIS C 65 17.21 79.06 -0.30
CA HIS C 65 16.29 80.13 -0.67
C HIS C 65 15.73 80.77 0.61
N SER C 66 16.09 82.05 0.77
CA SER C 66 15.84 82.85 1.99
C SER C 66 14.78 83.93 1.82
N GLU C 67 14.09 83.93 0.68
CA GLU C 67 13.03 84.92 0.40
C GLU C 67 11.80 84.66 1.29
N LYS C 68 11.39 83.39 1.35
CA LYS C 68 10.35 82.93 2.27
C LYS C 68 10.59 83.40 3.73
N GLU C 69 9.48 83.59 4.44
CA GLU C 69 9.50 83.92 5.87
C GLU C 69 10.08 82.73 6.65
N ARG C 70 10.07 81.56 5.99
CA ARG C 70 10.86 80.39 6.40
C ARG C 70 11.85 80.00 5.28
N GLU C 71 13.00 79.45 5.66
CA GLU C 71 14.05 79.06 4.70
C GLU C 71 13.88 77.63 4.23
N SER C 72 14.18 77.42 2.95
CA SER C 72 14.14 76.12 2.38
C SER C 72 15.36 75.87 1.47
N ALA C 73 15.71 74.60 1.36
CA ALA C 73 16.87 74.15 0.63
C ALA C 73 16.41 73.42 -0.61
N GLU C 74 17.07 73.72 -1.73
CA GLU C 74 16.86 72.99 -2.98
C GLU C 74 18.07 72.14 -3.39
N PRO C 75 17.94 70.81 -3.29
CA PRO C 75 19.02 69.87 -3.66
C PRO C 75 19.62 70.18 -5.02
N GLU C 76 20.93 70.33 -5.05
CA GLU C 76 21.58 70.67 -6.31
C GLU C 76 22.66 69.70 -6.68
N GLU C 77 23.47 69.23 -5.74
CA GLU C 77 24.58 68.38 -6.17
C GLU C 77 24.81 67.25 -5.19
N LEU C 78 25.14 66.08 -5.72
CA LEU C 78 25.38 64.91 -4.92
C LEU C 78 26.87 64.80 -4.47
N VAL C 79 27.05 64.77 -3.14
CA VAL C 79 28.38 64.73 -2.55
C VAL C 79 28.66 63.23 -2.25
N GLU C 80 27.69 62.54 -1.64
CA GLU C 80 27.85 61.15 -1.26
C GLU C 80 26.47 60.48 -1.10
N PRO C 81 26.22 59.42 -1.88
CA PRO C 81 24.93 58.74 -1.80
C PRO C 81 24.78 57.99 -0.55
N PHE C 82 23.55 57.90 -0.04
CA PHE C 82 23.32 57.02 1.06
C PHE C 82 23.39 55.54 0.68
N LEU C 83 23.03 55.21 -0.56
CA LEU C 83 23.02 53.84 -1.03
C LEU C 83 24.02 53.66 -2.13
N THR C 84 24.67 52.51 -2.09
CA THR C 84 25.47 51.98 -3.19
C THR C 84 24.99 50.54 -3.36
N ARG C 85 25.67 49.60 -2.67
CA ARG C 85 25.24 48.22 -2.55
C ARG C 85 24.23 48.00 -1.41
N PHE C 86 23.03 47.50 -1.74
CA PHE C 86 21.99 47.30 -0.74
C PHE C 86 21.12 46.08 -1.09
N VAL C 87 20.21 45.76 -0.19
CA VAL C 87 19.24 44.71 -0.38
C VAL C 87 17.79 45.26 -0.35
N GLY C 88 16.88 44.47 -0.87
CA GLY C 88 15.50 44.84 -0.83
C GLY C 88 14.75 43.81 -1.61
N LYS C 89 13.44 43.94 -1.50
CA LYS C 89 12.45 43.11 -2.14
C LYS C 89 12.04 43.75 -3.46
N VAL C 90 12.06 42.96 -4.52
CA VAL C 90 11.57 43.33 -5.87
C VAL C 90 10.03 43.27 -5.96
N GLN C 91 9.47 44.18 -6.75
CA GLN C 91 8.06 44.19 -7.12
C GLN C 91 7.99 44.51 -8.61
N GLY C 92 6.78 44.49 -9.18
CA GLY C 92 6.59 44.73 -10.62
C GLY C 92 6.50 43.43 -11.39
N LYS C 93 6.16 43.51 -12.68
CA LYS C 93 5.91 42.30 -13.45
C LYS C 93 6.40 42.51 -14.85
N ASN C 94 6.97 41.46 -15.44
CA ASN C 94 7.37 41.45 -16.85
C ASN C 94 8.06 42.75 -17.25
N ASP C 95 7.26 43.65 -17.80
CA ASP C 95 7.75 44.93 -18.25
C ASP C 95 8.77 45.54 -17.28
N ARG C 96 8.33 45.80 -16.05
CA ARG C 96 8.98 46.76 -15.19
C ARG C 96 9.21 46.27 -13.77
N LEU C 97 10.43 45.80 -13.48
CA LEU C 97 10.81 45.55 -12.10
C LEU C 97 11.24 46.84 -11.37
N ALA C 98 11.04 46.82 -10.06
CA ALA C 98 11.53 47.80 -9.10
C ALA C 98 11.82 47.17 -7.73
N ILE C 99 12.81 47.69 -7.04
CA ILE C 99 13.28 47.17 -5.78
C ILE C 99 13.07 48.21 -4.71
N VAL C 100 12.40 47.85 -3.60
CA VAL C 100 12.34 48.71 -2.42
C VAL C 100 13.51 48.37 -1.47
N PRO C 101 14.42 49.32 -1.20
CA PRO C 101 15.54 49.01 -0.30
C PRO C 101 15.11 48.65 1.13
N ASP C 102 15.85 47.73 1.73
CA ASP C 102 15.55 47.28 3.06
C ASP C 102 15.98 48.28 4.13
N HIS C 103 15.31 49.41 4.20
CA HIS C 103 15.64 50.43 5.19
C HIS C 103 14.37 51.18 5.55
N PRO C 104 14.08 51.34 6.86
CA PRO C 104 12.83 51.96 7.38
C PRO C 104 12.37 53.22 6.65
N LEU C 105 13.30 54.15 6.35
CA LEU C 105 12.95 55.42 5.71
C LEU C 105 13.25 55.54 4.24
N LEU C 106 13.51 54.41 3.57
CA LEU C 106 13.74 54.37 2.11
C LEU C 106 12.63 53.55 1.50
N LYS C 107 11.47 54.16 1.40
CA LYS C 107 10.25 53.40 1.18
C LYS C 107 9.83 53.35 -0.28
N ASP C 108 10.44 54.23 -1.07
CA ASP C 108 10.09 54.37 -2.47
C ASP C 108 10.76 53.35 -3.35
N ALA C 109 9.96 52.71 -4.23
CA ALA C 109 10.54 51.76 -5.18
C ALA C 109 11.47 52.42 -6.24
N ILE C 110 12.58 51.75 -6.52
CA ILE C 110 13.61 52.22 -7.43
C ILE C 110 13.63 51.30 -8.63
N PRO C 111 13.46 51.88 -9.82
CA PRO C 111 13.41 51.04 -11.02
C PRO C 111 14.71 50.24 -11.16
N CYS C 112 14.61 48.95 -11.42
CA CYS C 112 15.82 48.13 -11.54
C CYS C 112 15.73 47.20 -12.73
N ARG C 113 16.83 46.49 -13.05
CA ARG C 113 16.78 45.37 -13.95
C ARG C 113 17.93 44.48 -13.49
N ALA C 114 17.84 43.18 -13.81
CA ALA C 114 18.89 42.19 -13.57
C ALA C 114 20.13 42.52 -14.33
N ALA C 115 21.31 42.41 -13.69
CA ALA C 115 22.62 42.60 -14.35
C ALA C 115 22.86 41.57 -15.42
N ARG C 116 23.68 41.92 -16.42
CA ARG C 116 24.08 40.94 -17.45
C ARG C 116 24.46 39.61 -16.81
N GLY C 117 24.06 38.50 -17.45
CA GLY C 117 24.51 37.16 -17.02
C GLY C 117 23.88 36.72 -15.71
N LEU C 118 22.85 37.44 -15.28
CA LEU C 118 22.20 37.06 -14.07
C LEU C 118 20.94 36.32 -14.48
N ASN C 119 21.02 35.00 -14.49
CA ASN C 119 19.99 34.21 -15.18
C ASN C 119 18.62 34.17 -14.51
N HIS C 120 18.56 34.45 -13.21
CA HIS C 120 17.32 34.28 -12.45
C HIS C 120 16.17 35.17 -12.96
N GLU C 121 14.94 34.64 -12.95
CA GLU C 121 13.74 35.45 -13.22
C GLU C 121 13.05 35.94 -11.98
N PHE C 122 13.29 37.20 -11.68
CA PHE C 122 12.88 37.81 -10.45
C PHE C 122 11.39 38.00 -10.46
N LYS C 123 10.74 37.42 -9.47
CA LYS C 123 9.31 37.52 -9.37
C LYS C 123 9.06 38.51 -8.25
N GLU C 124 7.79 38.79 -7.99
CA GLU C 124 7.35 39.65 -6.92
C GLU C 124 7.73 39.09 -5.56
N GLY C 125 8.43 39.90 -4.80
CA GLY C 125 8.73 39.57 -3.43
C GLY C 125 10.13 39.04 -3.25
N ASP C 126 10.84 38.84 -4.35
CA ASP C 126 12.18 38.23 -4.32
C ASP C 126 13.18 39.18 -3.65
N TRP C 127 14.07 38.66 -2.83
CA TRP C 127 15.10 39.46 -2.24
C TRP C 127 16.24 39.44 -3.17
N ALA C 128 16.78 40.64 -3.41
CA ALA C 128 17.93 40.83 -4.26
C ALA C 128 18.98 41.73 -3.55
N VAL C 129 20.25 41.49 -3.95
CA VAL C 129 21.35 42.40 -3.82
C VAL C 129 21.29 43.28 -5.09
N ALA C 130 21.43 44.60 -4.89
CA ALA C 130 21.27 45.65 -5.91
C ALA C 130 22.39 46.66 -5.71
N GLU C 131 22.71 47.37 -6.78
CA GLU C 131 23.61 48.52 -6.80
C GLU C 131 22.99 49.68 -7.51
N ARG C 133 22.80 52.82 -9.75
CA ARG C 133 23.43 53.25 -11.01
C ARG C 133 23.12 54.71 -11.42
N ARG C 134 21.91 55.20 -11.14
CA ARG C 134 21.44 56.56 -11.55
C ARG C 134 20.78 57.29 -10.40
N HIS C 135 20.90 58.60 -10.44
CA HIS C 135 20.45 59.47 -9.38
C HIS C 135 20.08 60.77 -10.07
N PRO C 136 18.89 61.35 -9.72
CA PRO C 136 18.42 62.61 -10.27
C PRO C 136 19.41 63.69 -10.10
N LEU C 137 20.16 63.72 -8.99
CA LEU C 137 21.09 64.82 -8.82
C LEU C 137 22.34 64.70 -9.63
N LYS C 138 22.56 63.56 -10.29
CA LYS C 138 23.66 63.44 -11.21
C LYS C 138 23.19 63.72 -12.65
N GLY C 139 21.95 64.15 -12.81
CA GLY C 139 21.50 64.54 -14.13
C GLY C 139 20.77 63.47 -14.90
N ASP C 140 20.22 62.49 -14.17
CA ASP C 140 19.48 61.39 -14.71
C ASP C 140 17.99 61.60 -14.41
N ARG C 141 17.10 61.01 -15.20
CA ARG C 141 15.66 61.26 -15.02
C ARG C 141 15.13 60.60 -13.78
N SER C 142 15.63 59.41 -13.46
CA SER C 142 15.29 58.81 -12.22
C SER C 142 16.38 58.06 -11.43
N PHE C 143 16.04 57.68 -10.22
CA PHE C 143 16.72 56.64 -9.49
C PHE C 143 16.63 55.35 -10.28
N TYR C 144 17.73 54.61 -10.27
CA TYR C 144 17.83 53.33 -10.96
C TYR C 144 18.91 52.46 -10.39
N ALA C 145 18.62 51.17 -10.29
CA ALA C 145 19.59 50.20 -9.78
C ALA C 145 19.62 48.96 -10.58
N GLU C 146 20.76 48.32 -10.52
CA GLU C 146 20.99 47.02 -11.10
C GLU C 146 20.99 45.88 -10.04
N LEU C 147 20.17 44.84 -10.24
CA LEU C 147 20.21 43.66 -9.38
C LEU C 147 21.41 42.81 -9.69
N THR C 148 22.25 42.57 -8.69
CA THR C 148 23.50 41.87 -8.96
C THR C 148 23.55 40.42 -8.48
N GLN C 149 22.52 40.03 -7.70
CA GLN C 149 22.44 38.74 -7.06
C GLN C 149 21.03 38.52 -6.54
N TYR C 150 20.57 37.28 -6.65
CA TYR C 150 19.27 36.80 -6.15
C TYR C 150 19.56 36.17 -4.81
N ILE C 151 18.80 36.59 -3.78
CA ILE C 151 19.02 36.07 -2.45
C ILE C 151 18.10 34.89 -2.23
N THR C 152 16.80 35.14 -2.27
CA THR C 152 15.82 34.13 -2.00
C THR C 152 14.42 34.67 -2.26
N PHE C 153 13.43 33.78 -2.26
CA PHE C 153 12.05 34.16 -2.42
C PHE C 153 11.49 34.85 -1.18
N GLY C 154 10.39 35.57 -1.39
CA GLY C 154 9.86 36.53 -0.45
C GLY C 154 9.23 35.87 0.75
N ASP C 155 8.45 34.83 0.53
CA ASP C 155 7.87 34.13 1.68
C ASP C 155 8.84 33.06 2.28
N ASP C 156 10.11 33.07 1.90
CA ASP C 156 11.09 32.12 2.48
C ASP C 156 11.26 32.30 4.00
N HIS C 157 10.99 31.26 4.78
CA HIS C 157 11.15 31.29 6.25
C HIS C 157 12.56 31.62 6.80
N PHE C 158 13.58 31.34 6.00
CA PHE C 158 14.99 31.49 6.37
C PHE C 158 15.59 32.81 5.87
N VAL C 159 14.72 33.68 5.38
CA VAL C 159 15.09 35.03 4.94
C VAL C 159 16.02 35.80 5.90
N PRO C 160 15.81 35.74 7.23
CA PRO C 160 16.71 36.52 8.13
C PRO C 160 18.18 36.19 7.97
N TRP C 161 18.48 34.90 7.82
CA TRP C 161 19.86 34.41 7.64
C TRP C 161 20.45 34.83 6.33
N TRP C 162 19.74 34.53 5.22
CA TRP C 162 20.23 34.80 3.86
C TRP C 162 20.36 36.26 3.53
N VAL C 163 19.34 37.01 3.83
CA VAL C 163 19.38 38.44 3.56
C VAL C 163 20.51 39.12 4.35
N THR C 164 20.68 38.74 5.61
CA THR C 164 21.75 39.31 6.42
C THR C 164 23.14 38.97 5.91
N LEU C 165 23.36 37.71 5.58
CA LEU C 165 24.69 37.36 5.04
C LEU C 165 25.00 38.13 3.73
N ALA C 166 23.98 38.23 2.86
CA ALA C 166 24.15 38.95 1.58
C ALA C 166 24.31 40.47 1.76
N ARG C 167 23.58 41.08 2.71
CA ARG C 167 23.75 42.54 2.93
C ARG C 167 25.17 42.96 3.36
N HIS C 168 25.90 42.04 3.98
CA HIS C 168 27.22 42.40 4.48
C HIS C 168 28.26 41.72 3.68
N ASN C 169 27.81 41.02 2.65
CA ASN C 169 28.70 40.25 1.78
C ASN C 169 29.56 39.23 2.53
N LEU C 170 28.90 38.36 3.27
CA LEU C 170 29.58 37.40 4.11
C LEU C 170 29.39 36.02 3.57
N GLU C 171 30.43 35.19 3.72
CA GLU C 171 30.44 33.81 3.29
C GLU C 171 29.26 33.07 3.87
N LYS C 172 28.68 32.15 3.12
CA LYS C 172 27.50 31.43 3.59
C LYS C 172 27.80 29.97 3.95
N GLU C 173 29.02 29.51 3.70
CA GLU C 173 29.40 28.15 4.10
C GLU C 173 30.88 28.08 4.45
N ALA C 174 31.29 26.90 4.91
CA ALA C 174 32.64 26.68 5.36
C ALA C 174 33.57 26.70 4.15
N PRO C 175 34.88 26.98 4.40
CA PRO C 175 35.78 27.03 3.26
C PRO C 175 36.06 25.62 2.73
N ASP C 176 36.46 25.57 1.46
CA ASP C 176 36.90 24.35 0.81
C ASP C 176 38.37 24.07 1.08
N GLY C 177 38.68 22.79 1.23
CA GLY C 177 40.06 22.32 1.23
C GLY C 177 40.23 20.97 1.87
N VAL C 178 41.04 20.12 1.24
CA VAL C 178 41.51 18.91 1.89
C VAL C 178 42.39 19.34 3.07
N ALA C 179 42.05 18.83 4.26
CA ALA C 179 42.94 18.91 5.42
C ALA C 179 43.74 17.62 5.39
N THR C 180 45.02 17.75 5.05
CA THR C 180 45.86 16.63 4.65
C THR C 180 46.69 16.09 5.82
N GLU C 181 47.94 15.74 5.52
CA GLU C 181 48.87 15.21 6.52
C GLU C 181 49.47 16.34 7.35
N LEU C 183 52.15 18.59 9.46
CA LEU C 183 53.49 19.03 9.06
C LEU C 183 54.54 18.53 10.06
N ASP C 184 55.82 18.58 9.69
CA ASP C 184 56.84 18.30 10.71
C ASP C 184 57.97 19.32 10.79
N GLU C 185 58.35 19.60 12.04
CA GLU C 185 59.47 20.48 12.34
C GLU C 185 60.20 20.07 13.64
N GLY C 186 60.57 21.06 14.46
CA GLY C 186 61.22 20.80 15.74
C GLY C 186 60.16 20.41 16.74
N LEU C 187 59.37 19.41 16.39
CA LEU C 187 58.19 19.07 17.18
C LEU C 187 58.60 18.32 18.45
N VAL C 188 59.24 19.05 19.36
CA VAL C 188 59.64 18.51 20.65
C VAL C 188 58.37 18.35 21.50
N ARG C 189 57.39 17.62 20.97
CA ARG C 189 56.08 17.48 21.62
C ARG C 189 56.20 16.63 22.89
N GLU C 190 56.13 17.28 24.04
CA GLU C 190 56.14 16.58 25.30
C GLU C 190 54.91 15.70 25.44
N ASP C 191 55.07 14.55 26.08
CA ASP C 191 53.97 13.62 26.24
C ASP C 191 53.33 13.77 27.62
N LEU C 192 52.26 14.55 27.65
CA LEU C 192 51.51 14.79 28.88
C LEU C 192 50.29 13.88 28.93
N THR C 193 50.28 12.89 28.04
CA THR C 193 49.28 11.83 27.96
C THR C 193 48.84 11.32 29.35
N ALA C 194 49.82 10.99 30.19
CA ALA C 194 49.59 10.54 31.57
C ALA C 194 48.70 11.47 32.40
N LEU C 195 48.82 12.78 32.17
CA LEU C 195 48.15 13.82 32.98
C LEU C 195 46.63 13.91 32.80
N ASP C 196 45.97 14.32 33.90
CA ASP C 196 44.51 14.44 33.94
C ASP C 196 43.97 15.67 33.19
N PHE C 197 44.15 15.73 31.86
CA PHE C 197 43.60 16.84 31.08
C PHE C 197 42.11 16.68 30.94
N VAL C 198 41.44 17.82 30.82
CA VAL C 198 39.99 17.91 30.98
C VAL C 198 39.47 19.04 30.10
N THR C 199 38.23 18.94 29.61
CA THR C 199 37.64 20.03 28.82
C THR C 199 36.30 20.43 29.39
N ILE C 200 36.13 21.69 29.78
CA ILE C 200 34.82 22.11 30.26
C ILE C 200 34.18 23.01 29.21
N ASP C 201 33.01 22.58 28.69
CA ASP C 201 32.29 23.29 27.61
C ASP C 201 30.75 23.23 27.79
N SER C 202 30.01 23.72 26.79
CA SER C 202 28.54 23.63 26.80
C SER C 202 28.09 22.26 26.37
N ALA C 203 26.86 21.90 26.73
CA ALA C 203 26.35 20.51 26.55
C ALA C 203 26.24 20.14 25.08
N SER C 204 26.08 21.18 24.26
CA SER C 204 25.83 21.14 22.83
C SER C 204 27.06 20.78 22.03
N THR C 205 28.10 21.59 22.23
CA THR C 205 29.36 21.59 21.49
C THR C 205 30.05 20.23 21.37
N GLU C 206 30.16 19.73 20.15
CA GLU C 206 31.02 18.57 19.84
C GLU C 206 32.47 19.03 19.73
N ASP C 207 32.66 20.35 19.54
CA ASP C 207 33.99 20.93 19.42
C ASP C 207 34.54 21.41 20.76
N ASP C 209 38.07 22.74 22.12
CA ASP C 209 39.30 23.21 21.52
C ASP C 209 40.38 23.58 22.51
N ASP C 210 40.02 23.65 23.79
CA ASP C 210 40.99 23.80 24.90
C ASP C 210 40.79 22.74 25.99
N ALA C 211 41.90 22.26 26.54
CA ALA C 211 41.86 21.34 27.68
C ALA C 211 42.58 21.96 28.88
N LEU C 212 42.31 21.46 30.08
CA LEU C 212 42.91 22.05 31.27
C LEU C 212 43.50 20.96 32.17
N PHE C 213 44.61 21.27 32.81
CA PHE C 213 45.18 20.40 33.82
C PHE C 213 45.66 21.26 34.99
N ALA C 214 45.31 20.88 36.21
CA ALA C 214 45.82 21.59 37.38
C ALA C 214 46.69 20.67 38.25
N LYS C 215 47.52 21.28 39.11
CA LYS C 215 48.36 20.54 40.02
C LYS C 215 48.68 21.35 41.26
N ALA C 216 48.76 20.66 42.40
CA ALA C 216 49.07 21.30 43.67
C ALA C 216 50.57 21.43 43.73
N LEU C 217 51.05 22.59 44.16
CA LEU C 217 52.49 22.80 44.21
C LEU C 217 52.93 23.20 45.63
N PRO C 218 54.23 23.08 45.95
CA PRO C 218 54.65 23.44 47.30
C PRO C 218 54.51 24.94 47.56
N ASP C 219 54.31 25.29 48.84
CA ASP C 219 54.07 26.68 49.30
C ASP C 219 52.68 27.23 48.93
N ASP C 220 51.62 26.44 49.12
CA ASP C 220 50.24 26.87 48.71
C ASP C 220 50.21 27.44 47.27
N LYS C 221 50.96 26.80 46.38
CA LYS C 221 51.01 27.24 44.99
C LYS C 221 50.25 26.31 44.07
N LEU C 222 50.03 26.76 42.85
CA LEU C 222 49.24 26.04 41.88
C LEU C 222 49.85 26.15 40.51
N GLN C 223 49.79 25.04 39.78
CA GLN C 223 50.24 25.00 38.41
C GLN C 223 49.05 24.82 37.53
N LEU C 224 49.01 25.57 36.44
CA LEU C 224 47.98 25.38 35.45
C LEU C 224 48.64 25.11 34.12
N ILE C 225 48.16 24.09 33.43
CA ILE C 225 48.52 23.92 32.04
C ILE C 225 47.24 24.03 31.25
N VAL C 226 47.20 25.06 30.40
CA VAL C 226 46.15 25.26 29.45
C VAL C 226 46.62 24.63 28.14
N ALA C 227 45.84 23.69 27.61
CA ALA C 227 46.23 23.03 26.37
C ALA C 227 45.26 23.36 25.24
N ILE C 228 45.82 23.91 24.16
CA ILE C 228 45.02 24.42 23.07
C ILE C 228 45.27 23.58 21.84
N ALA C 229 44.20 23.24 21.13
CA ALA C 229 44.31 22.48 19.88
C ALA C 229 45.28 23.14 18.88
N ASP C 230 45.99 22.31 18.11
CA ASP C 230 47.09 22.72 17.26
C ASP C 230 46.72 22.74 15.75
N PRO C 231 45.86 23.67 15.31
CA PRO C 231 45.56 23.65 13.88
C PRO C 231 46.71 24.07 12.96
N THR C 232 47.67 24.85 13.47
CA THR C 232 48.78 25.26 12.59
C THR C 232 49.72 24.10 12.21
N ALA C 233 49.46 22.93 12.77
CA ALA C 233 50.26 21.77 12.42
C ALA C 233 49.71 21.02 11.20
N TRP C 234 48.44 21.30 10.85
CA TRP C 234 47.88 20.85 9.56
C TRP C 234 47.88 21.90 8.46
N ILE C 235 47.65 23.15 8.83
CA ILE C 235 47.58 24.26 7.90
C ILE C 235 48.92 25.00 7.87
N ALA C 236 49.55 24.99 6.72
CA ALA C 236 50.83 25.65 6.54
C ALA C 236 50.58 27.11 6.17
N GLU C 237 51.55 27.97 6.43
CA GLU C 237 51.33 29.38 6.15
C GLU C 237 51.41 29.64 4.66
N GLY C 238 50.41 30.34 4.13
CA GLY C 238 50.34 30.61 2.70
C GLY C 238 49.62 29.53 1.91
N SER C 239 49.38 28.38 2.55
CA SER C 239 48.54 27.33 1.97
C SER C 239 47.14 27.89 1.63
N LYS C 240 46.37 27.12 0.84
CA LYS C 240 45.02 27.49 0.44
C LYS C 240 44.21 27.89 1.64
N LEU C 241 44.05 26.93 2.56
CA LEU C 241 43.29 27.12 3.79
C LEU C 241 43.73 28.32 4.58
N ASP C 242 45.04 28.49 4.77
CA ASP C 242 45.58 29.68 5.43
C ASP C 242 45.03 30.98 4.82
N LYS C 243 44.99 31.02 3.49
CA LYS C 243 44.48 32.19 2.76
C LYS C 243 42.97 32.42 2.89
N ALA C 244 42.19 31.33 2.81
CA ALA C 244 40.74 31.38 3.08
C ALA C 244 40.41 31.97 4.45
N ALA C 245 41.09 31.45 5.47
CA ALA C 245 40.84 31.80 6.86
C ALA C 245 41.17 33.24 7.16
N LYS C 246 42.22 33.75 6.52
CA LYS C 246 42.63 35.17 6.65
C LYS C 246 41.59 36.20 6.13
N ILE C 247 40.85 35.83 5.10
CA ILE C 247 39.76 36.66 4.59
C ILE C 247 38.60 36.68 5.61
N ARG C 248 38.16 35.50 6.07
CA ARG C 248 37.02 35.38 6.99
C ARG C 248 37.35 35.87 8.37
N ALA C 249 38.58 35.59 8.82
CA ALA C 249 39.18 36.13 10.06
C ALA C 249 38.57 35.63 11.36
N PHE C 250 37.27 35.34 11.33
CA PHE C 250 36.58 34.80 12.50
C PHE C 250 35.42 33.94 12.05
N THR C 251 35.22 32.78 12.69
CA THR C 251 33.92 32.09 12.61
C THR C 251 32.74 33.11 12.85
N ASN C 252 31.77 33.17 11.95
CA ASN C 252 30.61 34.05 12.15
C ASN C 252 29.50 33.24 12.79
N TYR C 253 29.11 33.65 13.97
CA TYR C 253 28.07 33.02 14.78
C TYR C 253 26.78 33.75 14.69
N LEU C 254 25.77 33.11 14.14
CA LEU C 254 24.45 33.69 14.08
C LEU C 254 23.53 32.82 14.91
N PRO C 255 22.41 33.40 15.43
CA PRO C 255 21.37 32.56 16.05
C PRO C 255 21.12 31.28 15.26
N GLY C 256 21.29 30.17 15.95
CA GLY C 256 21.18 28.84 15.39
C GLY C 256 22.08 28.43 14.26
N PHE C 257 23.07 29.22 13.90
CA PHE C 257 23.80 28.97 12.63
C PHE C 257 25.18 29.58 12.67
N ASN C 258 26.22 28.82 12.39
CA ASN C 258 27.52 29.49 12.32
C ASN C 258 28.17 29.25 10.99
N ILE C 259 29.08 30.14 10.61
CA ILE C 259 29.87 30.00 9.40
C ILE C 259 31.33 29.85 9.81
N PRO C 260 31.82 28.60 9.78
CA PRO C 260 33.20 28.31 10.24
C PRO C 260 34.29 28.95 9.38
N LEU C 262 37.26 27.53 9.28
CA LEU C 262 38.08 26.37 8.86
C LEU C 262 37.16 25.23 8.54
N PRO C 263 37.55 24.35 7.59
CA PRO C 263 36.77 23.12 7.33
C PRO C 263 36.37 22.40 8.61
N ARG C 264 35.25 21.70 8.56
CA ARG C 264 34.77 21.00 9.78
C ARG C 264 35.63 19.82 10.18
N GLU C 265 36.26 19.19 9.19
CA GLU C 265 37.26 18.12 9.38
C GLU C 265 38.21 18.40 10.55
N LEU C 266 38.62 19.66 10.68
CA LEU C 266 39.58 20.07 11.68
C LEU C 266 38.88 20.40 12.99
N SER C 267 37.83 21.20 12.90
CA SER C 267 37.05 21.62 14.04
C SER C 267 36.39 20.45 14.78
N ASP C 268 35.80 19.52 14.02
CA ASP C 268 35.09 18.36 14.60
C ASP C 268 35.99 17.15 14.92
N ASP C 269 37.05 16.95 14.13
CA ASP C 269 37.87 15.77 14.30
C ASP C 269 39.32 16.09 14.68
N LEU C 270 40.11 16.45 13.67
CA LEU C 270 41.57 16.53 13.75
C LEU C 270 42.15 17.31 14.93
N CYS C 271 41.42 18.31 15.41
CA CYS C 271 41.88 19.15 16.52
C CYS C 271 41.08 18.97 17.80
N SER C 272 39.76 18.85 17.67
CA SER C 272 38.87 18.56 18.80
C SER C 272 39.57 17.67 19.82
N LEU C 273 39.65 18.17 21.05
CA LEU C 273 40.33 17.49 22.14
C LEU C 273 39.37 16.53 22.83
N ARG C 274 38.95 15.53 22.06
CA ARG C 274 37.98 14.52 22.49
C ARG C 274 38.49 13.67 23.68
N ALA C 275 37.53 13.12 24.43
CA ALA C 275 37.81 12.25 25.57
C ALA C 275 38.44 10.93 25.13
N ASN C 276 39.52 10.52 25.80
CA ASN C 276 40.19 9.25 25.50
C ASN C 276 40.61 9.10 24.01
N GLU C 277 40.88 10.24 23.38
CA GLU C 277 41.58 10.30 22.09
C GLU C 277 42.91 11.00 22.33
N VAL C 278 43.90 10.76 21.49
CA VAL C 278 45.23 11.36 21.69
C VAL C 278 45.48 12.48 20.70
N ARG C 279 45.79 13.67 21.23
CA ARG C 279 45.79 14.91 20.43
C ARG C 279 47.01 15.79 20.68
N PRO C 280 47.64 16.26 19.57
CA PRO C 280 48.72 17.22 19.64
C PRO C 280 48.15 18.56 20.07
N VAL C 281 48.89 19.31 20.87
CA VAL C 281 48.41 20.59 21.37
C VAL C 281 49.50 21.63 21.34
N LEU C 282 49.10 22.87 21.59
CA LEU C 282 50.02 23.90 22.02
C LEU C 282 49.66 24.18 23.45
N ALA C 283 50.67 24.26 24.31
CA ALA C 283 50.44 24.16 25.74
C ALA C 283 51.12 25.28 26.50
N CYS C 284 50.59 25.60 27.67
CA CYS C 284 51.16 26.65 28.48
C CYS C 284 51.19 26.28 29.94
N ARG C 285 52.40 26.23 30.48
CA ARG C 285 52.60 25.94 31.90
C ARG C 285 53.08 27.18 32.65
N THR C 287 52.98 29.07 36.78
CA THR C 287 52.71 28.82 38.19
C THR C 287 52.08 30.04 38.82
N LEU C 288 51.00 29.80 39.55
CA LEU C 288 50.27 30.88 40.20
C LEU C 288 50.70 31.00 41.63
N SER C 289 51.17 32.19 42.00
CA SER C 289 51.50 32.54 43.36
C SER C 289 50.34 32.35 44.33
N ALA C 290 50.57 32.73 45.57
CA ALA C 290 49.56 32.78 46.62
C ALA C 290 48.42 33.68 46.19
N ASP C 291 48.78 34.92 45.90
CA ASP C 291 47.82 35.97 45.74
C ASP C 291 47.14 35.90 44.36
N GLY C 292 47.47 34.84 43.60
CA GLY C 292 46.93 34.61 42.25
C GLY C 292 47.88 34.97 41.12
N THR C 293 49.01 35.58 41.45
CA THR C 293 49.97 36.12 40.46
C THR C 293 50.55 35.02 39.57
N ILE C 294 50.63 35.29 38.27
CA ILE C 294 51.31 34.43 37.35
C ILE C 294 52.82 34.69 37.43
N GLU C 295 53.53 33.74 38.06
CA GLU C 295 55.01 33.80 38.21
C GLU C 295 55.71 33.69 36.88
N ASP C 296 56.92 34.25 36.85
CA ASP C 296 57.72 34.42 35.65
C ASP C 296 58.00 33.17 34.84
N ASN C 297 58.33 32.08 35.54
CA ASN C 297 58.61 30.75 34.94
C ASN C 297 57.58 30.20 33.89
N ILE C 298 57.17 31.06 32.95
CA ILE C 298 56.21 30.67 31.93
C ILE C 298 56.89 29.94 30.80
N GLU C 299 56.46 28.71 30.57
CA GLU C 299 56.90 27.97 29.42
C GLU C 299 55.75 27.64 28.49
N PHE C 300 55.97 27.93 27.22
CA PHE C 300 55.19 27.34 26.15
C PHE C 300 55.95 26.17 25.51
N PHE C 301 55.20 25.13 25.12
CA PHE C 301 55.76 23.93 24.53
C PHE C 301 54.69 23.14 23.79
N ALA C 302 55.05 22.64 22.62
CA ALA C 302 54.23 21.70 21.84
C ALA C 302 54.11 20.43 22.61
N ALA C 303 52.96 19.78 22.51
CA ALA C 303 52.73 18.57 23.30
C ALA C 303 51.76 17.56 22.66
N THR C 304 51.34 16.62 23.51
CA THR C 304 50.40 15.57 23.18
C THR C 304 49.66 15.24 24.47
N ILE C 305 48.33 15.18 24.39
CA ILE C 305 47.54 14.95 25.59
C ILE C 305 46.45 13.96 25.26
N GLU C 306 45.82 13.42 26.30
CA GLU C 306 44.60 12.64 26.15
C GLU C 306 43.65 13.05 27.24
N SER C 307 42.62 13.82 26.87
CA SER C 307 41.67 14.33 27.85
C SER C 307 40.94 13.19 28.53
N LYS C 308 40.88 13.28 29.86
CA LYS C 308 40.21 12.28 30.66
C LYS C 308 38.67 12.38 30.60
N ALA C 309 38.14 13.59 30.38
CA ALA C 309 36.70 13.77 30.19
C ALA C 309 36.28 15.11 29.61
N LYS C 310 35.32 15.04 28.69
CA LYS C 310 34.47 16.17 28.32
C LYS C 310 33.56 16.43 29.50
N LEU C 311 33.77 17.57 30.15
CA LEU C 311 32.89 18.05 31.20
C LEU C 311 31.94 19.09 30.67
N VAL C 312 30.92 19.42 31.48
CA VAL C 312 29.83 20.31 31.08
C VAL C 312 29.62 21.41 32.10
N TYR C 313 29.62 22.64 31.63
CA TYR C 313 29.37 23.79 32.48
C TYR C 313 28.35 23.51 33.55
N ASP C 314 27.13 23.13 33.17
CA ASP C 314 26.05 23.05 34.15
C ASP C 314 26.28 21.95 35.16
N GLN C 315 26.61 20.76 34.65
CA GLN C 315 26.89 19.62 35.50
C GLN C 315 27.94 20.01 36.53
N VAL C 316 29.09 20.48 36.06
CA VAL C 316 30.20 20.88 36.92
C VAL C 316 29.79 21.92 37.94
N SER C 317 29.01 22.89 37.48
CA SER C 317 28.60 23.98 38.34
C SER C 317 27.76 23.45 39.52
N ASP C 318 26.94 22.43 39.24
CA ASP C 318 26.07 21.81 40.24
C ASP C 318 26.90 21.10 41.30
N TRP C 319 27.99 20.46 40.86
CA TRP C 319 28.94 19.77 41.73
C TRP C 319 29.60 20.69 42.76
N LEU C 320 29.91 21.92 42.39
CA LEU C 320 30.41 22.88 43.39
C LEU C 320 29.32 23.47 44.30
N GLU C 321 28.15 23.75 43.74
CA GLU C 321 27.06 24.31 44.52
C GLU C 321 26.42 23.22 45.40
N ASN C 322 25.71 22.30 44.76
CA ASN C 322 24.96 21.19 45.40
C ASN C 322 24.09 20.50 44.34
N THR C 323 24.50 19.29 43.96
CA THR C 323 24.02 18.64 42.73
C THR C 323 22.96 17.57 42.98
N GLY C 324 22.07 17.41 42.01
CA GLY C 324 20.98 16.43 42.15
C GLY C 324 21.25 15.08 41.50
N ASP C 325 22.26 15.04 40.64
CA ASP C 325 22.34 13.94 39.71
C ASP C 325 23.76 13.44 39.46
N TRP C 326 24.65 14.36 39.12
CA TRP C 326 25.93 14.02 38.52
C TRP C 326 27.10 14.17 39.49
N GLN C 327 28.11 13.31 39.30
CA GLN C 327 29.37 13.37 40.02
C GLN C 327 30.47 13.06 39.01
N PRO C 328 31.68 13.62 39.21
CA PRO C 328 32.84 13.18 38.42
C PRO C 328 33.11 11.67 38.50
N GLU C 329 33.30 11.05 37.34
CA GLU C 329 33.49 9.60 37.19
C GLU C 329 34.63 8.97 38.01
N SER C 330 35.44 9.79 38.67
CA SER C 330 36.59 9.32 39.46
C SER C 330 37.21 10.44 40.30
N GLU C 331 38.07 10.07 41.23
CA GLU C 331 38.64 11.02 42.19
C GLU C 331 39.69 11.91 41.54
N ALA C 332 40.40 11.36 40.57
CA ALA C 332 41.33 12.13 39.73
C ALA C 332 40.64 13.35 39.09
N ILE C 333 39.49 13.12 38.46
CA ILE C 333 38.71 14.17 37.81
C ILE C 333 38.04 15.10 38.83
N ALA C 334 37.68 14.58 40.00
CA ALA C 334 37.10 15.39 41.05
C ALA C 334 38.12 16.36 41.69
N GLU C 335 39.37 15.92 41.79
CA GLU C 335 40.49 16.73 42.29
C GLU C 335 40.83 17.88 41.35
N GLN C 336 41.11 17.52 40.10
CA GLN C 336 41.34 18.48 39.02
C GLN C 336 40.34 19.59 39.06
N VAL C 337 39.06 19.24 39.03
CA VAL C 337 37.98 20.23 39.06
C VAL C 337 38.06 21.09 40.33
N ARG C 338 38.22 20.43 41.48
CA ARG C 338 38.32 21.13 42.75
C ARG C 338 39.57 22.03 42.79
N LEU C 339 40.62 21.62 42.07
CA LEU C 339 41.81 22.45 41.91
C LEU C 339 41.62 23.61 40.93
N LEU C 340 41.00 23.35 39.77
CA LEU C 340 40.67 24.41 38.80
C LEU C 340 39.79 25.49 39.41
N ALA C 341 38.95 25.08 40.37
CA ALA C 341 38.09 25.96 41.17
C ALA C 341 38.90 26.78 42.19
N GLN C 342 40.07 26.26 42.56
CA GLN C 342 40.94 26.97 43.48
C GLN C 342 41.66 28.08 42.73
N ILE C 343 42.24 27.70 41.58
CA ILE C 343 42.82 28.62 40.61
C ILE C 343 41.84 29.78 40.30
N CYS C 344 40.61 29.42 39.93
CA CYS C 344 39.56 30.38 39.66
C CYS C 344 39.46 31.45 40.76
N GLN C 345 39.48 31.01 42.01
CA GLN C 345 39.26 31.88 43.13
C GLN C 345 40.40 32.86 43.34
N ARG C 346 41.63 32.42 43.08
CA ARG C 346 42.80 33.30 43.24
C ARG C 346 42.85 34.35 42.13
N ARG C 347 42.49 33.89 40.93
CA ARG C 347 42.48 34.72 39.73
C ARG C 347 41.40 35.79 39.82
N GLY C 348 40.15 35.39 40.05
CA GLY C 348 39.07 36.33 40.43
C GLY C 348 39.62 37.38 41.39
N GLU C 349 40.12 36.92 42.54
CA GLU C 349 40.73 37.79 43.55
C GLU C 349 41.84 38.68 43.01
N TRP C 350 42.65 38.14 42.11
CA TRP C 350 43.81 38.88 41.65
C TRP C 350 43.35 40.01 40.73
N ARG C 351 42.46 39.67 39.80
CA ARG C 351 41.93 40.62 38.87
C ARG C 351 41.06 41.70 39.54
N HIS C 352 40.38 41.35 40.63
CA HIS C 352 39.70 42.34 41.45
C HIS C 352 40.70 43.20 42.27
N ASN C 353 41.92 42.76 42.46
CA ASN C 353 42.83 43.63 43.19
C ASN C 353 43.69 44.51 42.29
N HIS C 354 44.05 43.99 41.11
CA HIS C 354 45.10 44.58 40.30
C HIS C 354 44.66 44.87 38.87
N ALA C 355 43.39 44.57 38.58
CA ALA C 355 42.86 44.76 37.24
C ALA C 355 41.38 45.21 37.27
N LEU C 356 40.64 44.80 36.25
CA LEU C 356 39.23 45.05 36.14
C LEU C 356 38.52 43.75 35.91
N VAL C 357 37.34 43.63 36.48
CA VAL C 357 36.54 42.44 36.36
C VAL C 357 35.24 42.91 35.74
N PHE C 358 35.14 42.79 34.42
CA PHE C 358 33.98 43.25 33.64
C PHE C 358 32.64 42.84 34.25
N LYS C 359 31.78 43.84 34.49
CA LYS C 359 30.39 43.61 34.93
C LYS C 359 29.59 42.98 33.80
N ASP C 360 29.42 41.67 33.88
CA ASP C 360 28.90 40.93 32.76
C ASP C 360 27.45 41.21 32.43
N ARG C 361 27.22 41.84 31.30
CA ARG C 361 25.87 42.08 30.81
C ARG C 361 25.21 40.73 30.39
N PRO C 362 23.86 40.66 30.36
CA PRO C 362 23.12 39.41 29.99
C PRO C 362 23.45 38.83 28.58
N ASP C 363 23.78 37.54 28.52
CA ASP C 363 24.02 36.85 27.26
C ASP C 363 22.76 36.18 26.77
N TYR C 364 22.12 36.74 25.75
CA TYR C 364 20.81 36.22 25.34
C TYR C 364 20.98 35.16 24.27
N ARG C 365 20.34 34.03 24.44
CA ARG C 365 20.41 32.97 23.47
C ARG C 365 19.03 32.79 22.83
N PHE C 366 18.98 32.72 21.51
CA PHE C 366 17.75 32.40 20.78
C PHE C 366 17.63 30.88 20.76
N ILE C 367 16.54 30.36 21.30
CA ILE C 367 16.21 28.97 21.23
C ILE C 367 15.24 28.75 20.11
N LEU C 368 15.75 28.10 19.08
CA LEU C 368 15.07 27.97 17.80
C LEU C 368 14.66 26.51 17.63
N GLY C 369 13.47 26.30 17.07
CA GLY C 369 12.98 24.94 16.83
C GLY C 369 13.68 24.45 15.58
N GLU C 370 13.53 23.16 15.27
CA GLU C 370 14.10 22.52 14.09
C GLU C 370 13.95 23.28 12.77
N LYS C 371 12.84 24.01 12.56
CA LYS C 371 12.65 24.74 11.27
C LYS C 371 13.04 26.22 11.32
N GLY C 372 13.40 26.71 12.52
CA GLY C 372 13.78 28.10 12.70
C GLY C 372 12.86 28.89 13.62
N GLU C 373 11.65 28.41 13.86
CA GLU C 373 10.76 29.12 14.78
C GLU C 373 11.45 29.51 16.11
N VAL C 374 11.13 30.70 16.61
CA VAL C 374 11.70 31.18 17.87
C VAL C 374 10.89 30.64 19.00
N LEU C 375 11.47 29.74 19.79
CA LEU C 375 10.73 29.12 20.85
C LEU C 375 10.83 29.93 22.13
N ASP C 376 12.03 30.44 22.38
CA ASP C 376 12.25 31.38 23.45
C ASP C 376 13.53 32.14 23.18
N ILE C 377 13.85 33.09 24.06
CA ILE C 377 15.08 33.90 24.00
C ILE C 377 15.43 34.28 25.43
N VAL C 378 16.49 33.67 25.98
CA VAL C 378 16.77 33.78 27.41
C VAL C 378 18.21 34.14 27.71
N ALA C 379 18.42 34.88 28.81
CA ALA C 379 19.79 35.16 29.24
C ALA C 379 20.35 33.91 29.92
N GLU C 380 21.34 33.30 29.25
CA GLU C 380 22.23 32.28 29.83
C GLU C 380 22.99 32.80 31.12
N PRO C 381 22.64 32.24 32.30
CA PRO C 381 23.33 32.50 33.59
C PRO C 381 24.79 32.03 33.62
N ARG C 382 25.65 32.91 34.14
CA ARG C 382 27.07 32.66 34.19
C ARG C 382 27.31 32.19 35.60
N ARG C 383 27.72 30.93 35.72
CA ARG C 383 27.93 30.28 37.02
C ARG C 383 29.40 29.93 37.17
N ILE C 384 29.77 29.42 38.34
CA ILE C 384 31.16 29.16 38.63
C ILE C 384 31.94 28.40 37.57
N ALA C 385 31.39 27.34 36.99
CA ALA C 385 32.11 26.57 35.98
C ALA C 385 32.43 27.40 34.72
N ASN C 386 31.72 28.51 34.54
CA ASN C 386 32.00 29.43 33.45
C ASN C 386 33.17 30.30 33.77
N ARG C 387 33.19 30.83 34.99
CA ARG C 387 34.31 31.63 35.44
C ARG C 387 35.60 30.81 35.49
N ILE C 388 35.47 29.52 35.80
CA ILE C 388 36.57 28.61 35.86
C ILE C 388 37.24 28.55 34.50
N VAL C 389 36.47 28.37 33.43
CA VAL C 389 37.07 28.29 32.10
C VAL C 389 37.51 29.68 31.63
N GLU C 390 36.85 30.72 32.12
CA GLU C 390 37.22 32.09 31.73
C GLU C 390 38.51 32.59 32.36
N GLU C 391 38.66 32.43 33.67
CA GLU C 391 39.89 32.79 34.37
C GLU C 391 41.12 32.06 33.75
N ALA C 392 40.96 30.77 33.44
CA ALA C 392 42.00 29.97 32.74
C ALA C 392 42.36 30.52 31.36
N ILE C 394 41.95 33.65 30.35
CA ILE C 394 42.53 34.97 30.53
C ILE C 394 43.99 34.91 30.91
N ALA C 395 44.29 34.08 31.92
CA ALA C 395 45.64 33.84 32.41
C ALA C 395 46.48 33.34 31.25
N ALA C 396 45.92 32.43 30.45
CA ALA C 396 46.68 31.82 29.36
C ALA C 396 47.03 32.85 28.31
N ASN C 397 46.16 33.85 28.19
CA ASN C 397 46.28 34.89 27.17
C ASN C 397 47.14 36.06 27.65
N ILE C 398 47.21 36.21 28.97
CA ILE C 398 48.24 37.05 29.57
C ILE C 398 49.66 36.46 29.38
N CYS C 399 49.82 35.15 29.55
CA CYS C 399 51.14 34.51 29.36
C CYS C 399 51.66 34.72 27.95
N ALA C 400 50.79 34.47 26.96
CA ALA C 400 51.11 34.64 25.54
C ALA C 400 51.57 36.06 25.26
N ALA C 401 50.89 37.02 25.86
CA ALA C 401 51.25 38.43 25.73
C ALA C 401 52.63 38.74 26.28
N ARG C 402 52.92 38.26 27.48
CA ARG C 402 54.23 38.48 28.09
C ARG C 402 55.34 37.82 27.32
N VAL C 403 55.14 36.56 26.91
CA VAL C 403 56.22 35.84 26.21
C VAL C 403 56.51 36.49 24.86
N LEU C 404 55.47 36.70 24.05
CA LEU C 404 55.61 37.34 22.72
C LEU C 404 56.22 38.76 22.73
N ARG C 405 56.08 39.45 23.85
CA ARG C 405 56.65 40.77 24.06
C ARG C 405 58.16 40.66 24.23
N ASP C 406 58.57 39.88 25.23
CA ASP C 406 59.99 39.75 25.58
C ASP C 406 60.77 38.93 24.55
N LYS C 407 60.17 37.84 24.07
CA LYS C 407 60.87 36.96 23.16
C LYS C 407 60.72 37.35 21.68
N LEU C 408 59.77 38.21 21.35
CA LEU C 408 59.61 38.62 19.96
C LEU C 408 59.50 40.13 19.75
N GLY C 409 58.68 40.78 20.57
CA GLY C 409 58.44 42.21 20.45
C GLY C 409 57.24 42.55 19.59
N PHE C 410 56.49 41.54 19.15
CA PHE C 410 55.28 41.71 18.34
C PHE C 410 54.40 40.46 18.43
N GLY C 411 53.15 40.60 18.01
CA GLY C 411 52.21 39.51 17.99
C GLY C 411 50.87 40.12 17.67
N ILE C 412 49.82 39.31 17.65
CA ILE C 412 48.47 39.84 17.55
C ILE C 412 47.93 40.15 18.96
N TYR C 413 47.82 41.45 19.28
CA TYR C 413 47.42 41.97 20.63
C TYR C 413 46.05 42.68 20.64
N ASN C 414 45.36 42.63 21.78
CA ASN C 414 44.15 43.42 21.93
C ASN C 414 44.43 44.58 22.82
N VAL C 415 44.42 45.75 22.20
CA VAL C 415 44.85 46.98 22.85
C VAL C 415 43.63 47.88 23.07
N HIS C 416 43.73 48.72 24.08
CA HIS C 416 42.67 49.63 24.40
C HIS C 416 43.30 50.73 25.21
N GLY C 418 42.14 53.46 26.39
CA GLY C 418 41.29 54.18 27.31
C GLY C 418 40.98 55.56 26.78
N PHE C 419 40.50 56.44 27.67
CA PHE C 419 40.09 57.80 27.32
C PHE C 419 41.16 58.56 26.57
N ASP C 420 40.73 59.36 25.60
CA ASP C 420 41.60 60.23 24.79
C ASP C 420 41.95 61.45 25.61
N PRO C 421 43.24 61.90 25.60
CA PRO C 421 43.65 63.08 26.37
C PRO C 421 42.83 64.37 26.11
N ALA C 422 42.46 64.59 24.85
CA ALA C 422 41.62 65.71 24.42
C ALA C 422 40.38 65.77 25.30
N ASN C 423 39.62 64.67 25.28
CA ASN C 423 38.40 64.45 26.02
C ASN C 423 38.46 64.46 27.54
N ALA C 424 39.66 64.45 28.10
CA ALA C 424 39.85 64.27 29.54
C ALA C 424 39.24 65.39 30.39
N ASP C 425 39.68 66.64 30.15
CA ASP C 425 39.19 67.82 30.91
C ASP C 425 37.67 67.75 31.02
N ALA C 426 37.01 67.56 29.88
CA ALA C 426 35.55 67.60 29.79
C ALA C 426 34.92 66.40 30.48
N LEU C 427 35.70 65.32 30.58
CA LEU C 427 35.26 64.12 31.28
C LEU C 427 35.18 64.44 32.77
N ALA C 428 36.26 64.97 33.33
CA ALA C 428 36.29 65.29 34.74
C ALA C 428 35.21 66.32 35.07
N ALA C 429 35.02 67.28 34.17
CA ALA C 429 34.08 68.36 34.42
C ALA C 429 32.69 67.77 34.43
N LEU C 430 32.35 67.01 33.39
CA LEU C 430 31.11 66.24 33.40
C LEU C 430 30.90 65.46 34.71
N LEU C 431 31.96 64.88 35.23
CA LEU C 431 31.82 64.00 36.35
C LEU C 431 31.59 64.76 37.63
N LYS C 432 32.34 65.85 37.84
CA LYS C 432 32.15 66.73 38.99
C LYS C 432 30.69 67.17 39.12
N THR C 433 30.12 67.69 38.02
CA THR C 433 28.70 68.12 38.03
C THR C 433 27.80 67.07 38.63
N HIS C 434 28.18 65.82 38.44
CA HIS C 434 27.41 64.69 38.92
C HIS C 434 27.88 64.23 40.33
N GLY C 435 28.81 64.98 40.93
CA GLY C 435 29.29 64.66 42.28
C GLY C 435 30.33 63.56 42.33
N LEU C 436 31.03 63.35 41.23
CA LEU C 436 32.09 62.35 41.19
C LEU C 436 33.40 63.06 40.86
N HIS C 437 34.31 63.04 41.84
CA HIS C 437 35.64 63.64 41.69
C HIS C 437 36.66 62.73 40.99
N VAL C 438 37.23 63.26 39.92
CA VAL C 438 38.15 62.55 39.06
C VAL C 438 39.25 63.51 38.61
N ASP C 439 40.50 63.05 38.61
CA ASP C 439 41.59 63.89 38.11
C ASP C 439 41.81 63.64 36.63
N ALA C 440 41.75 64.71 35.83
CA ALA C 440 42.00 64.63 34.40
C ALA C 440 43.32 63.92 34.10
N GLU C 441 44.36 64.22 34.87
CA GLU C 441 45.68 63.68 34.60
C GLU C 441 45.69 62.19 34.92
N GLU C 442 45.29 61.87 36.14
CA GLU C 442 45.27 60.51 36.67
C GLU C 442 44.42 59.51 35.88
N VAL C 443 43.31 59.97 35.28
CA VAL C 443 42.44 59.18 34.42
C VAL C 443 43.14 58.59 33.19
N LEU C 444 44.15 59.27 32.67
CA LEU C 444 44.80 58.75 31.46
C LEU C 444 45.85 57.67 31.76
N THR C 445 46.04 57.34 33.04
CA THR C 445 46.91 56.24 33.45
C THR C 445 46.07 55.00 33.74
N LEU C 446 46.60 53.82 33.44
CA LEU C 446 45.96 52.53 33.74
C LEU C 446 45.33 52.42 35.13
N ASP C 447 46.14 52.65 36.16
CA ASP C 447 45.66 52.59 37.55
C ASP C 447 44.53 53.59 37.82
N GLY C 448 44.68 54.80 37.30
CA GLY C 448 43.70 55.88 37.52
C GLY C 448 42.41 55.54 36.78
N PHE C 449 42.58 55.09 35.53
CA PHE C 449 41.51 54.58 34.72
C PHE C 449 40.78 53.51 35.52
N CYS C 450 41.51 52.49 35.98
CA CYS C 450 40.87 51.41 36.77
C CYS C 450 40.11 51.98 38.00
N LYS C 451 40.65 53.01 38.64
CA LYS C 451 40.02 53.59 39.82
C LYS C 451 38.64 54.13 39.48
N LEU C 452 38.52 54.86 38.39
CA LEU C 452 37.26 55.44 37.93
C LEU C 452 36.26 54.37 37.58
N ARG C 453 36.76 53.32 36.94
CA ARG C 453 35.93 52.23 36.53
C ARG C 453 35.34 51.56 37.74
N ARG C 454 36.15 51.41 38.79
CA ARG C 454 35.75 50.76 40.03
C ARG C 454 34.77 51.61 40.80
N GLU C 455 34.90 52.95 40.70
CA GLU C 455 33.92 53.87 41.30
C GLU C 455 32.60 53.72 40.54
N LEU C 456 32.66 53.79 39.20
CA LEU C 456 31.49 53.66 38.37
C LEU C 456 30.69 52.41 38.69
N ASP C 457 31.33 51.25 38.64
CA ASP C 457 30.59 50.01 38.92
C ASP C 457 29.99 49.98 40.32
N ALA C 458 30.57 50.73 41.26
CA ALA C 458 30.05 50.78 42.60
C ALA C 458 28.76 51.63 42.72
N GLN C 459 28.40 52.37 41.66
CA GLN C 459 27.27 53.29 41.75
C GLN C 459 26.00 52.45 41.83
N PRO C 460 24.98 52.94 42.55
CA PRO C 460 23.79 52.14 42.74
C PRO C 460 23.09 51.92 41.45
N THR C 461 23.32 52.81 40.48
CA THR C 461 22.74 52.63 39.13
C THR C 461 23.78 52.97 38.12
N GLY C 462 23.58 52.52 36.87
CA GLY C 462 24.43 52.87 35.71
C GLY C 462 24.33 54.27 35.07
N PHE C 463 23.61 55.20 35.69
CA PHE C 463 23.39 56.50 35.08
C PHE C 463 24.69 57.20 34.71
N LEU C 464 25.59 57.32 35.69
CA LEU C 464 26.91 57.93 35.51
C LEU C 464 27.72 57.25 34.44
N ASP C 465 27.79 55.93 34.50
CA ASP C 465 28.43 55.20 33.43
C ASP C 465 27.92 55.66 32.07
N SER C 466 26.58 55.73 31.88
CA SER C 466 25.97 56.11 30.62
C SER C 466 26.28 57.54 30.16
N ARG C 467 26.52 58.44 31.13
CA ARG C 467 26.81 59.83 30.78
C ARG C 467 28.16 59.98 30.12
N ILE C 468 28.96 58.90 30.13
CA ILE C 468 30.31 59.01 29.65
C ILE C 468 30.54 58.17 28.41
N ARG C 469 29.50 57.55 27.88
CA ARG C 469 29.66 56.70 26.70
C ARG C 469 30.39 57.46 25.58
N ARG C 470 30.10 58.75 25.50
CA ARG C 470 30.65 59.60 24.51
C ARG C 470 32.16 59.64 24.55
N PHE C 471 32.71 59.58 25.77
CA PHE C 471 34.15 59.72 25.96
C PHE C 471 34.90 58.41 25.84
N GLN C 472 34.17 57.31 25.74
CA GLN C 472 34.78 56.00 25.77
C GLN C 472 35.39 55.69 24.41
N SER C 473 36.66 55.25 24.42
CA SER C 473 37.31 54.72 23.21
C SER C 473 37.02 53.23 23.07
N PHE C 474 37.38 52.61 21.93
CA PHE C 474 37.07 51.21 21.66
C PHE C 474 38.32 50.37 21.47
N ALA C 475 38.24 49.09 21.85
CA ALA C 475 39.37 48.18 21.75
C ALA C 475 39.73 47.95 20.28
N GLU C 476 41.02 47.89 20.00
CA GLU C 476 41.48 47.57 18.65
C GLU C 476 42.54 46.48 18.61
N ILE C 477 42.81 45.97 17.43
CA ILE C 477 43.82 44.95 17.27
C ILE C 477 45.13 45.56 16.79
N SER C 478 46.22 45.20 17.45
CA SER C 478 47.52 45.74 17.10
C SER C 478 48.59 44.68 17.01
N THR C 479 49.69 44.99 16.32
CA THR C 479 50.82 44.10 16.19
C THR C 479 51.88 44.52 17.17
N GLU C 480 51.57 45.59 17.88
CA GLU C 480 52.48 46.14 18.83
C GLU C 480 51.90 45.92 20.21
N PRO C 481 52.68 45.30 21.11
CA PRO C 481 52.31 45.17 22.50
C PRO C 481 51.96 46.54 23.11
N GLY C 482 50.78 46.65 23.72
CA GLY C 482 50.40 47.82 24.49
C GLY C 482 49.28 47.41 25.42
N PRO C 483 48.88 48.32 26.34
CA PRO C 483 47.92 48.02 27.41
C PRO C 483 46.52 47.79 26.93
N HIS C 484 45.70 47.25 27.81
CA HIS C 484 44.29 47.13 27.55
C HIS C 484 43.44 47.64 28.74
N PHE C 485 43.13 48.93 28.69
CA PHE C 485 42.54 49.62 29.83
C PHE C 485 41.17 48.96 30.14
N GLY C 486 40.41 48.61 29.11
CA GLY C 486 39.12 47.92 29.27
C GLY C 486 39.19 46.72 30.20
N LEU C 487 40.35 46.08 30.21
CA LEU C 487 40.59 44.94 31.08
C LEU C 487 41.46 45.31 32.26
N GLY C 488 42.17 46.42 32.13
CA GLY C 488 43.09 46.87 33.16
C GLY C 488 44.38 46.06 33.20
N LEU C 489 44.78 45.53 32.04
CA LEU C 489 46.00 44.69 31.88
C LEU C 489 47.04 45.45 31.09
N GLU C 490 48.32 45.19 31.36
CA GLU C 490 49.42 45.89 30.70
C GLU C 490 49.72 45.36 29.27
N ALA C 491 49.10 44.23 28.95
CA ALA C 491 49.22 43.57 27.64
C ALA C 491 48.28 42.35 27.56
N TYR C 492 47.73 42.09 26.37
CA TYR C 492 46.76 41.02 26.16
C TYR C 492 46.70 40.48 24.72
N ALA C 493 47.06 39.20 24.57
CA ALA C 493 47.14 38.50 23.27
C ALA C 493 46.49 37.16 23.42
N THR C 494 45.67 36.78 22.46
CA THR C 494 44.92 35.53 22.55
C THR C 494 45.45 34.51 21.54
N TRP C 495 45.39 33.24 21.92
CA TRP C 495 45.96 32.16 21.11
C TRP C 495 45.07 31.00 21.46
N THR C 496 44.07 31.34 22.25
CA THR C 496 43.19 30.44 22.94
C THR C 496 42.06 29.89 22.09
N SER C 497 41.86 30.48 20.90
CA SER C 497 40.81 29.99 20.01
C SER C 497 41.19 30.00 18.53
N PRO C 498 42.22 29.21 18.15
CA PRO C 498 42.76 29.26 16.79
C PRO C 498 41.85 28.74 15.68
N ILE C 499 40.81 28.00 16.02
CA ILE C 499 39.86 27.43 15.10
C ILE C 499 38.77 28.44 14.69
N ARG C 500 38.63 29.48 15.46
CA ARG C 500 37.55 30.40 15.24
C ARG C 500 38.05 31.84 15.06
N LYS C 501 39.31 32.12 15.44
CA LYS C 501 39.95 33.41 15.19
C LYS C 501 41.31 33.26 14.57
N TYR C 502 41.50 33.88 13.43
CA TYR C 502 42.74 33.89 12.69
C TYR C 502 43.94 34.49 13.43
N GLY C 503 43.67 35.51 14.24
CA GLY C 503 44.66 36.20 15.02
C GLY C 503 45.32 35.25 15.99
N ASP C 504 44.54 34.32 16.52
CA ASP C 504 45.02 33.28 17.42
C ASP C 504 45.93 32.29 16.71
N ILE C 506 47.63 33.09 13.99
CA ILE C 506 48.89 33.84 13.84
C ILE C 506 49.74 33.78 15.12
N ASN C 507 49.13 34.00 16.28
CA ASN C 507 49.87 33.89 17.52
C ASN C 507 50.54 32.51 17.73
N HIS C 508 49.76 31.44 17.52
CA HIS C 508 50.28 30.06 17.48
C HIS C 508 51.59 29.90 16.70
N ARG C 509 51.57 30.24 15.42
CA ARG C 509 52.77 30.18 14.59
C ARG C 509 53.99 30.92 15.13
N LEU C 510 53.75 32.06 15.78
CA LEU C 510 54.81 32.86 16.41
C LEU C 510 55.24 32.19 17.70
N LEU C 511 54.26 31.62 18.42
CA LEU C 511 54.54 30.92 19.68
C LEU C 511 55.40 29.70 19.38
N LYS C 512 55.21 29.12 18.21
CA LYS C 512 56.05 28.06 17.69
C LYS C 512 57.48 28.51 17.38
N ALA C 513 57.61 29.69 16.78
CA ALA C 513 58.91 30.24 16.45
C ALA C 513 59.70 30.52 17.74
N VAL C 514 59.03 31.09 18.75
CA VAL C 514 59.63 31.29 20.08
C VAL C 514 60.17 30.01 20.72
N ILE C 515 59.44 28.91 20.53
CA ILE C 515 59.83 27.62 21.07
C ILE C 515 61.18 27.18 20.53
N LYS C 516 61.71 27.97 19.59
CA LYS C 516 63.01 27.67 18.98
C LYS C 516 63.73 28.91 18.40
N GLY C 517 63.31 29.34 17.21
CA GLY C 517 63.90 30.50 16.55
C GLY C 517 62.98 31.03 15.45
N ARG C 522 57.10 39.36 11.51
CA ARG C 522 55.94 40.15 11.89
C ARG C 522 54.79 40.11 10.90
N PRO C 523 53.56 40.07 11.42
CA PRO C 523 52.39 40.25 10.55
C PRO C 523 52.30 41.69 10.01
N GLN C 524 51.82 41.80 8.77
CA GLN C 524 51.57 43.09 8.14
C GLN C 524 50.34 43.79 8.76
N ASP C 525 50.36 45.12 8.72
CA ASP C 525 49.32 45.96 9.31
C ASP C 525 48.01 45.75 8.60
N GLU C 526 48.06 45.65 7.29
CA GLU C 526 46.91 45.24 6.51
C GLU C 526 46.08 44.17 7.22
N ILE C 527 46.74 43.15 7.80
CA ILE C 527 46.06 42.05 8.52
C ILE C 527 45.20 42.55 9.69
N THR C 528 45.73 43.46 10.50
CA THR C 528 44.95 44.07 11.58
C THR C 528 43.67 44.77 11.05
N VAL C 529 43.77 45.29 9.83
CA VAL C 529 42.70 46.01 9.16
C VAL C 529 41.65 45.04 8.65
N GLN C 530 42.05 43.96 8.00
CA GLN C 530 41.05 43.01 7.55
C GLN C 530 40.37 42.39 8.77
N ALA C 532 39.72 43.75 11.87
CA ALA C 532 38.79 44.68 12.53
C ALA C 532 37.50 44.80 11.72
N GLU C 533 37.69 44.84 10.42
CA GLU C 533 36.61 44.99 9.49
C GLU C 533 35.65 43.81 9.56
N ARG C 534 36.17 42.58 9.59
CA ARG C 534 35.34 41.38 9.67
C ARG C 534 34.75 41.22 11.04
N ARG C 535 35.41 41.75 12.06
CA ARG C 535 34.83 41.66 13.39
C ARG C 535 33.57 42.51 13.45
N ARG C 536 33.61 43.68 12.83
CA ARG C 536 32.46 44.58 12.75
C ARG C 536 31.27 44.03 11.98
N LEU C 537 31.55 43.47 10.81
CA LEU C 537 30.53 42.94 9.92
C LEU C 537 29.78 41.78 10.60
N ASN C 538 30.58 40.89 11.20
CA ASN C 538 30.11 39.72 11.93
C ASN C 538 29.19 40.13 13.05
N ARG C 539 29.58 41.17 13.74
CA ARG C 539 28.81 41.69 14.84
C ARG C 539 27.49 42.30 14.33
N ALA C 541 25.98 41.55 11.46
CA ALA C 541 25.22 40.40 10.96
C ALA C 541 24.56 39.65 12.07
N GLU C 542 25.25 39.47 13.17
CA GLU C 542 24.67 38.83 14.31
C GLU C 542 23.45 39.58 14.83
N ARG C 543 23.55 40.89 14.95
CA ARG C 543 22.48 41.77 15.43
C ARG C 543 21.32 41.84 14.50
N ASP C 544 21.57 41.90 13.18
CA ASP C 544 20.51 41.97 12.17
C ASP C 544 19.67 40.71 12.17
N VAL C 545 20.27 39.53 12.35
CA VAL C 545 19.49 38.30 12.41
C VAL C 545 18.67 38.39 13.69
N GLY C 546 19.29 38.86 14.79
CA GLY C 546 18.61 39.12 16.05
C GLY C 546 17.33 39.93 15.92
N ASP C 547 17.41 41.07 15.23
CA ASP C 547 16.31 42.00 15.02
C ASP C 547 15.12 41.32 14.39
N TRP C 548 15.35 40.57 13.32
CA TRP C 548 14.36 39.75 12.62
C TRP C 548 13.62 38.76 13.51
N LEU C 549 14.37 37.91 14.20
CA LEU C 549 13.87 36.96 15.21
C LEU C 549 13.16 37.66 16.38
N TYR C 550 13.62 38.83 16.77
CA TYR C 550 12.90 39.59 17.82
C TYR C 550 11.48 39.95 17.41
N ALA C 551 11.32 40.44 16.19
CA ALA C 551 10.05 40.88 15.65
C ALA C 551 9.09 39.71 15.50
N ARG C 552 9.61 38.61 14.99
CA ARG C 552 8.79 37.39 14.90
C ARG C 552 8.40 36.90 16.27
N PHE C 553 9.30 36.98 17.23
CA PHE C 553 9.02 36.51 18.55
C PHE C 553 8.00 37.36 19.23
N LEU C 554 7.97 38.67 18.91
CA LEU C 554 7.13 39.61 19.68
C LEU C 554 5.78 40.01 19.02
N LYS C 555 5.64 39.65 17.75
CA LYS C 555 4.54 40.09 16.92
C LYS C 555 3.19 39.84 17.59
N ASP C 556 3.01 38.63 18.09
CA ASP C 556 1.76 38.17 18.73
C ASP C 556 1.51 38.87 20.08
N LYS C 557 2.46 39.63 20.55
CA LYS C 557 2.28 40.35 21.80
C LYS C 557 1.83 41.79 21.51
N ALA C 558 1.88 42.19 20.25
CA ALA C 558 1.67 43.59 19.86
C ALA C 558 0.21 43.89 20.08
N GLY C 559 -0.10 44.91 20.87
CA GLY C 559 -1.49 45.22 21.10
C GLY C 559 -2.09 44.59 22.34
N THR C 560 -1.32 43.72 23.01
CA THR C 560 -1.81 42.96 24.14
C THR C 560 -1.40 43.66 25.41
N ASP C 561 -1.95 43.18 26.53
CA ASP C 561 -1.61 43.66 27.83
C ASP C 561 -0.35 42.99 28.35
N THR C 562 0.40 42.30 27.50
CA THR C 562 1.63 41.64 28.00
C THR C 562 2.70 42.64 28.36
N ARG C 563 3.16 42.58 29.61
CA ARG C 563 4.17 43.50 30.16
C ARG C 563 5.58 42.92 30.15
N PHE C 564 6.58 43.80 29.98
CA PHE C 564 7.99 43.50 29.96
C PHE C 564 8.69 44.60 30.71
N ALA C 565 9.69 44.25 31.49
CA ALA C 565 10.59 45.19 32.11
C ALA C 565 11.56 45.53 30.99
N ALA C 566 11.95 46.80 30.97
CA ALA C 566 12.68 47.33 29.86
C ALA C 566 13.57 48.40 30.42
N GLU C 567 14.87 48.32 30.14
CA GLU C 567 15.71 49.41 30.48
C GLU C 567 15.89 50.43 29.37
N ILE C 568 16.02 51.68 29.77
CA ILE C 568 16.19 52.80 28.87
C ILE C 568 17.62 52.88 28.50
N VAL C 569 17.79 52.72 27.20
CA VAL C 569 19.09 52.55 26.54
C VAL C 569 19.61 53.91 26.08
N ASP C 570 18.76 54.72 25.50
CA ASP C 570 19.12 56.08 25.06
C ASP C 570 17.88 56.99 24.88
N ILE C 571 18.09 58.28 24.98
CA ILE C 571 17.01 59.27 24.91
C ILE C 571 17.26 60.28 23.82
N SER C 572 16.27 60.52 23.01
CA SER C 572 16.43 61.44 21.93
C SER C 572 15.25 62.41 21.97
N ARG C 573 15.33 63.47 21.17
CA ARG C 573 14.29 64.46 21.16
C ARG C 573 12.94 63.85 20.77
N GLY C 574 12.94 62.84 19.89
CA GLY C 574 11.76 62.12 19.44
C GLY C 574 11.24 60.96 20.32
N GLY C 575 11.89 60.69 21.45
CA GLY C 575 11.51 59.65 22.39
C GLY C 575 12.67 58.82 22.98
N ARG C 577 14.73 54.74 23.26
CA ARG C 577 14.94 53.33 22.98
C ARG C 577 15.12 52.59 24.26
N VAL C 578 14.48 51.42 24.31
CA VAL C 578 14.45 50.57 25.49
C VAL C 578 14.83 49.13 25.10
N ARG C 579 15.51 48.45 26.01
CA ARG C 579 15.81 47.05 25.84
C ARG C 579 15.00 46.24 26.82
N LEU C 580 14.15 45.36 26.31
CA LEU C 580 13.45 44.32 27.09
C LEU C 580 14.44 43.42 27.84
N VAL C 581 14.35 43.45 29.17
CA VAL C 581 15.40 42.94 30.07
C VAL C 581 15.46 41.42 30.03
N ASP C 582 14.32 40.78 29.86
CA ASP C 582 14.22 39.33 29.78
C ASP C 582 14.60 38.66 28.45
N ASN C 583 14.77 39.43 27.38
CA ASN C 583 15.06 38.84 26.06
C ASN C 583 16.01 39.62 25.19
N GLY C 584 16.30 40.88 25.59
CA GLY C 584 17.19 41.78 24.88
C GLY C 584 16.69 42.55 23.65
N ALA C 585 15.41 42.34 23.33
CA ALA C 585 14.83 43.07 22.24
C ALA C 585 14.87 44.57 22.47
N ILE C 586 15.15 45.29 21.39
CA ILE C 586 15.09 46.74 21.30
C ILE C 586 13.75 47.30 20.78
N ALA C 587 13.22 48.28 21.51
CA ALA C 587 12.01 48.90 21.10
C ALA C 587 12.06 50.43 21.25
N PHE C 588 11.25 51.12 20.48
CA PHE C 588 11.18 52.56 20.50
C PHE C 588 9.86 52.99 21.15
N ILE C 589 9.92 54.00 22.03
CA ILE C 589 8.79 54.73 22.58
C ILE C 589 8.73 56.20 22.12
N PRO C 590 7.83 56.50 21.18
CA PRO C 590 7.70 57.91 20.70
C PRO C 590 7.32 58.88 21.82
N ALA C 591 7.79 60.12 21.74
CA ALA C 591 7.50 61.13 22.76
C ALA C 591 6.02 61.35 23.06
N PRO C 592 5.15 61.42 22.03
CA PRO C 592 3.75 61.59 22.42
C PRO C 592 3.15 60.45 23.26
N PHE C 593 3.83 59.31 23.38
CA PHE C 593 3.35 58.25 24.27
C PHE C 593 3.86 58.41 25.70
N LEU C 594 4.80 59.34 25.91
CA LEU C 594 5.34 59.62 27.25
C LEU C 594 4.52 60.61 28.04
N HIS C 595 3.77 61.46 27.36
CA HIS C 595 3.04 62.55 28.01
C HIS C 595 2.12 63.23 27.02
N ALA C 596 0.89 63.51 27.44
CA ALA C 596 -0.17 64.09 26.57
C ALA C 596 0.00 65.54 26.14
N VAL C 597 0.89 66.29 26.80
CA VAL C 597 1.11 67.71 26.51
C VAL C 597 2.53 67.95 26.15
N ARG C 598 2.73 68.19 24.86
CA ARG C 598 4.07 68.26 24.28
C ARG C 598 5.05 69.27 24.93
N ASP C 599 4.51 70.44 25.30
CA ASP C 599 5.26 71.57 25.83
C ASP C 599 5.79 71.30 27.25
N GLU C 600 5.21 70.31 27.92
CA GLU C 600 5.59 69.93 29.29
C GLU C 600 6.64 68.82 29.32
N LEU C 601 6.84 68.16 28.18
CA LEU C 601 7.75 67.03 28.12
C LEU C 601 9.01 67.40 27.37
N VAL C 602 10.16 67.21 28.03
CA VAL C 602 11.44 67.50 27.42
C VAL C 602 12.26 66.23 27.35
N CYS C 603 12.59 65.73 26.16
CA CYS C 603 13.50 64.58 26.09
C CYS C 603 14.88 65.02 25.70
N SER C 604 15.79 64.93 26.65
CA SER C 604 17.11 65.47 26.54
C SER C 604 18.11 64.37 26.24
N GLN C 605 18.62 64.39 25.03
CA GLN C 605 19.71 63.53 24.60
C GLN C 605 21.02 63.87 25.33
N GLU C 606 21.29 65.16 25.56
CA GLU C 606 22.53 65.61 26.17
C GLU C 606 22.57 65.46 27.70
N ASN C 607 21.39 65.22 28.29
CA ASN C 607 21.29 64.96 29.72
C ASN C 607 20.89 63.54 30.06
N GLY C 608 20.34 62.80 29.10
CA GLY C 608 19.89 61.43 29.28
C GLY C 608 18.72 61.33 30.25
N THR C 609 17.87 62.37 30.26
CA THR C 609 16.71 62.40 31.11
C THR C 609 15.49 62.82 30.29
N VAL C 610 14.29 62.40 30.72
CA VAL C 610 13.01 62.91 30.32
C VAL C 610 12.41 63.70 31.52
N GLN C 611 12.11 64.98 31.29
CA GLN C 611 11.35 65.78 32.27
C GLN C 611 9.91 66.07 31.82
N ILE C 612 9.02 66.00 32.79
CA ILE C 612 7.62 66.39 32.69
C ILE C 612 7.53 67.51 33.68
N LYS C 613 7.04 68.66 33.19
CA LYS C 613 6.98 69.91 33.97
C LYS C 613 8.19 70.14 34.85
N GLY C 614 9.37 70.07 34.26
CA GLY C 614 10.62 70.36 34.98
C GLY C 614 11.12 69.32 36.00
N GLU C 615 10.34 68.29 36.30
CA GLU C 615 10.78 67.14 37.11
C GLU C 615 11.09 65.86 36.34
N THR C 616 12.22 65.29 36.70
CA THR C 616 12.76 64.09 36.08
C THR C 616 11.88 62.90 36.37
N VAL C 617 11.50 62.26 35.29
CA VAL C 617 10.67 61.07 35.29
C VAL C 617 11.45 59.87 34.71
N TYR C 618 12.24 60.04 33.66
CA TYR C 618 13.06 58.92 33.22
C TYR C 618 14.51 59.32 33.12
N LYS C 619 15.39 58.33 33.41
CA LYS C 619 16.84 58.45 33.21
C LYS C 619 17.33 57.26 32.38
N VAL C 620 18.39 57.47 31.58
CA VAL C 620 19.03 56.37 30.86
C VAL C 620 19.42 55.37 31.93
N THR C 621 19.20 54.07 31.64
CA THR C 621 19.54 52.95 32.53
C THR C 621 18.42 52.59 33.51
N ASP C 622 17.41 53.46 33.65
CA ASP C 622 16.24 53.15 34.45
C ASP C 622 15.55 51.96 33.83
N VAL C 623 14.95 51.14 34.66
CA VAL C 623 14.10 50.09 34.19
C VAL C 623 12.64 50.52 34.45
N ILE C 624 11.76 50.26 33.49
CA ILE C 624 10.35 50.61 33.61
C ILE C 624 9.59 49.43 33.05
N ASP C 625 8.27 49.41 33.11
CA ASP C 625 7.52 48.34 32.45
C ASP C 625 6.84 48.90 31.25
N VAL C 626 6.70 48.12 30.18
CA VAL C 626 6.19 48.56 28.88
C VAL C 626 5.25 47.52 28.29
N THR C 627 4.33 47.94 27.44
CA THR C 627 3.57 47.00 26.66
C THR C 627 4.09 47.18 25.25
N ILE C 628 3.88 46.20 24.40
CA ILE C 628 4.27 46.28 23.00
C ILE C 628 3.06 46.80 22.25
N ALA C 629 3.19 48.01 21.68
CA ALA C 629 2.09 48.63 20.94
C ALA C 629 2.04 48.16 19.49
N GLU C 630 3.19 48.04 18.84
CA GLU C 630 3.24 47.37 17.54
C GLU C 630 4.60 46.79 17.17
N VAL C 631 4.54 45.82 16.26
CA VAL C 631 5.69 45.19 15.63
C VAL C 631 5.47 45.30 14.15
N ARG C 632 6.26 46.10 13.46
CA ARG C 632 6.09 46.23 12.02
C ARG C 632 7.09 45.28 11.37
N GLU C 634 7.64 44.51 8.37
CA GLU C 634 8.31 44.99 7.21
C GLU C 634 9.67 45.54 7.53
N THR C 635 9.73 46.35 8.57
CA THR C 635 10.99 46.98 9.00
C THR C 635 11.60 46.21 10.19
N ARG C 636 10.81 45.32 10.82
CA ARG C 636 11.15 44.66 12.07
C ARG C 636 11.32 45.68 13.25
N SER C 637 10.74 46.87 13.15
CA SER C 637 10.77 47.83 14.24
C SER C 637 9.70 47.50 15.27
N ILE C 638 10.02 47.76 16.53
CA ILE C 638 9.12 47.52 17.62
C ILE C 638 8.82 48.81 18.33
N ILE C 639 7.53 49.12 18.45
CA ILE C 639 7.09 50.28 19.22
C ILE C 639 6.55 49.81 20.57
N ALA C 640 7.03 50.43 21.64
CA ALA C 640 6.59 50.08 23.00
C ALA C 640 5.89 51.27 23.62
N ARG C 641 5.15 51.06 24.70
CA ARG C 641 4.49 52.11 25.43
C ARG C 641 4.65 51.87 26.95
N PRO C 642 4.86 52.94 27.78
CA PRO C 642 4.94 52.62 29.20
C PRO C 642 3.63 52.09 29.69
N VAL C 643 3.70 51.36 30.80
CA VAL C 643 2.52 50.87 31.49
C VAL C 643 1.84 52.06 32.19
N ALA C 644 0.53 52.15 31.98
CA ALA C 644 -0.29 53.21 32.59
C ALA C 644 -0.35 53.05 34.10
N ASN D 5 -16.19 -84.53 -33.42
CA ASN D 5 -17.36 -84.04 -34.38
C ASN D 5 -18.54 -83.31 -33.65
N PRO D 6 -19.83 -83.53 -34.06
CA PRO D 6 -20.88 -82.95 -33.21
C PRO D 6 -21.45 -83.87 -32.11
N LEU D 7 -21.63 -85.19 -32.39
CA LEU D 7 -22.04 -86.17 -31.33
C LEU D 7 -21.15 -85.96 -30.05
N LEU D 8 -19.83 -86.20 -30.33
CA LEU D 8 -18.82 -85.95 -29.31
C LEU D 8 -19.17 -84.69 -28.56
N ALA D 9 -19.36 -83.61 -29.31
CA ALA D 9 -19.58 -82.30 -28.76
C ALA D 9 -20.80 -82.30 -27.83
N GLN D 10 -21.85 -83.02 -28.23
CA GLN D 10 -23.05 -83.30 -27.43
C GLN D 10 -22.74 -84.01 -26.08
N LEU D 11 -21.91 -85.07 -26.16
CA LEU D 11 -21.59 -85.89 -24.96
C LEU D 11 -20.77 -85.06 -24.03
N LYS D 12 -19.71 -84.44 -24.55
CA LYS D 12 -18.95 -83.39 -23.76
C LYS D 12 -19.80 -82.29 -23.13
N GLN D 13 -20.95 -82.05 -23.79
CA GLN D 13 -21.79 -80.89 -23.42
C GLN D 13 -22.68 -81.36 -22.31
N GLN D 14 -23.16 -82.61 -22.41
CA GLN D 14 -23.94 -83.21 -21.32
C GLN D 14 -23.06 -83.45 -20.11
N LEU D 15 -21.78 -84.07 -20.51
CA LEU D 15 -20.77 -84.08 -19.38
C LEU D 15 -20.48 -82.74 -18.73
N HIS D 16 -20.31 -81.67 -19.52
CA HIS D 16 -19.95 -80.38 -18.92
C HIS D 16 -21.01 -79.83 -17.93
N SER D 17 -22.27 -80.13 -18.22
CA SER D 17 -23.35 -79.58 -17.41
C SER D 17 -23.64 -80.31 -16.11
N GLN D 18 -23.30 -81.59 -16.08
CA GLN D 18 -23.42 -82.47 -14.93
C GLN D 18 -22.39 -82.21 -13.87
N THR D 19 -21.27 -81.60 -14.23
CA THR D 19 -20.23 -81.36 -13.24
C THR D 19 -20.81 -80.61 -12.00
N PRO D 20 -20.40 -81.04 -10.79
CA PRO D 20 -20.75 -80.42 -9.51
C PRO D 20 -20.29 -78.97 -9.37
N ARG D 21 -21.26 -78.10 -9.14
CA ARG D 21 -21.01 -76.68 -8.94
C ARG D 21 -21.73 -76.20 -7.68
N ALA D 22 -21.44 -74.96 -7.27
CA ALA D 22 -21.99 -74.41 -6.05
C ALA D 22 -22.03 -72.89 -6.12
N GLU D 23 -23.22 -72.33 -5.93
CA GLU D 23 -23.47 -70.89 -6.01
C GLU D 23 -23.02 -70.25 -4.71
N GLY D 24 -22.61 -68.99 -4.72
CA GLY D 24 -22.18 -68.35 -3.48
C GLY D 24 -21.50 -67.00 -3.57
N VAL D 25 -20.96 -66.57 -2.42
CA VAL D 25 -20.31 -65.27 -2.26
C VAL D 25 -18.93 -65.51 -1.76
N VAL D 26 -17.96 -64.81 -2.29
CA VAL D 26 -16.58 -64.95 -1.85
C VAL D 26 -16.36 -64.14 -0.58
N LYS D 27 -15.92 -64.82 0.47
CA LYS D 27 -15.41 -64.20 1.68
C LYS D 27 -13.88 -64.40 1.71
N ALA D 28 -13.16 -63.28 1.70
CA ALA D 28 -11.70 -63.32 1.76
C ALA D 28 -11.17 -63.24 3.22
N THR D 29 -10.05 -63.95 3.46
CA THR D 29 -9.24 -63.83 4.68
C THR D 29 -8.09 -62.88 4.34
N GLU D 30 -7.57 -62.16 5.36
CA GLU D 30 -6.30 -61.42 5.24
C GLU D 30 -5.36 -62.17 4.28
N LYS D 31 -5.11 -63.45 4.60
CA LYS D 31 -4.27 -64.35 3.79
C LYS D 31 -4.71 -64.48 2.32
N GLY D 32 -4.34 -65.62 1.72
CA GLY D 32 -4.54 -65.86 0.28
C GLY D 32 -5.63 -66.87 -0.04
N PHE D 33 -6.00 -67.67 0.95
CA PHE D 33 -7.17 -68.54 0.86
C PHE D 33 -8.40 -67.74 1.34
N GLY D 34 -9.58 -68.28 1.03
CA GLY D 34 -10.86 -67.67 1.36
C GLY D 34 -11.89 -68.76 1.23
N PHE D 35 -13.16 -68.37 1.26
CA PHE D 35 -14.24 -69.36 1.29
C PHE D 35 -15.29 -68.98 0.29
N LEU D 36 -16.07 -69.97 -0.11
CA LEU D 36 -17.26 -69.73 -0.88
C LEU D 36 -18.52 -70.00 -0.05
N GLU D 37 -19.18 -68.94 0.39
CA GLU D 37 -20.39 -69.05 1.20
C GLU D 37 -21.69 -69.25 0.42
N VAL D 38 -22.16 -70.50 0.43
CA VAL D 38 -23.36 -70.85 -0.27
C VAL D 38 -24.50 -70.59 0.71
N ASP D 39 -24.28 -71.04 1.95
CA ASP D 39 -25.26 -70.97 3.03
C ASP D 39 -24.63 -70.49 4.36
N ALA D 40 -25.26 -70.84 5.47
CA ALA D 40 -24.69 -70.64 6.80
C ALA D 40 -24.10 -71.96 7.29
N GLN D 41 -24.57 -73.05 6.70
CA GLN D 41 -24.05 -74.40 6.96
C GLN D 41 -23.16 -74.85 5.79
N LYS D 42 -23.45 -74.30 4.61
CA LYS D 42 -22.78 -74.69 3.36
C LYS D 42 -21.82 -73.58 2.92
N SER D 43 -20.53 -73.80 3.15
CA SER D 43 -19.50 -72.86 2.72
C SER D 43 -18.25 -73.64 2.39
N TYR D 44 -17.80 -73.52 1.15
CA TYR D 44 -16.63 -74.24 0.67
C TYR D 44 -15.33 -73.50 0.96
N PHE D 45 -14.25 -73.91 0.32
CA PHE D 45 -12.97 -73.33 0.59
C PHE D 45 -12.39 -73.00 -0.75
N ILE D 46 -11.94 -71.75 -0.92
CA ILE D 46 -11.24 -71.39 -2.15
C ILE D 46 -9.74 -71.38 -1.93
N PRO D 47 -9.04 -72.29 -2.64
CA PRO D 47 -7.58 -72.39 -2.70
C PRO D 47 -6.89 -71.03 -2.86
N PRO D 48 -5.73 -70.85 -2.17
CA PRO D 48 -4.94 -69.62 -2.19
C PRO D 48 -4.50 -69.08 -3.56
N PRO D 49 -4.29 -69.93 -4.56
CA PRO D 49 -4.09 -69.23 -5.84
C PRO D 49 -5.39 -68.88 -6.60
N GLN D 50 -6.41 -69.74 -6.47
CA GLN D 50 -7.70 -69.57 -7.15
C GLN D 50 -8.47 -68.32 -6.75
N LYS D 52 -6.86 -65.32 -6.56
CA LYS D 52 -6.30 -64.26 -7.39
C LYS D 52 -7.25 -63.96 -8.57
N LYS D 53 -8.10 -64.94 -8.89
CA LYS D 53 -9.11 -64.84 -9.95
C LYS D 53 -10.38 -64.07 -9.53
N VAL D 54 -10.58 -63.85 -8.25
CA VAL D 54 -11.85 -63.28 -7.82
C VAL D 54 -11.61 -62.22 -6.80
N HIS D 56 -13.15 -60.41 -3.03
CA HIS D 56 -13.97 -60.56 -1.85
C HIS D 56 -15.34 -59.96 -2.13
N GLY D 57 -16.40 -60.70 -1.83
CA GLY D 57 -17.76 -60.22 -2.04
C GLY D 57 -18.32 -60.48 -3.43
N ASP D 58 -17.47 -60.91 -4.35
CA ASP D 58 -17.99 -61.35 -5.65
C ASP D 58 -18.91 -62.51 -5.37
N ARG D 59 -19.99 -62.54 -6.14
CA ARG D 59 -20.90 -63.64 -6.17
C ARG D 59 -20.55 -64.52 -7.36
N ILE D 60 -20.31 -65.80 -7.11
CA ILE D 60 -19.83 -66.69 -8.21
C ILE D 60 -20.45 -68.08 -8.25
N ILE D 61 -20.27 -68.73 -9.38
CA ILE D 61 -20.49 -70.15 -9.52
C ILE D 61 -19.09 -70.73 -9.52
N ALA D 62 -18.84 -71.70 -8.65
CA ALA D 62 -17.59 -72.43 -8.64
C ALA D 62 -17.89 -73.91 -8.96
N VAL D 63 -16.93 -74.56 -9.63
CA VAL D 63 -16.89 -76.01 -9.80
C VAL D 63 -16.31 -76.56 -8.53
N ILE D 64 -16.92 -77.63 -8.02
CA ILE D 64 -16.59 -78.18 -6.70
C ILE D 64 -15.68 -79.39 -6.77
N HIS D 65 -14.68 -79.40 -5.89
CA HIS D 65 -13.71 -80.49 -5.82
C HIS D 65 -13.75 -81.25 -4.47
N SER D 66 -13.88 -82.58 -4.56
CA SER D 66 -13.92 -83.46 -3.40
C SER D 66 -12.85 -84.57 -3.52
N GLU D 67 -11.62 -84.16 -3.84
CA GLU D 67 -10.51 -85.09 -4.03
C GLU D 67 -10.06 -85.73 -2.70
N LYS D 68 -9.78 -84.88 -1.72
CA LYS D 68 -9.24 -85.30 -0.42
C LYS D 68 -10.32 -85.96 0.48
N GLU D 69 -10.69 -85.22 1.52
CA GLU D 69 -11.85 -85.52 2.36
C GLU D 69 -12.54 -84.17 2.52
N ARG D 70 -11.73 -83.13 2.34
CA ARG D 70 -12.18 -81.74 2.35
C ARG D 70 -12.57 -81.30 0.93
N GLU D 71 -13.51 -80.37 0.86
CA GLU D 71 -14.08 -79.97 -0.42
C GLU D 71 -13.52 -78.62 -0.84
N SER D 72 -13.06 -78.57 -2.10
CA SER D 72 -12.44 -77.38 -2.68
C SER D 72 -13.30 -76.71 -3.77
N ALA D 73 -13.36 -75.38 -3.76
CA ALA D 73 -14.13 -74.64 -4.77
C ALA D 73 -13.23 -73.99 -5.84
N GLU D 74 -13.51 -74.23 -7.13
CA GLU D 74 -12.83 -73.43 -8.16
C GLU D 74 -13.73 -72.52 -9.00
N PRO D 75 -13.51 -71.19 -8.89
CA PRO D 75 -14.30 -70.14 -9.55
C PRO D 75 -14.34 -70.33 -11.04
N GLU D 76 -15.55 -70.43 -11.57
CA GLU D 76 -15.73 -70.63 -12.97
C GLU D 76 -16.43 -69.45 -13.63
N GLU D 77 -17.44 -68.90 -12.95
CA GLU D 77 -18.36 -67.98 -13.58
C GLU D 77 -18.74 -66.84 -12.65
N LEU D 78 -18.82 -65.63 -13.18
CA LEU D 78 -19.19 -64.47 -12.37
C LEU D 78 -20.71 -64.29 -12.42
N VAL D 79 -21.33 -64.08 -11.24
CA VAL D 79 -22.77 -63.78 -11.20
C VAL D 79 -22.95 -62.29 -11.06
N GLU D 80 -22.37 -61.72 -10.01
CA GLU D 80 -22.37 -60.28 -9.79
C GLU D 80 -21.07 -59.85 -9.13
N PRO D 81 -20.30 -58.98 -9.80
CA PRO D 81 -19.03 -58.52 -9.23
C PRO D 81 -19.29 -57.62 -8.05
N PHE D 82 -18.34 -57.53 -7.14
CA PHE D 82 -18.52 -56.69 -5.97
C PHE D 82 -18.40 -55.21 -6.36
N LEU D 83 -17.49 -54.93 -7.30
CA LEU D 83 -17.07 -53.56 -7.68
C LEU D 83 -17.46 -53.31 -9.14
N THR D 84 -18.16 -52.21 -9.34
CA THR D 84 -18.41 -51.70 -10.65
C THR D 84 -17.90 -50.25 -10.52
N ARG D 85 -18.74 -49.35 -9.95
CA ARG D 85 -18.28 -47.99 -9.64
C ARG D 85 -17.91 -47.90 -8.16
N PHE D 86 -16.69 -47.43 -7.90
CA PHE D 86 -16.14 -47.40 -6.55
C PHE D 86 -15.20 -46.22 -6.33
N VAL D 87 -14.92 -45.93 -5.06
CA VAL D 87 -13.95 -44.93 -4.68
C VAL D 87 -12.72 -45.50 -4.04
N GLY D 88 -11.60 -44.82 -4.25
CA GLY D 88 -10.35 -45.26 -3.71
C GLY D 88 -9.27 -44.23 -3.89
N LYS D 89 -8.14 -44.50 -3.23
CA LYS D 89 -6.95 -43.65 -3.38
C LYS D 89 -5.99 -44.21 -4.38
N VAL D 90 -5.42 -43.29 -5.16
CA VAL D 90 -4.49 -43.62 -6.24
C VAL D 90 -3.05 -43.66 -5.76
N GLN D 91 -2.23 -44.46 -6.43
CA GLN D 91 -0.84 -44.66 -6.04
C GLN D 91 -0.02 -45.02 -7.29
N GLY D 92 1.28 -45.19 -7.10
CA GLY D 92 2.17 -45.46 -8.23
C GLY D 92 2.51 -44.15 -8.90
N LYS D 93 3.19 -44.21 -10.03
CA LYS D 93 3.63 -42.97 -10.67
C LYS D 93 3.53 -43.12 -12.18
N ASN D 94 4.06 -42.14 -12.91
CA ASN D 94 4.23 -42.24 -14.39
C ASN D 94 2.95 -42.73 -15.06
N ASP D 95 3.10 -43.61 -16.05
CA ASP D 95 1.95 -44.27 -16.67
C ASP D 95 1.28 -45.16 -15.64
N ARG D 96 2.11 -45.71 -14.75
CA ARG D 96 1.72 -46.82 -13.87
C ARG D 96 1.00 -46.37 -12.61
N LEU D 97 -0.30 -46.14 -12.73
CA LEU D 97 -1.12 -45.74 -11.59
C LEU D 97 -1.97 -46.90 -11.21
N ALA D 98 -2.33 -46.99 -9.94
CA ALA D 98 -3.17 -48.09 -9.46
C ALA D 98 -4.01 -47.48 -8.39
N ILE D 99 -5.13 -48.12 -8.09
CA ILE D 99 -6.06 -47.60 -7.09
C ILE D 99 -6.44 -48.67 -6.11
N VAL D 100 -6.48 -48.32 -4.84
CA VAL D 100 -6.85 -49.29 -3.81
C VAL D 100 -8.27 -48.98 -3.49
N PRO D 101 -9.16 -49.97 -3.63
CA PRO D 101 -10.58 -49.67 -3.30
C PRO D 101 -10.69 -49.36 -1.82
N ASP D 102 -11.71 -48.62 -1.41
CA ASP D 102 -11.81 -48.15 -0.02
C ASP D 102 -12.85 -49.03 0.67
N HIS D 103 -12.46 -50.28 0.94
CA HIS D 103 -13.28 -51.27 1.60
C HIS D 103 -12.29 -52.02 2.41
N PRO D 104 -12.63 -52.31 3.69
CA PRO D 104 -11.68 -52.87 4.65
C PRO D 104 -11.15 -54.20 4.19
N LEU D 105 -12.02 -54.96 3.51
CA LEU D 105 -11.62 -56.29 3.15
C LEU D 105 -10.87 -56.34 1.83
N LEU D 106 -10.61 -55.18 1.26
CA LEU D 106 -9.87 -55.08 -0.01
C LEU D 106 -8.61 -54.25 0.19
N LYS D 107 -7.52 -54.78 -0.35
CA LYS D 107 -6.18 -54.27 -0.10
C LYS D 107 -5.35 -54.34 -1.37
N ASP D 108 -5.75 -55.20 -2.30
CA ASP D 108 -5.03 -55.25 -3.56
C ASP D 108 -5.20 -53.96 -4.37
N ALA D 109 -4.07 -53.48 -4.90
CA ALA D 109 -3.99 -52.32 -5.76
C ALA D 109 -4.30 -52.73 -7.21
N ILE D 110 -5.44 -52.25 -7.70
CA ILE D 110 -5.91 -52.50 -9.06
C ILE D 110 -5.36 -51.50 -10.09
N PRO D 111 -4.60 -52.00 -11.09
CA PRO D 111 -4.05 -51.07 -12.08
C PRO D 111 -5.16 -50.22 -12.70
N CYS D 112 -4.82 -48.98 -12.99
CA CYS D 112 -5.76 -48.11 -13.63
C CYS D 112 -5.06 -46.97 -14.36
N ARG D 113 -5.84 -46.23 -15.15
CA ARG D 113 -5.44 -44.99 -15.77
C ARG D 113 -6.72 -44.15 -15.97
N ALA D 114 -6.55 -42.84 -16.13
CA ALA D 114 -7.69 -41.92 -16.28
C ALA D 114 -8.44 -42.11 -17.61
N ALA D 115 -9.77 -41.95 -17.61
CA ALA D 115 -10.59 -41.94 -18.85
C ALA D 115 -10.08 -40.81 -19.73
N ARG D 116 -10.22 -40.93 -21.05
CA ARG D 116 -9.85 -39.81 -21.97
C ARG D 116 -10.76 -38.57 -21.82
N GLY D 117 -10.14 -37.40 -21.64
CA GLY D 117 -10.94 -36.18 -21.49
C GLY D 117 -10.86 -35.67 -20.06
N LEU D 118 -10.88 -36.62 -19.13
CA LEU D 118 -10.54 -36.31 -17.75
C LEU D 118 -9.09 -35.84 -17.70
N ASN D 119 -8.90 -34.54 -17.48
CA ASN D 119 -7.60 -33.88 -17.58
C ASN D 119 -6.76 -33.75 -16.30
N HIS D 120 -7.25 -34.25 -15.17
CA HIS D 120 -6.54 -34.11 -13.92
C HIS D 120 -5.34 -35.00 -14.02
N GLU D 121 -4.16 -34.45 -13.76
CA GLU D 121 -2.97 -35.29 -13.51
C GLU D 121 -3.06 -35.87 -12.08
N PHE D 122 -3.55 -37.09 -11.97
CA PHE D 122 -3.60 -37.83 -10.71
C PHE D 122 -2.23 -38.03 -10.04
N LYS D 123 -2.15 -37.74 -8.75
CA LYS D 123 -0.95 -37.98 -7.97
C LYS D 123 -1.21 -39.00 -6.84
N GLU D 124 -0.13 -39.64 -6.36
CA GLU D 124 -0.13 -40.43 -5.11
C GLU D 124 -1.07 -39.82 -4.10
N GLY D 125 -2.01 -40.61 -3.61
CA GLY D 125 -2.91 -40.16 -2.55
C GLY D 125 -4.21 -39.54 -3.06
N ASP D 126 -4.31 -39.23 -4.35
CA ASP D 126 -5.57 -38.63 -4.84
C ASP D 126 -6.70 -39.63 -4.62
N TRP D 127 -7.83 -39.13 -4.11
CA TRP D 127 -9.11 -39.84 -4.17
C TRP D 127 -9.76 -39.73 -5.54
N ALA D 128 -10.27 -40.86 -6.04
CA ALA D 128 -10.85 -40.99 -7.36
C ALA D 128 -12.08 -41.85 -7.27
N VAL D 129 -13.07 -41.55 -8.12
CA VAL D 129 -14.09 -42.48 -8.51
C VAL D 129 -13.50 -43.30 -9.65
N ALA D 130 -13.71 -44.62 -9.58
CA ALA D 130 -13.19 -45.51 -10.58
C ALA D 130 -14.26 -46.47 -11.04
N GLU D 131 -13.95 -47.14 -12.16
CA GLU D 131 -14.84 -48.15 -12.70
C GLU D 131 -14.06 -49.32 -13.23
N ARG D 133 -12.97 -52.36 -15.43
CA ARG D 133 -13.00 -52.63 -16.88
C ARG D 133 -12.89 -54.12 -17.22
N ARG D 134 -12.21 -54.89 -16.38
CA ARG D 134 -12.00 -56.30 -16.65
C ARG D 134 -12.07 -57.10 -15.35
N HIS D 135 -12.59 -58.32 -15.46
CA HIS D 135 -12.67 -59.27 -14.36
C HIS D 135 -12.05 -60.60 -14.82
N PRO D 136 -11.08 -61.14 -14.06
CA PRO D 136 -10.41 -62.39 -14.39
C PRO D 136 -11.31 -63.54 -14.79
N LEU D 137 -12.51 -63.60 -14.22
CA LEU D 137 -13.42 -64.70 -14.55
C LEU D 137 -13.77 -64.74 -16.03
N LYS D 138 -14.13 -63.60 -16.58
CA LYS D 138 -14.38 -63.50 -18.04
C LYS D 138 -13.36 -64.27 -18.93
N GLY D 139 -12.14 -63.75 -19.00
CA GLY D 139 -11.15 -64.20 -19.95
C GLY D 139 -9.85 -64.71 -19.35
N ASP D 140 -9.77 -64.78 -18.04
CA ASP D 140 -8.54 -65.27 -17.39
C ASP D 140 -7.41 -64.21 -17.41
N ARG D 141 -7.80 -62.93 -17.52
CA ARG D 141 -6.85 -61.82 -17.53
C ARG D 141 -7.08 -61.06 -16.25
N SER D 142 -6.29 -60.04 -15.99
CA SER D 142 -6.29 -59.37 -14.72
C SER D 142 -7.34 -58.25 -14.53
N PHE D 143 -7.75 -58.00 -13.28
CA PHE D 143 -8.52 -56.81 -12.93
C PHE D 143 -7.86 -55.53 -13.41
N TYR D 144 -8.61 -54.60 -13.96
CA TYR D 144 -8.14 -53.22 -13.95
C TYR D 144 -9.35 -52.31 -14.04
N ALA D 145 -9.14 -51.02 -13.76
CA ALA D 145 -10.21 -50.07 -13.76
C ALA D 145 -9.81 -48.78 -14.46
N GLU D 146 -10.80 -47.95 -14.72
CA GLU D 146 -10.50 -46.66 -15.27
C GLU D 146 -10.98 -45.61 -14.28
N LEU D 147 -10.14 -44.60 -14.05
CA LEU D 147 -10.47 -43.44 -13.22
C LEU D 147 -11.41 -42.54 -13.98
N THR D 148 -12.58 -42.31 -13.37
CA THR D 148 -13.59 -41.52 -14.04
C THR D 148 -13.84 -40.12 -13.45
N GLN D 149 -13.29 -39.80 -12.27
CA GLN D 149 -13.58 -38.51 -11.65
C GLN D 149 -12.63 -38.30 -10.54
N TYR D 150 -12.11 -37.08 -10.43
CA TYR D 150 -11.25 -36.69 -9.34
C TYR D 150 -12.17 -36.24 -8.20
N ILE D 151 -11.93 -36.73 -7.00
CA ILE D 151 -12.67 -36.29 -5.84
C ILE D 151 -11.86 -35.20 -5.14
N THR D 152 -10.70 -35.58 -4.61
CA THR D 152 -9.84 -34.62 -3.93
C THR D 152 -8.45 -35.17 -3.63
N PHE D 153 -7.53 -34.28 -3.29
CA PHE D 153 -6.19 -34.65 -2.84
C PHE D 153 -6.24 -35.39 -1.50
N GLY D 154 -5.12 -36.08 -1.20
CA GLY D 154 -5.06 -37.00 -0.09
C GLY D 154 -5.11 -36.36 1.28
N ASP D 155 -4.47 -35.21 1.43
CA ASP D 155 -4.40 -34.57 2.74
C ASP D 155 -5.60 -33.70 3.04
N ASP D 156 -6.54 -33.64 2.11
CA ASP D 156 -7.68 -32.75 2.24
C ASP D 156 -8.39 -33.03 3.58
N HIS D 157 -8.59 -31.99 4.37
CA HIS D 157 -9.25 -32.20 5.64
C HIS D 157 -10.68 -32.64 5.36
N PHE D 158 -11.23 -32.30 4.20
CA PHE D 158 -12.66 -32.52 3.92
C PHE D 158 -13.00 -33.82 3.21
N VAL D 159 -11.98 -34.65 3.04
CA VAL D 159 -12.17 -36.01 2.59
C VAL D 159 -13.50 -36.74 3.02
N PRO D 160 -13.86 -36.81 4.33
CA PRO D 160 -15.06 -37.55 4.73
C PRO D 160 -16.33 -37.15 4.04
N TRP D 161 -16.46 -35.86 3.77
CA TRP D 161 -17.66 -35.32 3.15
C TRP D 161 -17.67 -35.61 1.67
N TRP D 162 -16.62 -35.19 0.97
CA TRP D 162 -16.54 -35.31 -0.50
C TRP D 162 -16.45 -36.75 -0.91
N VAL D 163 -15.64 -37.52 -0.22
CA VAL D 163 -15.52 -38.94 -0.56
C VAL D 163 -16.83 -39.68 -0.35
N THR D 164 -17.50 -39.47 0.76
CA THR D 164 -18.82 -40.08 0.96
C THR D 164 -19.85 -39.63 -0.10
N LEU D 165 -19.87 -38.36 -0.49
CA LEU D 165 -20.81 -37.90 -1.48
C LEU D 165 -20.54 -38.47 -2.88
N ALA D 166 -19.26 -38.54 -3.24
CA ALA D 166 -18.89 -39.13 -4.52
C ALA D 166 -19.15 -40.61 -4.56
N ARG D 167 -18.86 -41.31 -3.46
CA ARG D 167 -19.10 -42.75 -3.42
C ARG D 167 -20.59 -43.11 -3.56
N HIS D 168 -21.46 -42.24 -3.08
CA HIS D 168 -22.87 -42.51 -3.18
C HIS D 168 -23.50 -41.79 -4.38
N ASN D 169 -22.67 -41.05 -5.13
CA ASN D 169 -23.15 -40.35 -6.27
C ASN D 169 -24.27 -39.42 -5.80
N LEU D 170 -23.93 -38.55 -4.86
CA LEU D 170 -24.86 -37.53 -4.37
C LEU D 170 -24.39 -36.10 -4.68
N GLU D 171 -25.36 -35.18 -4.82
CA GLU D 171 -25.03 -33.77 -5.13
C GLU D 171 -24.32 -33.09 -3.97
N LYS D 172 -23.43 -32.18 -4.36
CA LYS D 172 -22.60 -31.40 -3.47
C LYS D 172 -23.28 -30.10 -3.05
N GLU D 173 -24.27 -29.65 -3.81
CA GLU D 173 -24.98 -28.43 -3.43
C GLU D 173 -26.46 -28.35 -3.79
N ALA D 174 -27.12 -27.39 -3.16
CA ALA D 174 -28.51 -26.98 -3.42
C ALA D 174 -28.79 -26.71 -4.90
N PRO D 175 -30.03 -26.98 -5.35
CA PRO D 175 -30.32 -26.65 -6.73
C PRO D 175 -30.51 -25.13 -6.84
N ASP D 176 -29.91 -24.53 -7.87
CA ASP D 176 -30.00 -23.08 -8.08
C ASP D 176 -30.76 -22.71 -9.34
N GLY D 177 -31.58 -21.68 -9.23
CA GLY D 177 -32.19 -21.07 -10.40
C GLY D 177 -33.44 -20.31 -10.06
N VAL D 178 -34.51 -20.67 -10.76
CA VAL D 178 -35.82 -20.02 -10.69
C VAL D 178 -36.14 -19.52 -9.28
N ALA D 179 -36.45 -18.22 -9.18
CA ALA D 179 -36.93 -17.60 -7.96
C ALA D 179 -38.00 -16.57 -8.35
N THR D 180 -39.17 -17.08 -8.74
CA THR D 180 -40.24 -16.25 -9.29
C THR D 180 -41.28 -15.79 -8.25
N GLU D 181 -42.43 -15.29 -8.72
CA GLU D 181 -43.52 -14.86 -7.85
C GLU D 181 -44.57 -15.96 -7.65
N LEU D 183 -48.04 -18.18 -7.43
CA LEU D 183 -49.12 -18.51 -8.38
C LEU D 183 -50.38 -19.08 -7.72
N ASP D 184 -51.48 -18.36 -7.88
CA ASP D 184 -52.70 -18.63 -7.12
C ASP D 184 -53.52 -19.77 -7.69
N GLU D 185 -54.00 -20.65 -6.82
CA GLU D 185 -54.95 -21.66 -7.23
C GLU D 185 -56.33 -21.10 -6.97
N GLY D 186 -56.92 -21.46 -5.83
CA GLY D 186 -58.20 -20.91 -5.42
C GLY D 186 -58.25 -20.71 -3.92
N LEU D 187 -57.07 -20.44 -3.36
CA LEU D 187 -56.87 -20.36 -1.92
C LEU D 187 -57.66 -19.20 -1.39
N VAL D 188 -58.47 -19.47 -0.37
CA VAL D 188 -59.04 -18.40 0.43
C VAL D 188 -58.19 -18.29 1.71
N ARG D 189 -57.13 -17.49 1.64
CA ARG D 189 -56.22 -17.31 2.77
C ARG D 189 -56.95 -16.69 3.95
N GLU D 190 -57.13 -17.47 5.02
CA GLU D 190 -57.68 -16.93 6.25
C GLU D 190 -56.62 -16.02 6.90
N ASP D 191 -57.02 -14.77 7.11
CA ASP D 191 -56.16 -13.72 7.63
C ASP D 191 -55.96 -13.88 9.13
N LEU D 192 -55.14 -14.84 9.51
CA LEU D 192 -54.85 -15.10 10.92
C LEU D 192 -53.50 -14.50 11.28
N THR D 193 -53.29 -13.28 10.80
CA THR D 193 -52.14 -12.47 11.18
C THR D 193 -52.38 -11.77 12.55
N ALA D 194 -53.64 -11.69 12.97
CA ALA D 194 -53.99 -11.11 14.27
C ALA D 194 -53.79 -12.06 15.47
N LEU D 195 -53.31 -13.28 15.21
CA LEU D 195 -53.25 -14.37 16.21
C LEU D 195 -51.90 -14.53 16.90
N ASP D 196 -51.92 -15.24 18.02
CA ASP D 196 -50.76 -15.45 18.87
C ASP D 196 -50.03 -16.71 18.42
N PHE D 197 -49.38 -16.62 17.25
CA PHE D 197 -48.64 -17.72 16.69
C PHE D 197 -47.20 -17.62 17.09
N VAL D 198 -46.60 -18.77 17.36
CA VAL D 198 -45.18 -18.88 17.70
C VAL D 198 -44.47 -19.93 16.84
N THR D 199 -43.15 -19.99 16.94
CA THR D 199 -42.38 -20.99 16.27
C THR D 199 -41.31 -21.38 17.26
N ILE D 200 -41.08 -22.68 17.38
CA ILE D 200 -40.15 -23.21 18.39
C ILE D 200 -39.25 -24.17 17.67
N ASP D 201 -37.95 -23.86 17.75
CA ASP D 201 -36.92 -24.59 17.01
C ASP D 201 -35.63 -24.38 17.76
N SER D 202 -34.55 -24.92 17.21
CA SER D 202 -33.22 -24.72 17.73
C SER D 202 -32.73 -23.28 17.60
N ALA D 203 -31.74 -22.90 18.41
CA ALA D 203 -31.05 -21.61 18.26
C ALA D 203 -30.56 -21.39 16.82
N SER D 204 -29.68 -22.27 16.35
CA SER D 204 -29.18 -22.22 14.99
C SER D 204 -30.27 -21.82 13.99
N THR D 205 -31.45 -22.42 14.14
CA THR D 205 -32.53 -22.42 13.12
C THR D 205 -32.80 -21.08 12.48
N GLU D 206 -32.66 -21.05 11.16
CA GLU D 206 -33.03 -19.87 10.35
C GLU D 206 -34.12 -20.21 9.32
N ASP D 207 -34.61 -21.45 9.39
CA ASP D 207 -35.64 -21.95 8.46
C ASP D 207 -36.92 -22.30 9.20
N ASP D 209 -40.27 -23.60 9.55
CA ASP D 209 -41.12 -24.48 8.75
C ASP D 209 -42.56 -24.57 9.26
N ASP D 210 -42.73 -24.52 10.57
CA ASP D 210 -44.02 -24.71 11.22
C ASP D 210 -44.24 -23.74 12.37
N ALA D 211 -45.52 -23.45 12.62
CA ALA D 211 -45.95 -22.55 13.68
C ALA D 211 -47.14 -23.17 14.39
N LEU D 212 -47.47 -22.65 15.57
CA LEU D 212 -48.46 -23.25 16.44
C LEU D 212 -49.27 -22.24 17.18
N PHE D 213 -50.53 -22.57 17.44
CA PHE D 213 -51.45 -21.74 18.22
C PHE D 213 -52.51 -22.56 18.96
N ALA D 214 -52.52 -22.45 20.29
CA ALA D 214 -53.49 -23.15 21.13
C ALA D 214 -54.60 -22.25 21.69
N LYS D 215 -55.83 -22.74 21.65
CA LYS D 215 -56.93 -22.16 22.40
C LYS D 215 -57.51 -23.20 23.38
N ALA D 216 -58.18 -22.63 24.43
CA ALA D 216 -58.97 -23.48 25.30
C ALA D 216 -60.46 -23.36 24.87
N LEU D 217 -61.08 -24.56 24.73
CA LEU D 217 -62.43 -24.68 24.17
C LEU D 217 -63.39 -25.16 25.27
N PRO D 218 -64.68 -25.47 24.90
CA PRO D 218 -65.71 -25.73 25.92
C PRO D 218 -65.40 -26.94 26.81
N ASP D 219 -66.18 -27.07 27.90
CA ASP D 219 -65.93 -28.01 29.00
C ASP D 219 -65.08 -29.22 28.60
N ASP D 220 -63.78 -29.13 28.89
CA ASP D 220 -62.77 -30.11 28.48
C ASP D 220 -62.66 -30.18 26.97
N LYS D 221 -61.55 -29.58 26.46
CA LYS D 221 -61.20 -29.52 25.03
C LYS D 221 -60.27 -28.35 24.73
N LEU D 222 -59.28 -28.64 23.88
CA LEU D 222 -58.26 -27.69 23.43
C LEU D 222 -58.25 -27.63 21.91
N GLN D 223 -57.92 -26.45 21.36
CA GLN D 223 -57.80 -26.29 19.92
C GLN D 223 -56.34 -26.08 19.55
N LEU D 224 -55.90 -26.79 18.52
CA LEU D 224 -54.55 -26.59 18.00
C LEU D 224 -54.57 -26.15 16.55
N ILE D 225 -53.88 -25.04 16.27
CA ILE D 225 -53.58 -24.66 14.89
C ILE D 225 -52.11 -24.92 14.56
N VAL D 226 -51.86 -25.84 13.63
CA VAL D 226 -50.53 -25.98 13.06
C VAL D 226 -50.53 -25.38 11.67
N ALA D 227 -49.50 -24.57 11.42
CA ALA D 227 -49.37 -23.85 10.19
C ALA D 227 -47.99 -24.12 9.62
N ILE D 228 -48.00 -24.77 8.47
CA ILE D 228 -46.77 -25.13 7.80
C ILE D 228 -46.57 -24.23 6.60
N ALA D 229 -45.31 -23.88 6.38
CA ALA D 229 -44.83 -23.15 5.21
C ALA D 229 -45.35 -23.73 3.93
N ASP D 230 -45.36 -22.88 2.92
CA ASP D 230 -46.10 -23.08 1.70
C ASP D 230 -45.10 -22.85 0.58
N PRO D 231 -44.24 -23.86 0.30
CA PRO D 231 -43.31 -23.89 -0.86
C PRO D 231 -44.05 -24.16 -2.17
N THR D 232 -45.23 -24.76 -2.05
CA THR D 232 -46.01 -25.29 -3.18
C THR D 232 -46.75 -24.20 -3.98
N ALA D 233 -46.88 -23.03 -3.36
CA ALA D 233 -47.32 -21.82 -4.04
C ALA D 233 -46.31 -21.31 -5.08
N TRP D 234 -45.02 -21.30 -4.73
CA TRP D 234 -44.00 -20.82 -5.66
C TRP D 234 -43.55 -21.93 -6.57
N ILE D 235 -43.60 -23.15 -6.07
CA ILE D 235 -43.14 -24.27 -6.85
C ILE D 235 -44.31 -24.86 -7.61
N ALA D 236 -44.29 -24.60 -8.93
CA ALA D 236 -45.20 -25.25 -9.85
C ALA D 236 -44.80 -26.70 -10.06
N GLU D 237 -45.75 -27.58 -9.80
CA GLU D 237 -45.67 -28.99 -10.18
C GLU D 237 -45.36 -29.09 -11.68
N GLY D 238 -44.07 -29.29 -11.99
CA GLY D 238 -43.64 -29.39 -13.36
C GLY D 238 -42.40 -28.56 -13.66
N SER D 239 -42.36 -27.34 -13.11
CA SER D 239 -41.21 -26.44 -13.29
C SER D 239 -39.92 -27.22 -13.08
N LYS D 240 -38.81 -26.74 -13.64
CA LYS D 240 -37.53 -27.46 -13.51
C LYS D 240 -36.86 -27.35 -12.15
N LEU D 241 -37.54 -26.65 -11.23
CA LEU D 241 -37.20 -26.69 -9.82
C LEU D 241 -37.95 -27.84 -9.11
N ASP D 242 -39.16 -28.15 -9.59
CA ASP D 242 -39.91 -29.31 -9.12
C ASP D 242 -39.21 -30.59 -9.52
N LYS D 243 -38.67 -30.62 -10.74
CA LYS D 243 -37.93 -31.78 -11.21
C LYS D 243 -36.85 -32.14 -10.22
N ALA D 244 -35.87 -31.26 -10.09
CA ALA D 244 -34.69 -31.49 -9.25
C ALA D 244 -35.07 -31.93 -7.84
N ALA D 245 -36.14 -31.35 -7.29
CA ALA D 245 -36.58 -31.64 -5.92
C ALA D 245 -36.98 -33.09 -5.79
N LYS D 246 -37.48 -33.65 -6.90
CA LYS D 246 -37.88 -35.06 -6.99
C LYS D 246 -36.70 -35.94 -7.33
N ILE D 247 -35.61 -35.33 -7.79
CA ILE D 247 -34.37 -36.10 -7.99
C ILE D 247 -33.65 -36.39 -6.66
N ARG D 248 -33.71 -35.43 -5.73
CA ARG D 248 -33.05 -35.56 -4.43
C ARG D 248 -34.02 -36.08 -3.34
N ALA D 249 -35.31 -35.78 -3.48
CA ALA D 249 -36.38 -36.26 -2.58
C ALA D 249 -36.34 -35.75 -1.13
N PHE D 250 -35.14 -35.57 -0.58
CA PHE D 250 -34.96 -35.10 0.79
C PHE D 250 -33.78 -34.12 0.90
N THR D 251 -33.82 -33.19 1.84
CA THR D 251 -32.56 -32.57 2.25
C THR D 251 -31.66 -33.68 2.82
N ASN D 252 -30.45 -33.86 2.27
CA ASN D 252 -29.37 -34.65 2.88
C ASN D 252 -28.64 -33.91 4.04
N TYR D 253 -28.85 -34.41 5.24
CA TYR D 253 -28.10 -34.00 6.43
C TYR D 253 -26.84 -34.85 6.69
N LEU D 254 -25.70 -34.18 6.65
CA LEU D 254 -24.41 -34.73 7.06
C LEU D 254 -23.96 -33.94 8.30
N PRO D 255 -23.02 -34.51 9.13
CA PRO D 255 -22.51 -33.73 10.25
C PRO D 255 -21.88 -32.42 9.74
N GLY D 256 -22.43 -31.29 10.19
CA GLY D 256 -21.89 -29.96 9.88
C GLY D 256 -22.14 -29.45 8.48
N PHE D 257 -22.97 -30.13 7.69
CA PHE D 257 -23.11 -29.87 6.27
C PHE D 257 -24.44 -30.38 5.67
N ASN D 258 -25.35 -29.53 5.20
CA ASN D 258 -26.54 -30.11 4.52
C ASN D 258 -26.60 -29.82 3.04
N ILE D 259 -27.31 -30.65 2.30
CA ILE D 259 -27.41 -30.53 0.85
C ILE D 259 -28.89 -30.48 0.56
N PRO D 260 -29.44 -29.24 0.48
CA PRO D 260 -30.85 -28.93 0.46
C PRO D 260 -31.56 -29.40 -0.80
N LEU D 262 -33.98 -27.69 -2.09
CA LEU D 262 -34.41 -26.43 -2.73
C LEU D 262 -33.41 -25.30 -2.45
N PRO D 263 -33.44 -24.19 -3.26
CA PRO D 263 -32.70 -22.94 -2.97
C PRO D 263 -33.02 -22.35 -1.60
N ARG D 264 -32.00 -21.85 -0.91
CA ARG D 264 -32.20 -21.27 0.42
C ARG D 264 -32.99 -19.96 0.36
N GLU D 265 -33.06 -19.34 -0.82
CA GLU D 265 -33.79 -18.09 -0.99
C GLU D 265 -35.30 -18.37 -0.84
N LEU D 266 -35.67 -19.59 -1.20
CA LEU D 266 -37.04 -20.04 -1.07
C LEU D 266 -37.25 -20.42 0.37
N SER D 267 -36.31 -21.18 0.92
CA SER D 267 -36.40 -21.67 2.27
C SER D 267 -36.19 -20.58 3.31
N ASP D 268 -35.28 -19.65 3.01
CA ASP D 268 -34.79 -18.72 4.03
C ASP D 268 -35.52 -17.40 3.97
N ASP D 269 -35.98 -17.02 2.78
CA ASP D 269 -36.62 -15.74 2.62
C ASP D 269 -38.12 -15.87 2.35
N LEU D 270 -38.47 -16.63 1.31
CA LEU D 270 -39.87 -16.71 0.87
C LEU D 270 -40.80 -17.39 1.88
N CYS D 271 -40.37 -18.56 2.37
CA CYS D 271 -41.21 -19.42 3.19
C CYS D 271 -41.03 -19.28 4.70
N SER D 272 -39.77 -19.18 5.16
CA SER D 272 -39.47 -19.02 6.59
C SER D 272 -40.53 -18.22 7.34
N LEU D 273 -40.99 -18.79 8.45
CA LEU D 273 -42.05 -18.19 9.25
C LEU D 273 -41.47 -17.18 10.25
N ARG D 274 -40.98 -16.08 9.69
CA ARG D 274 -40.26 -15.05 10.42
C ARG D 274 -41.20 -14.26 11.32
N ALA D 275 -40.71 -13.89 12.52
CA ALA D 275 -41.47 -13.17 13.52
C ALA D 275 -41.83 -11.83 12.96
N ASN D 276 -43.09 -11.44 13.17
CA ASN D 276 -43.58 -10.13 12.82
C ASN D 276 -43.63 -9.96 11.28
N GLU D 277 -43.94 -11.05 10.57
CA GLU D 277 -43.83 -11.13 9.11
C GLU D 277 -44.98 -11.92 8.49
N VAL D 278 -45.74 -11.31 7.56
CA VAL D 278 -46.90 -12.01 6.97
C VAL D 278 -46.47 -13.07 5.94
N ARG D 279 -46.96 -14.29 6.16
CA ARG D 279 -46.58 -15.50 5.41
C ARG D 279 -47.76 -16.33 4.89
N PRO D 280 -47.62 -16.89 3.65
CA PRO D 280 -48.63 -17.83 3.19
C PRO D 280 -48.29 -19.22 3.71
N VAL D 281 -49.14 -19.74 4.59
CA VAL D 281 -48.97 -21.06 5.18
C VAL D 281 -50.07 -22.00 4.68
N LEU D 282 -49.93 -23.28 5.02
CA LEU D 282 -51.04 -24.22 4.92
C LEU D 282 -51.38 -24.75 6.32
N ALA D 283 -52.67 -24.86 6.60
CA ALA D 283 -53.12 -24.94 7.98
C ALA D 283 -53.93 -26.19 8.33
N CYS D 284 -53.94 -26.50 9.62
CA CYS D 284 -54.75 -27.56 10.14
C CYS D 284 -55.32 -27.09 11.45
N ARG D 285 -56.63 -27.23 11.55
CA ARG D 285 -57.35 -26.90 12.76
C ARG D 285 -58.03 -28.18 13.23
N THR D 287 -59.70 -30.39 16.90
CA THR D 287 -60.20 -30.31 18.27
C THR D 287 -59.88 -31.60 19.02
N LEU D 288 -59.05 -31.46 20.06
CA LEU D 288 -58.65 -32.61 20.87
C LEU D 288 -59.51 -32.72 22.11
N SER D 289 -60.23 -33.84 22.18
CA SER D 289 -61.14 -34.16 23.28
C SER D 289 -60.52 -34.06 24.69
N ALA D 290 -60.65 -35.16 25.44
CA ALA D 290 -60.18 -35.23 26.82
C ALA D 290 -59.03 -36.23 26.91
N ASP D 291 -59.27 -37.42 26.37
CA ASP D 291 -58.22 -38.42 26.15
C ASP D 291 -57.11 -37.90 25.23
N GLY D 292 -57.46 -36.93 24.40
CA GLY D 292 -56.53 -36.39 23.39
C GLY D 292 -56.90 -36.79 21.96
N THR D 293 -57.97 -37.56 21.81
CA THR D 293 -58.46 -37.99 20.50
C THR D 293 -58.47 -36.80 19.55
N ILE D 294 -57.90 -36.96 18.36
CA ILE D 294 -58.12 -35.95 17.33
C ILE D 294 -59.50 -36.22 16.71
N GLU D 295 -60.43 -35.30 16.94
CA GLU D 295 -61.83 -35.54 16.61
C GLU D 295 -62.14 -35.38 15.11
N ASP D 296 -63.38 -35.71 14.73
CA ASP D 296 -63.82 -35.51 13.36
C ASP D 296 -63.89 -34.01 13.05
N ASN D 297 -63.46 -33.21 14.03
CA ASN D 297 -63.14 -31.80 13.83
C ASN D 297 -61.71 -31.69 13.31
N ILE D 298 -61.63 -31.70 11.98
CA ILE D 298 -60.38 -31.48 11.28
C ILE D 298 -60.71 -30.74 9.99
N GLU D 299 -59.97 -29.65 9.79
CA GLU D 299 -60.15 -28.83 8.61
C GLU D 299 -58.80 -28.26 8.25
N PHE D 300 -58.55 -28.27 6.95
CA PHE D 300 -57.37 -27.68 6.35
C PHE D 300 -57.85 -26.51 5.48
N PHE D 301 -56.97 -25.52 5.30
CA PHE D 301 -57.29 -24.26 4.61
C PHE D 301 -56.02 -23.44 4.42
N ALA D 302 -55.90 -22.81 3.25
CA ALA D 302 -54.83 -21.84 3.01
C ALA D 302 -55.08 -20.65 3.92
N ALA D 303 -53.99 -20.01 4.36
CA ALA D 303 -54.08 -18.88 5.29
C ALA D 303 -52.80 -18.02 5.27
N THR D 304 -52.92 -16.83 5.84
CA THR D 304 -51.77 -16.01 6.14
C THR D 304 -51.63 -15.81 7.64
N ILE D 305 -50.38 -15.68 8.08
CA ILE D 305 -50.11 -15.68 9.51
C ILE D 305 -48.95 -14.75 9.82
N GLU D 306 -48.98 -14.17 11.02
CA GLU D 306 -47.92 -13.30 11.51
C GLU D 306 -47.41 -13.86 12.82
N SER D 307 -46.27 -14.54 12.78
CA SER D 307 -45.68 -15.05 14.01
C SER D 307 -45.26 -13.96 14.99
N LYS D 308 -45.64 -14.14 16.25
CA LYS D 308 -45.40 -13.14 17.28
C LYS D 308 -44.16 -13.43 18.11
N ALA D 309 -43.52 -14.58 17.86
CA ALA D 309 -42.38 -14.99 18.66
C ALA D 309 -41.66 -16.13 18.03
N LYS D 310 -40.34 -16.02 18.00
CA LYS D 310 -39.42 -17.05 17.56
C LYS D 310 -38.68 -17.57 18.77
N LEU D 311 -39.27 -18.56 19.45
CA LEU D 311 -38.72 -19.15 20.66
C LEU D 311 -37.75 -20.29 20.38
N VAL D 312 -37.04 -20.72 21.44
CA VAL D 312 -35.92 -21.63 21.36
C VAL D 312 -36.06 -22.76 22.41
N TYR D 313 -35.83 -23.98 21.94
CA TYR D 313 -36.01 -25.19 22.72
C TYR D 313 -35.57 -25.10 24.19
N ASP D 314 -34.26 -24.98 24.39
CA ASP D 314 -33.68 -24.96 25.73
C ASP D 314 -34.25 -23.86 26.60
N GLN D 315 -34.48 -22.69 26.01
CA GLN D 315 -35.03 -21.55 26.72
C GLN D 315 -36.48 -21.79 27.12
N VAL D 316 -37.30 -22.29 26.19
CA VAL D 316 -38.67 -22.67 26.55
C VAL D 316 -38.66 -23.79 27.59
N SER D 317 -37.82 -24.80 27.40
CA SER D 317 -37.57 -25.80 28.44
C SER D 317 -37.23 -25.11 29.77
N ASP D 318 -36.18 -24.29 29.75
CA ASP D 318 -35.67 -23.66 30.95
C ASP D 318 -36.80 -22.96 31.71
N TRP D 319 -37.48 -22.02 31.06
CA TRP D 319 -38.62 -21.30 31.66
C TRP D 319 -39.77 -22.20 32.13
N LEU D 320 -40.08 -23.24 31.35
CA LEU D 320 -41.17 -24.16 31.68
C LEU D 320 -40.87 -25.00 32.89
N GLU D 321 -39.65 -25.55 32.94
CA GLU D 321 -39.19 -26.37 34.05
C GLU D 321 -38.76 -25.47 35.23
N ASN D 322 -37.59 -24.83 35.08
CA ASN D 322 -37.08 -23.77 35.98
C ASN D 322 -35.77 -23.15 35.45
N THR D 323 -35.83 -21.88 35.01
CA THR D 323 -34.66 -21.16 34.49
C THR D 323 -34.25 -20.01 35.42
N GLY D 324 -33.19 -19.30 35.00
CA GLY D 324 -32.81 -18.02 35.58
C GLY D 324 -32.23 -17.06 34.56
N ASP D 325 -32.43 -17.35 33.27
CA ASP D 325 -31.91 -16.52 32.19
C ASP D 325 -33.03 -15.90 31.32
N TRP D 326 -33.94 -16.74 30.82
CA TRP D 326 -35.00 -16.31 29.88
C TRP D 326 -36.45 -16.40 30.42
N GLN D 327 -37.30 -15.49 29.91
CA GLN D 327 -38.74 -15.44 30.17
C GLN D 327 -39.47 -14.83 28.95
N PRO D 328 -40.70 -15.32 28.64
CA PRO D 328 -41.47 -14.75 27.53
C PRO D 328 -41.60 -13.24 27.64
N GLU D 329 -41.32 -12.57 26.52
CA GLU D 329 -41.40 -11.12 26.42
C GLU D 329 -42.76 -10.57 26.87
N SER D 330 -43.82 -11.28 26.52
CA SER D 330 -45.17 -10.80 26.80
C SER D 330 -46.10 -11.92 27.23
N GLU D 331 -47.00 -11.59 28.14
CA GLU D 331 -48.00 -12.54 28.67
C GLU D 331 -48.75 -13.30 27.56
N ALA D 332 -48.86 -12.68 26.39
CA ALA D 332 -49.47 -13.33 25.23
C ALA D 332 -48.72 -14.62 24.86
N ILE D 333 -47.38 -14.56 24.92
CA ILE D 333 -46.52 -15.72 24.62
C ILE D 333 -46.61 -16.79 25.73
N ALA D 334 -46.36 -16.38 26.97
CA ALA D 334 -46.45 -17.25 28.16
C ALA D 334 -47.63 -18.23 28.16
N GLU D 335 -48.79 -17.75 27.73
CA GLU D 335 -50.03 -18.50 27.79
C GLU D 335 -50.10 -19.47 26.62
N GLN D 336 -49.47 -19.10 25.51
CA GLN D 336 -49.47 -19.91 24.30
C GLN D 336 -48.73 -21.23 24.49
N VAL D 337 -47.48 -21.11 24.93
CA VAL D 337 -46.59 -22.21 25.31
C VAL D 337 -47.27 -23.20 26.24
N ARG D 338 -47.73 -22.65 27.37
CA ARG D 338 -48.49 -23.37 28.39
C ARG D 338 -49.65 -24.19 27.83
N LEU D 339 -50.44 -23.56 26.97
CA LEU D 339 -51.57 -24.24 26.35
C LEU D 339 -51.15 -25.39 25.45
N LEU D 340 -49.97 -25.25 24.85
CA LEU D 340 -49.42 -26.27 23.95
C LEU D 340 -48.82 -27.42 24.74
N ALA D 341 -48.46 -27.15 26.00
CA ALA D 341 -47.93 -28.18 26.91
C ALA D 341 -49.04 -29.04 27.52
N GLN D 342 -50.20 -28.43 27.76
CA GLN D 342 -51.41 -29.17 28.12
C GLN D 342 -51.79 -30.03 26.93
N ILE D 343 -51.45 -29.53 25.74
CA ILE D 343 -51.64 -30.26 24.49
C ILE D 343 -50.61 -31.37 24.37
N CYS D 344 -49.40 -31.08 24.84
CA CYS D 344 -48.31 -32.05 24.86
C CYS D 344 -48.68 -33.23 25.77
N GLN D 345 -49.11 -32.91 26.99
CA GLN D 345 -49.69 -33.89 27.93
C GLN D 345 -50.87 -34.74 27.42
N ARG D 346 -51.76 -34.19 26.61
CA ARG D 346 -52.91 -34.97 26.15
C ARG D 346 -52.62 -35.96 24.99
N ARG D 347 -51.94 -35.49 23.96
CA ARG D 347 -51.65 -36.34 22.80
C ARG D 347 -50.59 -37.42 23.06
N GLY D 348 -49.82 -37.24 24.15
CA GLY D 348 -49.00 -38.30 24.73
C GLY D 348 -49.86 -39.46 25.24
N GLU D 349 -51.07 -39.14 25.72
CA GLU D 349 -52.02 -40.16 26.16
C GLU D 349 -52.50 -41.04 25.02
N TRP D 350 -53.18 -40.45 24.03
CA TRP D 350 -53.85 -41.24 22.99
C TRP D 350 -52.93 -42.20 22.24
N ARG D 351 -51.66 -41.84 22.06
CA ARG D 351 -50.72 -42.76 21.46
C ARG D 351 -50.21 -43.81 22.47
N HIS D 352 -50.07 -43.39 23.73
CA HIS D 352 -49.68 -44.28 24.81
C HIS D 352 -50.84 -45.22 25.18
N ASN D 353 -52.03 -44.93 24.64
CA ASN D 353 -53.14 -45.84 24.81
C ASN D 353 -53.50 -46.59 23.52
N HIS D 354 -53.37 -45.94 22.37
CA HIS D 354 -53.97 -46.48 21.13
C HIS D 354 -53.17 -46.49 19.83
N ALA D 355 -51.96 -45.93 19.88
CA ALA D 355 -51.04 -45.96 18.75
C ALA D 355 -49.77 -46.65 19.20
N LEU D 356 -48.62 -46.12 18.80
CA LEU D 356 -47.37 -46.50 19.44
C LEU D 356 -46.59 -45.28 19.91
N VAL D 357 -45.71 -45.53 20.88
CA VAL D 357 -44.90 -44.49 21.49
C VAL D 357 -43.39 -44.84 21.41
N PHE D 358 -42.76 -44.52 20.29
CA PHE D 358 -41.36 -44.96 20.04
C PHE D 358 -40.37 -44.50 21.13
N LYS D 359 -39.76 -45.46 21.84
CA LYS D 359 -38.78 -45.17 22.88
C LYS D 359 -37.50 -44.60 22.26
N ASP D 360 -37.28 -43.30 22.46
CA ASP D 360 -36.25 -42.56 21.71
C ASP D 360 -34.83 -42.74 22.25
N ARG D 361 -33.93 -43.13 21.35
CA ARG D 361 -32.53 -43.27 21.67
C ARG D 361 -31.84 -41.92 21.52
N PRO D 362 -30.65 -41.77 22.16
CA PRO D 362 -29.95 -40.49 22.12
C PRO D 362 -29.64 -40.09 20.68
N ASP D 363 -29.79 -38.79 20.39
CA ASP D 363 -29.46 -38.24 19.10
C ASP D 363 -28.15 -37.48 19.19
N TYR D 364 -27.07 -38.15 18.80
CA TYR D 364 -25.72 -37.58 18.94
C TYR D 364 -25.40 -36.53 17.88
N ARG D 365 -24.81 -35.42 18.31
CA ARG D 365 -24.48 -34.34 17.42
C ARG D 365 -22.98 -34.07 17.47
N PHE D 366 -22.37 -33.90 16.30
CA PHE D 366 -20.97 -33.56 16.25
C PHE D 366 -20.82 -32.05 16.35
N ILE D 367 -20.04 -31.59 17.32
CA ILE D 367 -19.74 -30.17 17.49
C ILE D 367 -18.46 -29.90 16.73
N LEU D 368 -18.57 -29.19 15.62
CA LEU D 368 -17.47 -29.02 14.65
C LEU D 368 -16.84 -27.61 14.63
N GLY D 369 -15.54 -27.52 14.38
CA GLY D 369 -14.85 -26.22 14.26
C GLY D 369 -15.08 -25.54 12.90
N GLU D 370 -14.63 -24.29 12.80
CA GLU D 370 -14.86 -23.49 11.60
C GLU D 370 -14.28 -24.21 10.41
N LYS D 371 -13.40 -25.17 10.70
CA LYS D 371 -12.72 -25.92 9.67
C LYS D 371 -12.92 -27.41 9.77
N GLY D 372 -14.00 -27.84 10.43
CA GLY D 372 -14.42 -29.22 10.40
C GLY D 372 -13.74 -30.10 11.43
N GLU D 373 -12.87 -29.53 12.24
CA GLU D 373 -12.33 -30.30 13.36
C GLU D 373 -13.45 -30.72 14.31
N VAL D 374 -13.42 -31.93 14.82
CA VAL D 374 -14.45 -32.35 15.76
C VAL D 374 -14.10 -31.85 17.16
N LEU D 375 -14.85 -30.90 17.67
CA LEU D 375 -14.55 -30.34 18.99
C LEU D 375 -15.09 -31.17 20.13
N ASP D 376 -16.13 -31.96 19.84
CA ASP D 376 -16.95 -32.66 20.83
C ASP D 376 -18.07 -33.38 20.12
N ILE D 377 -18.65 -34.37 20.80
CA ILE D 377 -19.86 -35.10 20.37
C ILE D 377 -20.80 -35.27 21.54
N VAL D 378 -22.02 -34.75 21.41
CA VAL D 378 -22.93 -34.54 22.53
C VAL D 378 -24.33 -35.19 22.28
N ALA D 379 -24.83 -35.88 23.29
CA ALA D 379 -26.17 -36.45 23.24
C ALA D 379 -27.17 -35.32 23.36
N GLU D 380 -27.97 -35.10 22.33
CA GLU D 380 -29.01 -34.07 22.42
C GLU D 380 -30.22 -34.68 23.14
N PRO D 381 -30.43 -34.31 24.43
CA PRO D 381 -31.61 -34.77 25.18
C PRO D 381 -32.90 -33.96 24.96
N ARG D 382 -34.01 -34.69 24.77
CA ARG D 382 -35.32 -34.13 24.47
C ARG D 382 -36.03 -33.58 25.71
N ARG D 383 -35.94 -32.28 25.93
CA ARG D 383 -36.62 -31.66 27.07
C ARG D 383 -38.05 -31.29 26.70
N ILE D 384 -38.74 -30.64 27.61
CA ILE D 384 -40.18 -30.41 27.44
C ILE D 384 -40.51 -29.69 26.10
N ALA D 385 -39.82 -28.58 25.84
CA ALA D 385 -39.99 -27.84 24.58
C ALA D 385 -39.95 -28.78 23.37
N ASN D 386 -38.90 -29.60 23.32
CA ASN D 386 -38.71 -30.63 22.29
C ASN D 386 -39.96 -31.50 22.09
N ARG D 387 -40.53 -32.01 23.18
CA ARG D 387 -41.75 -32.83 23.09
C ARG D 387 -43.04 -32.05 22.67
N ILE D 388 -43.12 -30.76 23.01
CA ILE D 388 -44.21 -29.93 22.49
C ILE D 388 -44.26 -30.05 20.96
N VAL D 389 -43.31 -29.45 20.27
CA VAL D 389 -43.31 -29.43 18.81
C VAL D 389 -43.65 -30.83 18.24
N GLU D 390 -42.91 -31.85 18.68
CA GLU D 390 -43.09 -33.23 18.25
C GLU D 390 -44.56 -33.68 18.26
N GLU D 391 -45.24 -33.52 19.40
CA GLU D 391 -46.64 -33.95 19.51
C GLU D 391 -47.62 -33.18 18.61
N ALA D 392 -47.32 -31.90 18.39
CA ALA D 392 -48.06 -31.08 17.46
C ALA D 392 -47.93 -31.63 16.05
N ILE D 394 -46.87 -34.85 14.98
CA ILE D 394 -47.60 -36.12 14.88
C ILE D 394 -49.12 -35.90 14.73
N ALA D 395 -49.73 -35.02 15.53
CA ALA D 395 -51.19 -34.74 15.37
C ALA D 395 -51.53 -34.30 13.92
N ALA D 396 -50.73 -33.36 13.43
CA ALA D 396 -50.83 -32.78 12.11
C ALA D 396 -50.77 -33.83 11.00
N ASN D 397 -49.87 -34.77 11.18
CA ASN D 397 -49.54 -35.73 10.15
C ASN D 397 -50.53 -36.88 10.11
N ILE D 398 -51.15 -37.16 11.24
CA ILE D 398 -52.30 -38.03 11.30
C ILE D 398 -53.53 -37.42 10.60
N CYS D 399 -53.76 -36.11 10.80
CA CYS D 399 -54.93 -35.40 10.22
C CYS D 399 -54.85 -35.43 8.70
N ALA D 400 -53.65 -35.22 8.18
CA ALA D 400 -53.40 -35.33 6.75
C ALA D 400 -53.91 -36.68 6.29
N ALA D 401 -53.57 -37.71 7.07
CA ALA D 401 -53.78 -39.11 6.70
C ALA D 401 -55.24 -39.47 6.62
N ARG D 402 -56.03 -39.10 7.64
CA ARG D 402 -57.49 -39.25 7.60
C ARG D 402 -58.08 -38.54 6.39
N VAL D 403 -57.95 -37.22 6.38
CA VAL D 403 -58.52 -36.35 5.33
C VAL D 403 -58.09 -36.77 3.91
N LEU D 404 -56.85 -37.25 3.77
CA LEU D 404 -56.41 -37.79 2.49
C LEU D 404 -57.03 -39.16 2.21
N ARG D 405 -57.24 -39.95 3.25
CA ARG D 405 -57.88 -41.24 3.09
C ARG D 405 -59.32 -41.04 2.67
N ASP D 406 -60.09 -40.30 3.48
CA ASP D 406 -61.51 -40.02 3.19
C ASP D 406 -61.69 -39.51 1.77
N LYS D 407 -61.02 -38.40 1.47
CA LYS D 407 -61.17 -37.72 0.18
C LYS D 407 -60.53 -38.47 -0.99
N LEU D 408 -59.39 -39.10 -0.74
CA LEU D 408 -58.76 -39.89 -1.79
C LEU D 408 -58.55 -41.36 -1.42
N GLY D 409 -57.88 -41.60 -0.31
CA GLY D 409 -57.19 -42.86 -0.12
C GLY D 409 -56.01 -42.94 -1.10
N PHE D 410 -55.48 -41.79 -1.52
CA PHE D 410 -54.26 -41.72 -2.31
C PHE D 410 -53.44 -40.55 -1.75
N GLY D 411 -52.14 -40.64 -1.92
CA GLY D 411 -51.19 -39.68 -1.35
C GLY D 411 -49.88 -40.37 -1.01
N ILE D 412 -49.03 -39.69 -0.23
CA ILE D 412 -47.76 -40.30 0.19
C ILE D 412 -47.81 -40.82 1.63
N TYR D 413 -47.90 -42.13 1.75
CA TYR D 413 -48.03 -42.77 3.04
C TYR D 413 -46.76 -43.51 3.42
N ASN D 414 -46.45 -43.43 4.71
CA ASN D 414 -45.39 -44.18 5.27
C ASN D 414 -46.02 -45.40 5.90
N VAL D 415 -45.99 -46.50 5.13
CA VAL D 415 -46.61 -47.77 5.52
C VAL D 415 -45.54 -48.75 6.06
N HIS D 416 -46.01 -49.71 6.85
CA HIS D 416 -45.15 -50.70 7.46
C HIS D 416 -45.85 -52.06 7.51
N GLY D 418 -45.42 -54.83 9.00
CA GLY D 418 -45.35 -55.74 10.13
C GLY D 418 -44.47 -56.90 9.68
N PHE D 419 -44.40 -57.91 10.54
CA PHE D 419 -43.72 -59.17 10.24
C PHE D 419 -44.29 -59.87 9.01
N ASP D 420 -43.39 -60.43 8.20
CA ASP D 420 -43.75 -61.21 7.02
C ASP D 420 -44.36 -62.53 7.47
N PRO D 421 -45.55 -62.90 6.93
CA PRO D 421 -46.28 -64.14 7.26
C PRO D 421 -45.46 -65.44 7.24
N ALA D 422 -44.31 -65.43 6.54
CA ALA D 422 -43.34 -66.53 6.57
C ALA D 422 -42.47 -66.54 7.86
N ASN D 423 -41.98 -65.37 8.27
CA ASN D 423 -41.27 -65.23 9.55
C ASN D 423 -42.24 -65.27 10.74
N ALA D 424 -43.52 -65.15 10.45
CA ALA D 424 -44.58 -65.07 11.47
C ALA D 424 -44.42 -66.18 12.50
N ASP D 425 -44.60 -67.42 12.04
CA ASP D 425 -44.41 -68.65 12.83
C ASP D 425 -43.05 -68.74 13.58
N ALA D 426 -41.95 -68.44 12.88
CA ALA D 426 -40.60 -68.56 13.44
C ALA D 426 -40.34 -67.61 14.60
N LEU D 427 -41.09 -66.51 14.59
CA LEU D 427 -40.97 -65.46 15.60
C LEU D 427 -41.78 -65.85 16.82
N ALA D 428 -42.97 -66.39 16.54
CA ALA D 428 -43.91 -66.81 17.58
C ALA D 428 -43.33 -67.95 18.37
N ALA D 429 -42.34 -68.63 17.78
CA ALA D 429 -41.66 -69.76 18.42
C ALA D 429 -40.53 -69.30 19.34
N LEU D 430 -39.56 -68.59 18.75
CA LEU D 430 -38.46 -67.99 19.51
C LEU D 430 -38.96 -67.15 20.69
N LEU D 431 -40.18 -66.64 20.54
CA LEU D 431 -40.81 -65.80 21.56
C LEU D 431 -41.27 -66.62 22.75
N LYS D 432 -41.91 -67.76 22.48
CA LYS D 432 -42.31 -68.66 23.55
C LYS D 432 -41.08 -68.96 24.40
N THR D 433 -40.05 -69.53 23.77
CA THR D 433 -38.70 -69.72 24.32
C THR D 433 -38.32 -68.90 25.58
N HIS D 434 -38.70 -67.62 25.61
CA HIS D 434 -38.31 -66.70 26.70
C HIS D 434 -39.37 -66.34 27.74
N GLY D 435 -40.45 -67.12 27.83
CA GLY D 435 -41.56 -66.81 28.72
C GLY D 435 -42.59 -65.87 28.10
N LEU D 436 -42.35 -65.44 26.86
CA LEU D 436 -43.20 -64.43 26.25
C LEU D 436 -44.48 -64.96 25.61
N HIS D 437 -45.59 -64.67 26.30
CA HIS D 437 -46.93 -64.92 25.82
C HIS D 437 -47.17 -64.23 24.47
N VAL D 438 -47.64 -65.00 23.49
CA VAL D 438 -47.80 -64.51 22.12
C VAL D 438 -48.97 -65.15 21.37
N ASP D 439 -49.32 -64.56 20.22
CA ASP D 439 -50.19 -65.17 19.22
C ASP D 439 -49.64 -64.85 17.84
N ALA D 440 -49.50 -65.88 17.01
CA ALA D 440 -48.95 -65.74 15.66
C ALA D 440 -49.95 -65.16 14.66
N GLU D 441 -51.25 -65.40 14.87
CA GLU D 441 -52.28 -64.70 14.12
C GLU D 441 -52.34 -63.20 14.49
N GLU D 442 -52.50 -62.92 15.78
CA GLU D 442 -52.54 -61.55 16.32
C GLU D 442 -51.51 -60.57 15.79
N VAL D 443 -50.23 -60.94 15.84
CA VAL D 443 -49.10 -60.07 15.49
C VAL D 443 -49.07 -59.59 14.04
N LEU D 444 -49.83 -60.27 13.19
CA LEU D 444 -49.93 -59.94 11.78
C LEU D 444 -51.08 -58.98 11.50
N THR D 445 -51.86 -58.68 12.54
CA THR D 445 -52.83 -57.60 12.50
C THR D 445 -52.25 -56.50 13.39
N LEU D 446 -52.77 -55.28 13.25
CA LEU D 446 -52.26 -54.10 13.98
C LEU D 446 -52.38 -54.19 15.49
N ASP D 447 -53.45 -54.82 15.95
CA ASP D 447 -53.78 -54.90 17.38
C ASP D 447 -52.69 -55.62 18.18
N GLY D 448 -52.45 -56.88 17.83
CA GLY D 448 -51.46 -57.72 18.53
C GLY D 448 -50.07 -57.10 18.50
N PHE D 449 -49.60 -56.79 17.30
CA PHE D 449 -48.32 -56.10 17.10
C PHE D 449 -48.06 -55.02 18.18
N CYS D 450 -49.07 -54.20 18.46
CA CYS D 450 -48.96 -53.17 19.49
C CYS D 450 -48.66 -53.75 20.87
N LYS D 451 -49.50 -54.69 21.31
CA LYS D 451 -49.37 -55.38 22.60
C LYS D 451 -48.00 -56.04 22.78
N LEU D 452 -47.47 -56.59 21.68
CA LEU D 452 -46.10 -57.11 21.63
C LEU D 452 -45.13 -56.01 22.00
N ARG D 453 -44.99 -55.03 21.11
CA ARG D 453 -44.18 -53.84 21.36
C ARG D 453 -44.26 -53.28 22.80
N ARG D 454 -45.47 -53.24 23.36
CA ARG D 454 -45.67 -52.69 24.70
C ARG D 454 -45.17 -53.66 25.78
N GLU D 455 -45.22 -54.96 25.48
CA GLU D 455 -44.73 -56.00 26.39
C GLU D 455 -43.19 -55.89 26.47
N LEU D 456 -42.56 -55.82 25.30
CA LEU D 456 -41.11 -55.69 25.20
C LEU D 456 -40.55 -54.68 26.22
N ASP D 457 -41.05 -53.44 26.20
CA ASP D 457 -40.58 -52.34 27.07
C ASP D 457 -40.82 -52.54 28.58
N ALA D 458 -41.71 -53.47 28.93
CA ALA D 458 -41.93 -53.81 30.34
C ALA D 458 -40.63 -54.31 30.98
N GLN D 459 -39.98 -55.24 30.28
CA GLN D 459 -38.81 -55.97 30.79
C GLN D 459 -37.65 -55.04 31.19
N PRO D 460 -36.97 -55.36 32.32
CA PRO D 460 -35.81 -54.65 32.91
C PRO D 460 -34.75 -54.17 31.91
N THR D 461 -34.33 -55.09 31.05
CA THR D 461 -33.33 -54.81 30.03
C THR D 461 -33.88 -55.14 28.63
N GLY D 462 -33.29 -54.54 27.60
CA GLY D 462 -33.80 -54.72 26.24
C GLY D 462 -33.34 -55.99 25.52
N PHE D 463 -32.90 -56.96 26.30
CA PHE D 463 -32.41 -58.20 25.72
C PHE D 463 -33.47 -58.81 24.80
N LEU D 464 -34.64 -59.10 25.37
CA LEU D 464 -35.75 -59.72 24.64
C LEU D 464 -36.04 -59.04 23.29
N ASP D 465 -36.29 -57.72 23.31
CA ASP D 465 -36.27 -56.88 22.10
C ASP D 465 -35.24 -57.37 21.03
N SER D 466 -33.96 -57.06 21.24
CA SER D 466 -32.89 -57.45 20.30
C SER D 466 -32.97 -58.87 19.75
N ARG D 467 -33.46 -59.80 20.56
CA ARG D 467 -33.65 -61.20 20.14
C ARG D 467 -34.48 -61.36 18.86
N ILE D 468 -35.46 -60.46 18.68
CA ILE D 468 -36.35 -60.47 17.51
C ILE D 468 -36.00 -59.57 16.30
N ARG D 469 -35.08 -58.64 16.52
CA ARG D 469 -34.53 -57.75 15.50
C ARG D 469 -34.56 -58.28 14.06
N ARG D 470 -34.28 -59.58 13.90
CA ARG D 470 -34.05 -60.22 12.58
C ARG D 470 -35.33 -60.48 11.80
N PHE D 471 -36.46 -60.46 12.51
CA PHE D 471 -37.78 -60.72 11.94
C PHE D 471 -38.47 -59.47 11.43
N GLN D 472 -38.00 -58.33 11.91
CA GLN D 472 -38.62 -57.04 11.64
C GLN D 472 -38.61 -56.68 10.17
N SER D 473 -39.63 -55.92 9.75
CA SER D 473 -39.63 -55.24 8.46
C SER D 473 -39.29 -53.75 8.62
N PHE D 474 -38.89 -53.14 7.51
CA PHE D 474 -38.42 -51.76 7.49
C PHE D 474 -39.47 -50.91 6.78
N ALA D 475 -39.82 -49.79 7.40
CA ALA D 475 -40.87 -48.93 6.87
C ALA D 475 -40.53 -48.52 5.43
N GLU D 476 -41.54 -48.59 4.55
CA GLU D 476 -41.39 -48.24 3.14
C GLU D 476 -42.25 -47.01 2.80
N ILE D 477 -42.25 -46.62 1.52
CA ILE D 477 -43.04 -45.48 1.03
C ILE D 477 -44.07 -45.91 -0.03
N SER D 478 -45.26 -45.33 0.00
CA SER D 478 -46.35 -45.79 -0.87
C SER D 478 -47.51 -44.84 -1.13
N THR D 479 -47.93 -44.84 -2.39
CA THR D 479 -49.12 -44.14 -2.84
C THR D 479 -50.33 -44.63 -2.05
N GLU D 480 -50.46 -45.96 -1.92
CA GLU D 480 -51.60 -46.57 -1.25
C GLU D 480 -51.52 -46.42 0.27
N PRO D 481 -52.51 -45.76 0.88
CA PRO D 481 -52.61 -45.69 2.34
C PRO D 481 -52.67 -47.07 2.97
N GLY D 482 -52.75 -47.10 4.28
CA GLY D 482 -52.74 -48.36 4.99
C GLY D 482 -51.75 -48.31 6.14
N PRO D 483 -51.54 -49.44 6.80
CA PRO D 483 -51.02 -49.43 8.16
C PRO D 483 -49.51 -49.19 8.23
N HIS D 484 -49.13 -48.27 9.10
CA HIS D 484 -47.77 -48.17 9.54
C HIS D 484 -47.73 -48.88 10.86
N PHE D 485 -47.16 -50.10 10.84
CA PHE D 485 -47.09 -50.96 12.00
C PHE D 485 -46.19 -50.34 13.08
N GLY D 486 -44.98 -49.92 12.66
CA GLY D 486 -43.99 -49.22 13.49
C GLY D 486 -44.46 -48.11 14.42
N LEU D 487 -45.21 -47.15 13.89
CA LEU D 487 -45.78 -46.07 14.71
C LEU D 487 -47.12 -46.42 15.36
N GLY D 488 -47.66 -47.61 15.05
CA GLY D 488 -48.84 -48.14 15.70
C GLY D 488 -50.06 -47.33 15.35
N LEU D 489 -50.16 -46.98 14.07
CA LEU D 489 -51.26 -46.18 13.56
C LEU D 489 -51.77 -46.79 12.26
N GLU D 490 -53.02 -46.49 11.95
CA GLU D 490 -53.64 -47.05 10.76
C GLU D 490 -53.28 -46.24 9.52
N ALA D 491 -52.86 -44.99 9.73
CA ALA D 491 -52.43 -44.12 8.63
C ALA D 491 -51.41 -43.07 9.08
N TYR D 492 -50.40 -42.86 8.24
CA TYR D 492 -49.47 -41.75 8.44
C TYR D 492 -48.99 -41.16 7.12
N ALA D 493 -49.31 -39.89 6.92
CA ALA D 493 -48.87 -39.12 5.78
C ALA D 493 -48.22 -37.87 6.34
N THR D 494 -47.15 -37.44 5.70
CA THR D 494 -46.41 -36.29 6.20
C THR D 494 -46.52 -35.10 5.25
N TRP D 495 -46.75 -33.92 5.84
CA TRP D 495 -46.88 -32.62 5.14
C TRP D 495 -46.15 -31.50 5.91
N THR D 496 -45.63 -31.84 7.08
CA THR D 496 -45.10 -30.89 8.04
C THR D 496 -43.67 -30.42 7.71
N SER D 497 -43.08 -30.99 6.67
CA SER D 497 -41.68 -30.65 6.29
C SER D 497 -41.42 -30.73 4.78
N PRO D 498 -42.17 -29.94 3.98
CA PRO D 498 -42.10 -29.91 2.50
C PRO D 498 -40.89 -29.13 2.01
N ILE D 499 -40.18 -28.51 2.95
CA ILE D 499 -38.92 -27.85 2.68
C ILE D 499 -37.78 -28.89 2.64
N ARG D 500 -37.92 -29.96 3.41
CA ARG D 500 -36.90 -30.99 3.38
C ARG D 500 -37.36 -32.35 2.87
N LYS D 501 -38.66 -32.58 2.75
CA LYS D 501 -39.20 -33.79 2.08
C LYS D 501 -40.06 -33.43 0.88
N TYR D 502 -39.84 -34.14 -0.22
CA TYR D 502 -40.68 -34.07 -1.42
C TYR D 502 -42.07 -34.71 -1.15
N GLY D 503 -42.07 -35.92 -0.59
CA GLY D 503 -43.31 -36.63 -0.21
C GLY D 503 -44.26 -35.72 0.53
N ASP D 504 -43.67 -34.73 1.22
CA ASP D 504 -44.39 -33.76 2.03
C ASP D 504 -45.05 -32.66 1.18
N ILE D 506 -45.85 -33.14 -2.12
CA ILE D 506 -46.98 -33.84 -2.77
C ILE D 506 -48.24 -33.76 -1.89
N ASN D 507 -48.06 -34.05 -0.60
CA ASN D 507 -49.15 -33.95 0.37
C ASN D 507 -49.70 -32.54 0.64
N HIS D 508 -48.93 -31.53 0.25
CA HIS D 508 -49.39 -30.15 0.23
C HIS D 508 -50.35 -29.97 -0.95
N ARG D 509 -49.93 -30.46 -2.12
CA ARG D 509 -50.70 -30.39 -3.35
C ARG D 509 -52.08 -31.06 -3.30
N LEU D 510 -52.12 -32.27 -2.74
CA LEU D 510 -53.32 -33.07 -2.77
C LEU D 510 -54.29 -32.58 -1.71
N LEU D 511 -53.73 -32.09 -0.60
CA LEU D 511 -54.49 -31.56 0.54
C LEU D 511 -55.19 -30.24 0.17
N LYS D 512 -54.51 -29.45 -0.65
CA LYS D 512 -55.09 -28.26 -1.27
C LYS D 512 -56.28 -28.63 -2.16
N ALA D 513 -56.13 -29.70 -2.94
CA ALA D 513 -57.18 -30.22 -3.80
C ALA D 513 -58.44 -30.61 -3.02
N VAL D 514 -58.27 -30.95 -1.74
CA VAL D 514 -59.41 -31.20 -0.84
C VAL D 514 -60.06 -29.88 -0.41
N ILE D 515 -59.23 -28.98 0.11
CA ILE D 515 -59.65 -27.64 0.52
C ILE D 515 -60.47 -26.99 -0.61
N LYS D 516 -60.01 -27.20 -1.84
CA LYS D 516 -60.63 -26.74 -3.06
C LYS D 516 -61.66 -27.77 -3.55
N GLY D 517 -61.26 -28.61 -4.53
CA GLY D 517 -62.17 -29.59 -5.14
C GLY D 517 -61.59 -30.24 -6.38
N ARG D 522 -53.05 -38.55 -8.93
CA ARG D 522 -52.41 -39.77 -8.46
C ARG D 522 -50.92 -39.78 -8.84
N PRO D 523 -50.02 -40.02 -7.85
CA PRO D 523 -48.58 -40.04 -8.11
C PRO D 523 -48.16 -41.39 -8.69
N GLN D 524 -47.34 -41.34 -9.74
CA GLN D 524 -46.92 -42.56 -10.44
C GLN D 524 -46.15 -43.42 -9.45
N ASP D 525 -46.61 -44.65 -9.23
CA ASP D 525 -45.96 -45.58 -8.28
C ASP D 525 -44.46 -45.78 -8.58
N GLU D 526 -43.98 -45.04 -9.58
CA GLU D 526 -42.59 -45.02 -10.00
C GLU D 526 -41.78 -44.08 -9.11
N ILE D 527 -42.41 -42.97 -8.74
CA ILE D 527 -41.80 -41.87 -7.97
C ILE D 527 -41.39 -42.33 -6.56
N THR D 528 -42.11 -43.34 -6.06
CA THR D 528 -41.87 -43.89 -4.72
C THR D 528 -40.56 -44.72 -4.64
N VAL D 529 -40.11 -45.23 -5.79
CA VAL D 529 -38.88 -46.00 -5.95
C VAL D 529 -37.65 -45.10 -5.88
N GLN D 530 -37.82 -43.84 -6.25
CA GLN D 530 -36.73 -42.87 -6.15
C GLN D 530 -36.54 -42.45 -4.71
N ALA D 532 -37.19 -43.94 -1.88
CA ALA D 532 -36.65 -44.94 -0.97
C ALA D 532 -35.14 -45.07 -1.20
N GLU D 533 -34.74 -45.00 -2.48
CA GLU D 533 -33.33 -45.08 -2.85
C GLU D 533 -32.50 -43.90 -2.32
N ARG D 534 -32.97 -42.67 -2.58
CA ARG D 534 -32.29 -41.50 -2.04
C ARG D 534 -32.31 -41.42 -0.53
N ARG D 535 -33.39 -41.89 0.09
CA ARG D 535 -33.48 -41.93 1.52
C ARG D 535 -32.41 -42.89 2.09
N ARG D 536 -32.19 -43.99 1.38
CA ARG D 536 -31.30 -45.03 1.80
C ARG D 536 -29.86 -44.56 1.59
N LEU D 537 -29.56 -44.08 0.38
CA LEU D 537 -28.32 -43.40 0.07
C LEU D 537 -27.98 -42.34 1.12
N ASN D 538 -28.96 -41.52 1.49
CA ASN D 538 -28.75 -40.46 2.48
C ASN D 538 -28.33 -40.88 3.86
N ARG D 539 -28.98 -41.93 4.37
CA ARG D 539 -28.69 -42.45 5.70
C ARG D 539 -27.30 -43.07 5.74
N ALA D 541 -24.87 -42.17 3.74
CA ALA D 541 -23.96 -41.06 3.61
C ALA D 541 -23.73 -40.44 4.98
N GLU D 542 -24.82 -40.19 5.71
CA GLU D 542 -24.76 -39.64 7.06
C GLU D 542 -23.94 -40.54 7.98
N ARG D 543 -24.26 -41.83 7.89
CA ARG D 543 -23.48 -42.85 8.62
C ARG D 543 -21.96 -42.82 8.30
N ASP D 544 -21.61 -42.75 7.02
CA ASP D 544 -20.22 -42.87 6.60
C ASP D 544 -19.38 -41.68 6.99
N VAL D 545 -19.96 -40.49 6.90
CA VAL D 545 -19.27 -39.31 7.36
C VAL D 545 -19.09 -39.41 8.87
N GLY D 546 -20.10 -39.91 9.58
CA GLY D 546 -20.01 -40.04 11.05
C GLY D 546 -18.85 -40.94 11.47
N ASP D 547 -18.69 -42.08 10.81
CA ASP D 547 -17.63 -43.05 11.09
C ASP D 547 -16.26 -42.40 10.96
N TRP D 548 -16.09 -41.59 9.94
CA TRP D 548 -14.85 -40.87 9.76
C TRP D 548 -14.59 -39.95 10.89
N LEU D 549 -15.68 -39.34 11.38
CA LEU D 549 -15.57 -38.27 12.37
C LEU D 549 -15.33 -38.86 13.77
N TYR D 550 -15.95 -39.99 14.01
CA TYR D 550 -15.78 -40.79 15.23
C TYR D 550 -14.31 -41.24 15.37
N ALA D 551 -13.76 -41.71 14.26
CA ALA D 551 -12.40 -42.19 14.24
C ALA D 551 -11.46 -41.04 14.48
N ARG D 552 -11.66 -39.92 13.82
CA ARG D 552 -10.86 -38.72 14.08
C ARG D 552 -10.89 -38.20 15.50
N PHE D 553 -12.03 -38.26 16.16
CA PHE D 553 -12.21 -37.73 17.48
C PHE D 553 -11.60 -38.65 18.55
N LEU D 554 -11.68 -39.97 18.34
CA LEU D 554 -11.25 -40.95 19.34
C LEU D 554 -9.79 -41.40 19.21
N LYS D 555 -9.20 -41.12 18.08
CA LYS D 555 -7.86 -41.52 17.80
C LYS D 555 -6.83 -41.25 18.94
N ASP D 556 -6.78 -40.07 19.49
CA ASP D 556 -5.83 -39.78 20.56
C ASP D 556 -6.21 -40.41 21.90
N LYS D 557 -7.35 -41.09 21.97
CA LYS D 557 -7.72 -41.88 23.17
C LYS D 557 -7.20 -43.32 23.01
N ALA D 558 -6.72 -43.70 21.82
CA ALA D 558 -6.30 -45.09 21.61
C ALA D 558 -5.05 -45.35 22.41
N GLY D 559 -5.07 -46.42 23.19
CA GLY D 559 -3.91 -46.83 23.97
C GLY D 559 -3.94 -46.25 25.38
N THR D 560 -4.81 -45.27 25.63
CA THR D 560 -4.87 -44.58 26.93
C THR D 560 -5.76 -45.32 27.90
N ASP D 561 -5.72 -44.94 29.18
CA ASP D 561 -6.61 -45.49 30.17
C ASP D 561 -7.98 -44.84 30.14
N THR D 562 -8.28 -44.03 29.12
CA THR D 562 -9.59 -43.36 29.12
C THR D 562 -10.75 -44.38 29.05
N ARG D 563 -11.73 -44.19 29.90
CA ARG D 563 -12.78 -45.16 30.07
C ARG D 563 -14.06 -44.71 29.36
N PHE D 564 -14.82 -45.62 28.77
CA PHE D 564 -16.10 -45.24 28.19
C PHE D 564 -17.11 -46.26 28.52
N ALA D 565 -18.24 -45.81 29.04
CA ALA D 565 -19.42 -46.64 29.23
C ALA D 565 -19.96 -47.00 27.83
N ALA D 566 -20.38 -48.25 27.67
CA ALA D 566 -20.62 -48.82 26.36
C ALA D 566 -21.68 -49.90 26.41
N GLU D 567 -22.60 -49.92 25.46
CA GLU D 567 -23.63 -50.92 25.48
C GLU D 567 -23.26 -51.98 24.49
N ILE D 568 -23.58 -53.23 24.83
CA ILE D 568 -23.32 -54.31 23.88
C ILE D 568 -24.45 -54.34 22.86
N VAL D 569 -24.04 -54.15 21.61
CA VAL D 569 -24.92 -54.04 20.48
C VAL D 569 -25.16 -55.37 19.79
N ASP D 570 -24.08 -56.04 19.43
CA ASP D 570 -24.19 -57.38 18.89
C ASP D 570 -22.97 -58.20 19.19
N ILE D 571 -23.16 -59.52 18.99
CA ILE D 571 -22.18 -60.57 19.25
C ILE D 571 -22.01 -61.45 18.00
N SER D 572 -20.81 -61.50 17.48
CA SER D 572 -20.55 -62.34 16.33
C SER D 572 -19.63 -63.47 16.81
N ARG D 573 -19.15 -64.30 15.88
CA ARG D 573 -18.31 -65.40 16.27
C ARG D 573 -16.97 -64.87 16.83
N GLY D 574 -16.39 -63.89 16.13
CA GLY D 574 -15.10 -63.36 16.50
C GLY D 574 -15.06 -62.13 17.41
N GLY D 575 -16.08 -61.94 18.23
CA GLY D 575 -16.08 -60.87 19.23
C GLY D 575 -17.41 -60.18 19.48
N ARG D 577 -19.72 -56.19 19.32
CA ARG D 577 -19.81 -54.75 19.00
C ARG D 577 -20.53 -54.01 20.10
N VAL D 578 -19.97 -52.87 20.44
CA VAL D 578 -20.45 -51.97 21.47
C VAL D 578 -20.57 -50.56 20.92
N ARG D 579 -21.44 -49.80 21.54
CA ARG D 579 -21.65 -48.38 21.22
C ARG D 579 -21.26 -47.55 22.44
N LEU D 580 -20.41 -46.54 22.27
CA LEU D 580 -20.04 -45.67 23.39
C LEU D 580 -21.20 -44.72 23.74
N VAL D 581 -21.71 -44.87 24.95
CA VAL D 581 -22.88 -44.16 25.42
C VAL D 581 -22.67 -42.63 25.38
N ASP D 582 -21.48 -42.17 25.76
CA ASP D 582 -21.07 -40.76 25.72
C ASP D 582 -21.05 -40.05 24.33
N ASN D 583 -20.79 -40.80 23.25
CA ASN D 583 -20.66 -40.18 21.93
C ASN D 583 -21.41 -40.88 20.80
N GLY D 584 -21.89 -42.10 21.07
CA GLY D 584 -22.50 -42.94 20.05
C GLY D 584 -21.55 -43.75 19.16
N ALA D 585 -20.24 -43.61 19.29
CA ALA D 585 -19.39 -44.34 18.39
C ALA D 585 -19.51 -45.86 18.52
N ILE D 586 -19.35 -46.53 17.38
CA ILE D 586 -19.37 -47.99 17.34
C ILE D 586 -17.92 -48.54 17.34
N ALA D 587 -17.66 -49.48 18.25
CA ALA D 587 -16.38 -50.11 18.42
C ALA D 587 -16.54 -51.65 18.37
N PHE D 588 -15.48 -52.35 17.97
CA PHE D 588 -15.39 -53.81 18.00
C PHE D 588 -14.39 -54.30 19.11
N ILE D 589 -14.78 -55.34 19.83
CA ILE D 589 -13.98 -55.99 20.85
C ILE D 589 -13.70 -57.41 20.38
N PRO D 590 -12.51 -57.68 19.82
CA PRO D 590 -12.20 -59.06 19.36
C PRO D 590 -12.26 -60.12 20.44
N ALA D 591 -12.68 -61.33 20.08
CA ALA D 591 -12.87 -62.39 21.11
C ALA D 591 -11.61 -62.74 21.96
N PRO D 592 -10.39 -62.73 21.39
CA PRO D 592 -9.19 -63.00 22.24
C PRO D 592 -9.01 -61.98 23.39
N PHE D 593 -9.63 -60.82 23.26
CA PHE D 593 -9.71 -59.87 24.37
C PHE D 593 -10.82 -60.14 25.36
N LEU D 594 -11.73 -61.07 25.12
CA LEU D 594 -12.74 -61.33 26.14
C LEU D 594 -12.33 -62.36 27.20
N HIS D 595 -11.48 -63.30 26.80
CA HIS D 595 -11.03 -64.32 27.72
C HIS D 595 -9.75 -64.85 27.08
N ALA D 596 -8.84 -65.32 27.94
CA ALA D 596 -7.49 -65.81 27.60
C ALA D 596 -7.53 -67.17 27.01
N VAL D 597 -8.43 -68.03 27.43
CA VAL D 597 -8.46 -69.42 26.96
C VAL D 597 -9.60 -69.63 25.95
N ARG D 598 -9.21 -69.81 24.69
CA ARG D 598 -10.11 -69.78 23.54
C ARG D 598 -11.27 -70.79 23.68
N ASP D 599 -10.94 -72.06 23.90
CA ASP D 599 -11.90 -73.14 24.06
C ASP D 599 -12.84 -72.91 25.23
N GLU D 600 -12.62 -71.87 26.03
CA GLU D 600 -13.51 -71.56 27.13
C GLU D 600 -14.50 -70.45 26.78
N LEU D 601 -14.36 -69.88 25.60
CA LEU D 601 -15.09 -68.71 25.21
C LEU D 601 -15.97 -69.06 24.00
N VAL D 602 -17.29 -68.90 24.17
CA VAL D 602 -18.19 -69.03 23.04
C VAL D 602 -19.01 -67.75 22.88
N CYS D 603 -18.86 -67.15 21.71
CA CYS D 603 -19.55 -65.94 21.38
C CYS D 603 -20.60 -66.41 20.44
N SER D 604 -21.84 -66.37 20.91
CA SER D 604 -22.97 -66.86 20.14
C SER D 604 -23.74 -65.71 19.56
N GLN D 605 -23.68 -65.61 18.23
CA GLN D 605 -24.50 -64.70 17.45
C GLN D 605 -25.99 -64.96 17.68
N GLU D 606 -26.40 -66.20 17.45
CA GLU D 606 -27.74 -66.70 17.72
C GLU D 606 -28.31 -66.25 19.06
N ASN D 607 -27.71 -66.65 20.16
CA ASN D 607 -28.25 -66.31 21.47
C ASN D 607 -27.93 -64.90 21.98
N GLY D 608 -27.10 -64.14 21.26
CA GLY D 608 -26.68 -62.79 21.70
C GLY D 608 -26.00 -62.82 23.06
N THR D 609 -25.18 -63.88 23.25
CA THR D 609 -24.50 -64.12 24.54
C THR D 609 -23.04 -64.47 24.37
N VAL D 610 -22.29 -64.26 25.45
CA VAL D 610 -20.88 -64.70 25.51
C VAL D 610 -20.85 -65.56 26.74
N GLN D 611 -20.41 -66.80 26.57
CA GLN D 611 -20.18 -67.65 27.72
C GLN D 611 -18.69 -67.93 27.94
N ILE D 612 -18.29 -67.87 29.21
CA ILE D 612 -16.97 -68.33 29.61
C ILE D 612 -17.25 -69.47 30.56
N LYS D 613 -16.86 -70.66 30.08
CA LYS D 613 -17.03 -71.96 30.72
C LYS D 613 -18.49 -72.28 30.92
N GLY D 614 -19.30 -72.00 29.90
CA GLY D 614 -20.74 -72.28 29.94
C GLY D 614 -21.54 -71.36 30.84
N GLU D 615 -20.91 -70.32 31.34
CA GLU D 615 -21.62 -69.25 32.03
C GLU D 615 -21.61 -67.93 31.25
N THR D 616 -22.79 -67.35 31.12
CA THR D 616 -23.00 -66.08 30.44
C THR D 616 -22.36 -64.98 31.29
N VAL D 617 -21.49 -64.21 30.67
CA VAL D 617 -20.79 -63.11 31.35
C VAL D 617 -21.12 -61.78 30.68
N TYR D 618 -21.62 -61.85 29.44
CA TYR D 618 -22.04 -60.70 28.65
C TYR D 618 -23.22 -61.10 27.76
N LYS D 619 -24.09 -60.09 27.54
CA LYS D 619 -25.27 -60.19 26.65
C LYS D 619 -25.68 -58.83 26.03
N VAL D 620 -26.32 -58.87 24.86
CA VAL D 620 -26.66 -57.63 24.16
C VAL D 620 -27.50 -56.83 25.11
N THR D 621 -27.19 -55.53 25.18
CA THR D 621 -27.82 -54.60 26.13
C THR D 621 -26.95 -54.35 27.36
N ASP D 622 -26.14 -55.33 27.80
CA ASP D 622 -25.28 -55.05 28.97
C ASP D 622 -24.49 -53.74 28.71
N VAL D 623 -24.27 -52.99 29.79
CA VAL D 623 -23.44 -51.78 29.78
C VAL D 623 -22.13 -52.06 30.55
N ILE D 624 -20.99 -51.82 29.90
CA ILE D 624 -19.70 -52.03 30.52
C ILE D 624 -18.75 -50.89 30.19
N ASP D 625 -17.75 -50.67 31.02
CA ASP D 625 -16.67 -49.76 30.64
C ASP D 625 -15.70 -50.47 29.74
N VAL D 626 -15.19 -49.72 28.75
CA VAL D 626 -14.14 -50.20 27.88
C VAL D 626 -13.10 -49.13 27.69
N THR D 627 -11.92 -49.52 27.24
CA THR D 627 -10.92 -48.58 26.82
C THR D 627 -10.64 -48.73 25.31
N ILE D 628 -10.16 -47.66 24.67
CA ILE D 628 -9.80 -47.70 23.24
C ILE D 628 -8.38 -48.22 23.03
N ALA D 629 -8.31 -49.42 22.43
CA ALA D 629 -7.08 -50.13 22.03
C ALA D 629 -6.51 -49.55 20.69
N GLU D 630 -7.40 -49.30 19.74
CA GLU D 630 -6.96 -48.69 18.48
C GLU D 630 -8.02 -48.14 17.60
N VAL D 631 -7.57 -47.15 16.85
CA VAL D 631 -8.35 -46.49 15.86
C VAL D 631 -7.51 -46.51 14.57
N ARG D 632 -8.00 -47.22 13.57
CA ARG D 632 -7.27 -47.30 12.31
C ARG D 632 -7.89 -46.31 11.40
N GLU D 634 -7.01 -45.73 8.41
CA GLU D 634 -6.98 -46.31 7.08
C GLU D 634 -8.28 -47.08 6.80
N THR D 635 -9.11 -47.22 7.82
CA THR D 635 -10.34 -48.03 7.69
C THR D 635 -11.49 -47.45 8.50
N ARG D 636 -11.17 -46.44 9.31
CA ARG D 636 -12.05 -45.80 10.33
C ARG D 636 -12.65 -46.81 11.30
N SER D 637 -11.89 -47.82 11.64
CA SER D 637 -12.34 -48.89 12.49
C SER D 637 -11.88 -48.67 13.95
N ILE D 638 -12.73 -48.89 14.95
CA ILE D 638 -12.36 -48.69 16.35
C ILE D 638 -12.38 -50.04 17.08
N ILE D 639 -11.26 -50.33 17.73
CA ILE D 639 -11.04 -51.56 18.51
C ILE D 639 -11.07 -51.16 19.98
N ALA D 640 -11.87 -51.86 20.77
CA ALA D 640 -11.93 -51.56 22.21
C ALA D 640 -11.68 -52.80 23.02
N ARG D 641 -11.43 -52.63 24.33
CA ARG D 641 -11.22 -53.72 25.26
C ARG D 641 -11.94 -53.43 26.56
N PRO D 642 -12.45 -54.49 27.25
CA PRO D 642 -13.10 -54.18 28.52
C PRO D 642 -12.08 -53.72 29.52
N VAL D 643 -12.49 -52.78 30.36
CA VAL D 643 -11.80 -52.40 31.59
C VAL D 643 -11.50 -53.68 32.39
N ALA D 644 -10.28 -53.78 32.93
CA ALA D 644 -9.93 -54.96 33.73
C ALA D 644 -10.29 -54.78 35.22
#